data_2MPR
#
_entry.id   2MPR
#
_cell.length_a   124.500
_cell.length_b   211.800
_cell.length_c   184.300
_cell.angle_alpha   90.00
_cell.angle_beta   90.00
_cell.angle_gamma   90.00
#
_symmetry.space_group_name_H-M   'C 2 2 21'
#
loop_
_entity.id
_entity.type
_entity.pdbx_description
1 polymer MALTOPORIN
2 branched alpha-D-glucopyranose-(1-4)-alpha-D-glucopyranose-(1-4)-beta-D-glucopyranose
3 non-polymer 'CALCIUM ION'
4 water water
#
_entity_poly.entity_id   1
_entity_poly.type   'polypeptide(L)'
_entity_poly.pdbx_seq_one_letter_code
;VDFHGYARSGIGWTGSGGEQQCFQATGAQSKYRLGNECETYAELKLGQEVWKEGDKSFYFDTNVAYSVNQQNDWESTDPA
FREANVQGKNLIEWLPGSTIWAGKRFYQRHDVHMIDFYYWDISGPGAGIENIDLGFGKLSLAATRSTEAGGSYTFSSQNI
YDEVKDTANDVFDVRLAGLQTNPDGVLELGVDYGRANTTDGYKLADGASKDGWMFTAEHTQSMLKGYNKFVVQYATDAMT
TQGKGQARGSDGSSSFTEELSDGTKINYANKVINNNGNMWRILDHGAISLGDKWDLMYVGMYQNIDWDNNLGTEWWTVGV
RPMYKWTPIMSTLLEVGYDNVKSQQTGDRNNQYKITLAQQWQAGDSIWSRPAIRIFATYAKWDEKWGYIKDGDNISRYAA
ATNSGISTNSRGDSDEWTFGAQMEIWW
;
_entity_poly.pdbx_strand_id   A,B,C
#
loop_
_chem_comp.id
_chem_comp.type
_chem_comp.name
_chem_comp.formula
BGC D-saccharide, beta linking beta-D-glucopyranose 'C6 H12 O6'
CA non-polymer 'CALCIUM ION' 'Ca 2'
GLC D-saccharide, alpha linking alpha-D-glucopyranose 'C6 H12 O6'
#
# COMPACT_ATOMS: atom_id res chain seq x y z
N VAL A 1 -0.83 13.95 -16.37
CA VAL A 1 0.04 13.04 -15.56
C VAL A 1 0.70 11.98 -16.45
N ASP A 2 2.00 11.77 -16.22
CA ASP A 2 2.75 10.76 -16.98
C ASP A 2 2.67 9.46 -16.20
N PHE A 3 2.32 8.39 -16.88
CA PHE A 3 2.20 7.09 -16.25
C PHE A 3 3.28 6.22 -16.85
N HIS A 4 4.16 5.70 -16.00
CA HIS A 4 5.26 4.85 -16.44
C HIS A 4 5.49 3.76 -15.42
N GLY A 5 6.37 2.81 -15.75
CA GLY A 5 6.68 1.74 -14.81
C GLY A 5 7.24 0.47 -15.42
N TYR A 6 7.07 -0.62 -14.67
CA TYR A 6 7.53 -1.91 -15.09
C TYR A 6 6.62 -2.91 -14.38
N ALA A 7 6.37 -4.06 -15.00
CA ALA A 7 5.57 -5.11 -14.38
C ALA A 7 5.83 -6.45 -15.06
N ARG A 8 5.77 -7.52 -14.28
CA ARG A 8 5.90 -8.87 -14.82
C ARG A 8 4.93 -9.67 -13.99
N SER A 9 4.24 -10.61 -14.63
CA SER A 9 3.29 -11.46 -13.94
C SER A 9 3.06 -12.67 -14.85
N GLY A 10 2.82 -13.83 -14.24
CA GLY A 10 2.60 -15.04 -15.02
C GLY A 10 2.11 -16.21 -14.18
N ILE A 11 2.09 -17.40 -14.76
CA ILE A 11 1.68 -18.61 -14.09
C ILE A 11 2.61 -19.71 -14.60
N GLY A 12 3.03 -20.60 -13.71
CA GLY A 12 3.95 -21.65 -14.12
C GLY A 12 3.80 -22.95 -13.36
N TRP A 13 4.39 -24.00 -13.93
CA TRP A 13 4.35 -25.34 -13.35
C TRP A 13 5.72 -25.96 -13.36
N THR A 14 5.99 -26.80 -12.37
CA THR A 14 7.26 -27.50 -12.26
C THR A 14 7.00 -28.89 -12.81
N GLY A 15 7.87 -29.37 -13.69
CA GLY A 15 7.68 -30.68 -14.28
C GLY A 15 7.35 -31.78 -13.29
N SER A 16 8.06 -31.81 -12.16
CA SER A 16 7.80 -32.86 -11.17
C SER A 16 6.59 -32.61 -10.26
N GLY A 17 5.96 -31.45 -10.38
CA GLY A 17 4.78 -31.19 -9.55
C GLY A 17 4.69 -29.80 -8.96
N GLY A 18 3.48 -29.35 -8.76
CA GLY A 18 3.22 -28.05 -8.17
C GLY A 18 3.60 -26.84 -8.97
N GLU A 19 3.49 -25.68 -8.31
CA GLU A 19 3.82 -24.38 -8.89
C GLU A 19 5.23 -24.38 -9.47
N GLN A 20 5.50 -23.33 -10.25
CA GLN A 20 6.79 -23.12 -10.88
C GLN A 20 7.82 -22.85 -9.79
N GLN A 21 9.05 -23.28 -10.02
CA GLN A 21 10.15 -23.05 -9.11
C GLN A 21 11.21 -22.35 -9.95
N CYS A 22 11.98 -21.46 -9.33
CA CYS A 22 13.01 -20.72 -10.03
C CYS A 22 14.40 -21.18 -9.58
N PHE A 23 15.34 -21.19 -10.51
CA PHE A 23 16.68 -21.68 -10.28
C PHE A 23 17.82 -20.67 -10.27
N GLN A 24 18.48 -20.57 -9.12
CA GLN A 24 19.63 -19.69 -8.92
C GLN A 24 20.74 -20.45 -8.21
N ALA A 25 21.95 -20.38 -8.75
CA ALA A 25 23.09 -21.07 -8.15
C ALA A 25 23.43 -20.50 -6.78
N THR A 26 23.53 -21.36 -5.77
CA THR A 26 23.89 -20.92 -4.41
C THR A 26 25.25 -20.23 -4.49
N GLY A 27 25.29 -18.98 -4.03
CA GLY A 27 26.51 -18.20 -4.06
C GLY A 27 26.50 -17.13 -5.14
N ALA A 28 25.66 -17.31 -6.16
CA ALA A 28 25.55 -16.36 -7.26
C ALA A 28 24.64 -15.22 -6.86
N GLN A 29 24.94 -14.01 -7.32
CA GLN A 29 24.10 -12.87 -6.98
C GLN A 29 22.96 -12.60 -7.96
N SER A 30 22.76 -13.49 -8.93
CA SER A 30 21.69 -13.32 -9.90
C SER A 30 21.36 -14.65 -10.56
N LYS A 31 20.40 -14.60 -11.48
CA LYS A 31 19.98 -15.78 -12.23
C LYS A 31 19.51 -15.34 -13.59
N TYR A 32 19.60 -16.26 -14.55
CA TYR A 32 19.16 -16.02 -15.92
C TYR A 32 17.64 -16.03 -15.85
N ARG A 33 17.05 -14.87 -16.07
CA ARG A 33 15.61 -14.69 -15.93
C ARG A 33 14.54 -15.25 -16.85
N LEU A 34 14.79 -15.37 -18.15
CA LEU A 34 13.78 -15.89 -19.09
C LEU A 34 13.18 -17.18 -18.55
N GLY A 35 11.87 -17.17 -18.35
CA GLY A 35 11.19 -18.35 -17.86
C GLY A 35 11.80 -18.84 -16.55
N ASN A 36 12.20 -17.90 -15.71
CA ASN A 36 12.82 -18.25 -14.45
C ASN A 36 12.56 -17.14 -13.45
N GLU A 37 11.35 -16.56 -13.54
CA GLU A 37 10.92 -15.52 -12.61
C GLU A 37 9.66 -16.07 -11.96
N CYS A 38 9.62 -16.02 -10.63
CA CYS A 38 8.53 -16.59 -9.84
C CYS A 38 7.65 -15.65 -9.01
N GLU A 39 7.55 -14.39 -9.41
CA GLU A 39 6.70 -13.46 -8.68
C GLU A 39 6.11 -12.43 -9.62
N THR A 40 5.10 -11.73 -9.14
CA THR A 40 4.50 -10.64 -9.88
C THR A 40 5.18 -9.42 -9.25
N TYR A 41 5.90 -8.65 -10.05
CA TYR A 41 6.54 -7.44 -9.55
C TYR A 41 6.06 -6.29 -10.41
N ALA A 42 5.75 -5.14 -9.80
CA ALA A 42 5.27 -4.00 -10.55
C ALA A 42 5.64 -2.69 -9.90
N GLU A 43 6.03 -1.72 -10.73
CA GLU A 43 6.37 -0.39 -10.27
C GLU A 43 5.43 0.56 -11.01
N LEU A 44 4.60 1.29 -10.27
CA LEU A 44 3.69 2.25 -10.87
C LEU A 44 4.22 3.66 -10.62
N LYS A 45 4.63 4.33 -11.68
CA LYS A 45 5.15 5.69 -11.57
C LYS A 45 4.16 6.72 -12.12
N LEU A 46 3.94 7.78 -11.36
CA LEU A 46 3.05 8.85 -11.76
C LEU A 46 3.89 10.11 -11.57
N GLY A 47 4.20 10.78 -12.66
CA GLY A 47 5.01 11.98 -12.58
C GLY A 47 4.40 13.09 -13.40
N GLN A 48 5.02 14.25 -13.39
CA GLN A 48 4.48 15.38 -14.14
C GLN A 48 5.45 16.54 -14.24
N GLU A 49 5.45 17.22 -15.39
CA GLU A 49 6.30 18.41 -15.52
C GLU A 49 5.39 19.46 -14.92
N VAL A 50 5.67 19.87 -13.69
CA VAL A 50 4.78 20.82 -13.01
C VAL A 50 4.95 22.29 -13.30
N TRP A 51 6.05 22.67 -13.94
CA TRP A 51 6.27 24.08 -14.24
C TRP A 51 7.29 24.16 -15.34
N LYS A 52 7.08 25.11 -16.23
CA LYS A 52 7.99 25.33 -17.33
C LYS A 52 7.92 26.77 -17.75
N GLU A 53 9.06 27.39 -17.93
CA GLU A 53 9.13 28.77 -18.34
C GLU A 53 10.44 28.92 -19.10
N GLY A 54 10.35 28.83 -20.42
CA GLY A 54 11.52 28.95 -21.26
C GLY A 54 12.23 27.63 -21.31
N ASP A 55 13.50 27.62 -20.94
CA ASP A 55 14.30 26.41 -20.92
C ASP A 55 14.27 25.77 -19.54
N LYS A 56 13.76 26.51 -18.57
CA LYS A 56 13.68 26.05 -17.19
C LYS A 56 12.42 25.25 -16.93
N SER A 57 12.52 24.22 -16.10
CA SER A 57 11.39 23.40 -15.76
C SER A 57 11.60 22.64 -14.47
N PHE A 58 10.52 22.14 -13.92
CA PHE A 58 10.53 21.36 -12.70
C PHE A 58 9.74 20.10 -13.00
N TYR A 59 10.36 18.94 -12.81
CA TYR A 59 9.66 17.70 -13.04
C TYR A 59 9.52 16.98 -11.71
N PHE A 60 8.34 16.47 -11.42
CA PHE A 60 8.05 15.75 -10.19
C PHE A 60 7.82 14.29 -10.53
N ASP A 61 8.49 13.36 -9.85
CA ASP A 61 8.32 11.94 -10.17
C ASP A 61 8.14 11.08 -8.92
N THR A 62 7.35 10.02 -9.01
CA THR A 62 7.11 9.13 -7.90
C THR A 62 7.23 7.68 -8.37
N ASN A 63 7.23 6.74 -7.41
CA ASN A 63 7.32 5.32 -7.74
C ASN A 63 6.87 4.49 -6.53
N VAL A 64 5.88 3.63 -6.72
CA VAL A 64 5.35 2.77 -5.70
C VAL A 64 5.49 1.34 -6.24
N ALA A 65 6.25 0.51 -5.54
CA ALA A 65 6.50 -0.86 -5.97
C ALA A 65 5.73 -1.92 -5.21
N TYR A 66 5.33 -2.97 -5.92
CA TYR A 66 4.57 -4.07 -5.33
C TYR A 66 5.21 -5.37 -5.75
N SER A 67 5.31 -6.29 -4.81
CA SER A 67 5.85 -7.61 -5.08
C SER A 67 4.92 -8.60 -4.37
N VAL A 68 4.28 -9.48 -5.16
CA VAL A 68 3.39 -10.49 -4.61
C VAL A 68 3.76 -11.82 -5.22
N ASN A 69 3.40 -12.91 -4.55
CA ASN A 69 3.77 -14.24 -5.01
C ASN A 69 2.93 -14.90 -6.05
N GLN A 70 1.95 -14.18 -6.58
CA GLN A 70 1.07 -14.71 -7.62
C GLN A 70 0.61 -16.12 -7.30
N GLN A 71 0.00 -16.28 -6.14
CA GLN A 71 -0.54 -17.57 -5.69
C GLN A 71 -2.05 -17.49 -5.61
N ASN A 72 -2.58 -16.29 -5.57
CA ASN A 72 -4.01 -16.10 -5.45
C ASN A 72 -4.39 -14.75 -6.03
N ASP A 73 -5.70 -14.50 -6.06
CA ASP A 73 -6.25 -13.24 -6.53
C ASP A 73 -5.92 -12.20 -5.47
N TRP A 74 -6.55 -12.30 -4.31
CA TRP A 74 -6.33 -11.35 -3.23
C TRP A 74 -5.00 -11.56 -2.53
N GLU A 75 -4.02 -10.72 -2.83
CA GLU A 75 -2.72 -10.82 -2.20
C GLU A 75 -2.33 -9.47 -1.61
N SER A 76 -2.41 -9.38 -0.29
CA SER A 76 -2.05 -8.18 0.44
C SER A 76 -0.53 -8.03 0.47
N THR A 77 -0.06 -6.79 0.55
CA THR A 77 1.36 -6.55 0.58
C THR A 77 1.63 -5.16 1.13
N ASP A 78 2.89 -4.91 1.44
CA ASP A 78 3.32 -3.62 1.94
C ASP A 78 4.09 -3.03 0.78
N PRO A 79 3.48 -2.09 0.06
CA PRO A 79 4.20 -1.50 -1.06
C PRO A 79 5.42 -0.72 -0.59
N ALA A 80 6.45 -0.68 -1.43
CA ALA A 80 7.65 0.07 -1.12
C ALA A 80 7.53 1.42 -1.85
N PHE A 81 7.60 2.50 -1.10
CA PHE A 81 7.52 3.82 -1.69
C PHE A 81 8.99 4.11 -2.04
N ARG A 82 9.38 3.86 -3.29
CA ARG A 82 10.76 4.03 -3.69
C ARG A 82 11.24 5.37 -4.24
N GLU A 83 10.36 6.14 -4.87
CA GLU A 83 10.76 7.42 -5.43
C GLU A 83 9.78 8.53 -5.13
N ALA A 84 10.32 9.73 -4.95
CA ALA A 84 9.57 10.94 -4.69
C ALA A 84 10.64 12.01 -4.70
N ASN A 85 10.86 12.62 -5.87
CA ASN A 85 11.86 13.66 -6.04
C ASN A 85 11.43 14.73 -7.05
N VAL A 86 12.12 15.86 -7.02
CA VAL A 86 11.87 16.95 -7.92
C VAL A 86 13.19 17.24 -8.60
N GLN A 87 13.14 17.49 -9.90
CA GLN A 87 14.32 17.80 -10.70
C GLN A 87 14.09 19.15 -11.36
N GLY A 88 14.99 20.10 -11.12
CA GLY A 88 14.86 21.41 -11.72
C GLY A 88 15.91 21.51 -12.81
N LYS A 89 15.49 21.72 -14.06
CA LYS A 89 16.46 21.82 -15.16
C LYS A 89 16.76 23.25 -15.49
N ASN A 90 18.03 23.54 -15.75
CA ASN A 90 18.48 24.87 -16.14
C ASN A 90 18.19 26.00 -15.17
N LEU A 91 18.30 25.75 -13.87
CA LEU A 91 18.01 26.78 -12.91
C LEU A 91 19.27 27.53 -12.51
N ILE A 92 20.42 26.89 -12.67
CA ILE A 92 21.70 27.49 -12.32
C ILE A 92 22.30 28.06 -13.59
N GLU A 93 22.14 29.37 -13.76
CA GLU A 93 22.64 30.08 -14.93
C GLU A 93 24.09 29.77 -15.33
N TRP A 94 24.98 29.77 -14.34
CA TRP A 94 26.39 29.51 -14.59
C TRP A 94 26.75 28.04 -14.80
N LEU A 95 25.77 27.16 -14.69
CA LEU A 95 26.00 25.74 -14.93
C LEU A 95 24.87 25.38 -15.85
N PRO A 96 24.85 25.98 -17.05
CA PRO A 96 23.82 25.75 -18.04
C PRO A 96 23.63 24.28 -18.40
N GLY A 97 22.38 23.85 -18.46
CA GLY A 97 22.05 22.46 -18.81
C GLY A 97 22.01 21.47 -17.66
N SER A 98 22.59 21.83 -16.52
CA SER A 98 22.62 20.95 -15.36
C SER A 98 21.26 20.86 -14.69
N THR A 99 21.04 19.75 -14.01
CA THR A 99 19.80 19.51 -13.32
C THR A 99 20.11 19.33 -11.83
N ILE A 100 19.39 20.06 -10.98
CA ILE A 100 19.56 19.91 -9.52
C ILE A 100 18.36 19.11 -9.04
N TRP A 101 18.55 18.22 -8.08
CA TRP A 101 17.42 17.42 -7.62
C TRP A 101 17.57 17.02 -6.18
N ALA A 102 16.47 16.64 -5.55
CA ALA A 102 16.47 16.22 -4.15
C ALA A 102 15.28 15.31 -3.97
N GLY A 103 15.45 14.27 -3.17
CA GLY A 103 14.36 13.35 -2.90
C GLY A 103 14.79 11.93 -3.14
N LYS A 104 13.90 10.98 -2.91
CA LYS A 104 14.23 9.58 -3.16
C LYS A 104 14.23 9.39 -4.67
N ARG A 105 15.27 8.79 -5.21
CA ARG A 105 15.34 8.66 -6.64
C ARG A 105 16.21 7.52 -7.12
N PHE A 106 15.78 6.85 -8.21
CA PHE A 106 16.58 5.81 -8.83
C PHE A 106 17.65 6.66 -9.59
N TYR A 107 18.85 6.72 -9.05
CA TYR A 107 19.87 7.55 -9.66
C TYR A 107 20.81 6.85 -10.59
N GLN A 108 20.73 7.20 -11.87
CA GLN A 108 21.59 6.64 -12.90
C GLN A 108 22.05 5.20 -12.72
N ARG A 109 21.09 4.28 -12.61
CA ARG A 109 21.37 2.85 -12.43
C ARG A 109 21.89 2.19 -13.70
N HIS A 110 22.84 1.26 -13.54
CA HIS A 110 23.42 0.49 -14.65
C HIS A 110 23.13 -0.97 -14.33
N ASP A 111 22.58 -1.72 -15.28
CA ASP A 111 22.22 -3.12 -15.03
C ASP A 111 22.36 -3.95 -16.28
N VAL A 112 22.22 -5.26 -16.13
CA VAL A 112 22.29 -6.18 -17.24
C VAL A 112 20.91 -6.82 -17.21
N HIS A 113 20.09 -6.51 -18.20
CA HIS A 113 18.74 -7.01 -18.23
C HIS A 113 18.53 -8.51 -18.10
N MET A 114 19.21 -9.30 -18.94
CA MET A 114 18.99 -10.75 -18.90
C MET A 114 19.21 -11.48 -17.58
N ILE A 115 20.02 -10.94 -16.68
CA ILE A 115 20.26 -11.58 -15.39
C ILE A 115 19.70 -10.68 -14.29
N ASP A 116 19.02 -9.61 -14.70
CA ASP A 116 18.41 -8.65 -13.77
C ASP A 116 19.43 -8.26 -12.70
N PHE A 117 20.63 -7.95 -13.13
CA PHE A 117 21.71 -7.61 -12.24
C PHE A 117 22.13 -6.16 -12.34
N TYR A 118 22.03 -5.43 -11.23
CA TYR A 118 22.44 -4.04 -11.20
C TYR A 118 23.89 -4.00 -10.70
N TYR A 119 24.75 -3.31 -11.42
CA TYR A 119 26.14 -3.24 -10.99
C TYR A 119 26.57 -1.85 -10.54
N TRP A 120 25.69 -0.87 -10.67
CA TRP A 120 26.03 0.47 -10.26
C TRP A 120 24.69 1.04 -9.92
N ASP A 121 24.36 1.02 -8.63
CA ASP A 121 23.09 1.48 -8.15
C ASP A 121 23.19 2.07 -6.74
N ILE A 122 23.24 3.39 -6.65
CA ILE A 122 23.32 4.06 -5.37
C ILE A 122 21.99 4.76 -5.06
N SER A 123 20.90 4.23 -5.61
CA SER A 123 19.57 4.82 -5.43
C SER A 123 19.16 4.90 -3.98
N GLY A 124 18.29 5.86 -3.67
CA GLY A 124 17.79 6.00 -2.32
C GLY A 124 17.59 7.47 -2.04
N PRO A 125 17.41 7.89 -0.79
CA PRO A 125 17.22 9.31 -0.51
C PRO A 125 18.51 10.03 -0.92
N GLY A 126 18.40 11.23 -1.49
CA GLY A 126 19.61 11.90 -1.90
C GLY A 126 19.37 13.26 -2.51
N ALA A 127 20.43 13.80 -3.07
CA ALA A 127 20.39 15.10 -3.71
C ALA A 127 21.68 15.19 -4.50
N GLY A 128 21.70 16.07 -5.50
CA GLY A 128 22.89 16.23 -6.32
C GLY A 128 22.66 17.16 -7.48
N ILE A 129 23.68 17.30 -8.31
CA ILE A 129 23.57 18.13 -9.48
C ILE A 129 24.18 17.33 -10.60
N GLU A 130 23.40 17.08 -11.63
CA GLU A 130 23.93 16.31 -12.71
C GLU A 130 23.99 17.07 -14.00
N ASN A 131 24.78 16.49 -14.91
CA ASN A 131 25.00 16.99 -16.25
C ASN A 131 25.59 18.37 -16.35
N ILE A 132 26.67 18.56 -15.63
CA ILE A 132 27.41 19.81 -15.68
C ILE A 132 28.28 19.60 -16.91
N ASP A 133 28.15 20.48 -17.89
CA ASP A 133 28.91 20.38 -19.13
C ASP A 133 30.35 20.87 -19.01
N LEU A 134 31.29 19.95 -19.17
CA LEU A 134 32.71 20.27 -19.11
C LEU A 134 33.29 20.38 -20.53
N GLY A 135 32.42 20.31 -21.53
CA GLY A 135 32.89 20.39 -22.90
C GLY A 135 33.28 19.02 -23.40
N PHE A 136 34.30 18.43 -22.81
CA PHE A 136 34.73 17.10 -23.21
C PHE A 136 33.93 15.98 -22.52
N GLY A 137 32.95 16.34 -21.71
CA GLY A 137 32.15 15.35 -21.02
C GLY A 137 31.22 15.99 -20.00
N LYS A 138 30.38 15.17 -19.38
CA LYS A 138 29.43 15.64 -18.39
C LYS A 138 29.82 15.18 -16.99
N LEU A 139 29.80 16.11 -16.05
CA LEU A 139 30.12 15.83 -14.65
C LEU A 139 28.82 15.80 -13.83
N SER A 140 28.72 14.84 -12.91
CA SER A 140 27.55 14.72 -12.05
C SER A 140 28.03 14.42 -10.63
N LEU A 141 27.46 15.12 -9.65
CA LEU A 141 27.82 14.93 -8.27
C LEU A 141 26.56 14.58 -7.52
N ALA A 142 26.64 13.60 -6.62
CA ALA A 142 25.47 13.18 -5.83
C ALA A 142 25.86 12.58 -4.48
N ALA A 143 24.93 12.64 -3.54
CA ALA A 143 25.11 12.10 -2.19
C ALA A 143 23.82 11.37 -1.90
N THR A 144 23.90 10.09 -1.60
CA THR A 144 22.70 9.34 -1.28
C THR A 144 22.91 8.62 0.04
N ARG A 145 21.83 8.06 0.59
CA ARG A 145 21.88 7.35 1.86
C ARG A 145 21.27 5.94 1.85
N SER A 146 21.84 5.09 2.69
CA SER A 146 21.33 3.75 2.92
C SER A 146 21.49 3.58 4.44
N THR A 147 20.80 2.61 5.02
CA THR A 147 20.86 2.39 6.45
C THR A 147 20.88 0.90 6.78
N GLU A 148 21.76 0.55 7.70
CA GLU A 148 21.90 -0.82 8.13
C GLU A 148 21.16 -0.94 9.43
N ALA A 149 20.67 -2.15 9.70
CA ALA A 149 19.96 -2.41 10.94
C ALA A 149 20.98 -2.60 12.07
N GLY A 150 20.81 -1.84 13.15
CA GLY A 150 21.73 -1.93 14.27
C GLY A 150 23.09 -1.44 13.86
N GLY A 151 24.13 -1.90 14.57
CA GLY A 151 25.50 -1.52 14.25
C GLY A 151 26.03 -0.33 15.01
N SER A 152 25.16 0.45 15.65
CA SER A 152 25.60 1.59 16.43
C SER A 152 25.15 1.37 17.88
N TYR A 153 26.11 1.39 18.79
CA TYR A 153 25.84 1.14 20.20
C TYR A 153 26.38 2.21 21.13
N THR A 154 25.69 2.40 22.25
CA THR A 154 26.14 3.35 23.26
C THR A 154 26.88 2.47 24.29
N PHE A 155 28.17 2.29 24.09
CA PHE A 155 28.97 1.46 24.99
C PHE A 155 29.21 2.06 26.37
N SER A 156 28.89 1.28 27.40
CA SER A 156 29.09 1.71 28.78
C SER A 156 30.48 1.25 29.23
N SER A 157 30.77 -0.02 28.97
CA SER A 157 32.05 -0.60 29.34
C SER A 157 32.34 -1.80 28.44
N GLN A 158 33.58 -1.87 27.95
CA GLN A 158 34.03 -2.94 27.05
C GLN A 158 33.05 -3.05 25.88
N ASN A 159 32.53 -4.25 25.62
CA ASN A 159 31.58 -4.44 24.55
C ASN A 159 30.16 -4.51 25.11
N ILE A 160 29.96 -3.86 26.25
CA ILE A 160 28.66 -3.85 26.86
C ILE A 160 28.07 -2.49 26.51
N TYR A 161 26.82 -2.51 26.05
CA TYR A 161 26.17 -1.28 25.66
C TYR A 161 24.77 -1.16 26.23
N ASP A 162 24.28 0.08 26.29
CA ASP A 162 22.94 0.37 26.78
C ASP A 162 21.95 0.32 25.61
N GLU A 163 22.21 1.10 24.56
CA GLU A 163 21.32 1.17 23.40
C GLU A 163 21.97 0.89 22.05
N VAL A 164 21.15 0.38 21.14
CA VAL A 164 21.56 0.07 19.78
C VAL A 164 20.80 1.08 18.94
N LYS A 165 21.26 1.24 17.70
CA LYS A 165 20.64 2.18 16.77
C LYS A 165 21.02 1.70 15.37
N ASP A 166 20.22 2.09 14.38
CA ASP A 166 20.52 1.72 13.00
C ASP A 166 21.63 2.63 12.52
N THR A 167 22.45 2.14 11.61
CA THR A 167 23.58 2.89 11.12
C THR A 167 23.42 3.46 9.71
N ALA A 168 23.49 4.78 9.61
CA ALA A 168 23.39 5.49 8.33
C ALA A 168 24.71 5.37 7.57
N ASN A 169 24.64 5.08 6.28
CA ASN A 169 25.83 4.99 5.44
C ASN A 169 25.70 6.00 4.31
N ASP A 170 26.60 6.97 4.26
CA ASP A 170 26.56 8.01 3.24
C ASP A 170 27.45 7.65 2.08
N VAL A 171 27.01 7.97 0.86
CA VAL A 171 27.79 7.72 -0.34
C VAL A 171 27.92 9.05 -1.06
N PHE A 172 29.14 9.34 -1.51
CA PHE A 172 29.44 10.58 -2.24
C PHE A 172 29.93 10.05 -3.57
N ASP A 173 29.17 10.41 -4.60
CA ASP A 173 29.36 9.92 -5.96
C ASP A 173 29.73 11.00 -6.98
N VAL A 174 30.74 10.69 -7.80
CA VAL A 174 31.22 11.60 -8.84
C VAL A 174 31.36 10.82 -10.13
N ARG A 175 30.80 11.33 -11.20
CA ARG A 175 30.86 10.65 -12.48
C ARG A 175 31.19 11.62 -13.61
N LEU A 176 31.97 11.14 -14.57
CA LEU A 176 32.36 11.91 -15.73
C LEU A 176 31.99 11.00 -16.89
N ALA A 177 30.98 11.43 -17.65
CA ALA A 177 30.50 10.62 -18.76
C ALA A 177 30.68 11.31 -20.10
N GLY A 178 30.55 10.52 -21.17
CA GLY A 178 30.66 11.06 -22.50
C GLY A 178 32.06 11.32 -23.02
N LEU A 179 33.06 10.62 -22.50
CA LEU A 179 34.41 10.81 -22.99
C LEU A 179 34.50 10.03 -24.29
N GLN A 180 34.66 10.76 -25.40
CA GLN A 180 34.77 10.14 -26.72
C GLN A 180 36.17 9.54 -26.84
N THR A 181 36.27 8.23 -26.72
CA THR A 181 37.57 7.58 -26.80
C THR A 181 37.96 7.09 -28.19
N ASN A 182 36.97 6.77 -28.99
CA ASN A 182 37.23 6.26 -30.32
C ASN A 182 35.93 6.40 -31.07
N PRO A 183 35.95 6.23 -32.41
CA PRO A 183 34.71 6.36 -33.18
C PRO A 183 33.61 5.42 -32.68
N ASP A 184 32.46 6.01 -32.31
CA ASP A 184 31.31 5.28 -31.79
C ASP A 184 31.56 4.65 -30.41
N GLY A 185 32.62 5.09 -29.75
CA GLY A 185 32.94 4.56 -28.44
C GLY A 185 32.95 5.70 -27.45
N VAL A 186 32.39 5.47 -26.28
CA VAL A 186 32.33 6.49 -25.23
C VAL A 186 32.71 5.84 -23.91
N LEU A 187 33.33 6.63 -23.03
CA LEU A 187 33.78 6.15 -21.75
C LEU A 187 33.22 6.97 -20.61
N GLU A 188 32.85 6.29 -19.53
CA GLU A 188 32.32 6.94 -18.33
C GLU A 188 33.15 6.45 -17.15
N LEU A 189 33.58 7.39 -16.31
CA LEU A 189 34.37 7.09 -15.12
C LEU A 189 33.55 7.49 -13.91
N GLY A 190 33.65 6.73 -12.83
CA GLY A 190 32.92 7.08 -11.62
C GLY A 190 33.68 6.66 -10.38
N VAL A 191 33.55 7.45 -9.30
CA VAL A 191 34.20 7.15 -8.03
C VAL A 191 33.14 7.26 -6.95
N ASP A 192 33.15 6.31 -6.02
CA ASP A 192 32.20 6.34 -4.92
C ASP A 192 32.95 6.17 -3.62
N TYR A 193 32.71 7.06 -2.67
CA TYR A 193 33.32 6.93 -1.35
C TYR A 193 32.15 6.86 -0.36
N GLY A 194 32.07 5.77 0.41
CA GLY A 194 30.99 5.64 1.37
C GLY A 194 31.47 5.34 2.78
N ARG A 195 30.70 5.77 3.77
CA ARG A 195 31.08 5.53 5.16
C ARG A 195 29.88 5.53 6.11
N ALA A 196 29.96 4.67 7.14
CA ALA A 196 28.92 4.57 8.16
C ALA A 196 29.08 5.88 8.90
N ASN A 197 27.98 6.55 9.20
CA ASN A 197 28.03 7.85 9.85
C ASN A 197 27.22 7.76 11.14
N THR A 198 27.92 7.51 12.23
CA THR A 198 27.29 7.33 13.54
C THR A 198 26.83 8.57 14.28
N THR A 199 25.72 8.41 14.99
CA THR A 199 25.13 9.47 15.78
C THR A 199 26.05 9.73 16.95
N ASP A 200 26.12 10.97 17.42
CA ASP A 200 26.97 11.30 18.54
C ASP A 200 26.62 10.44 19.74
N GLY A 201 27.64 9.85 20.34
CA GLY A 201 27.43 9.00 21.51
C GLY A 201 27.47 7.52 21.15
N TYR A 202 27.07 7.20 19.91
CA TYR A 202 27.08 5.83 19.46
C TYR A 202 28.38 5.53 18.76
N LYS A 203 28.73 4.26 18.75
CA LYS A 203 29.95 3.81 18.11
C LYS A 203 29.72 2.45 17.46
N LEU A 204 30.55 2.12 16.49
CA LEU A 204 30.46 0.85 15.81
C LEU A 204 31.20 -0.16 16.69
N ALA A 205 30.83 -1.44 16.59
CA ALA A 205 31.48 -2.49 17.37
C ALA A 205 32.89 -2.70 16.84
N ASP A 206 33.65 -3.55 17.52
CA ASP A 206 35.03 -3.86 17.14
C ASP A 206 35.06 -4.63 15.85
N GLY A 207 35.90 -4.22 14.91
CA GLY A 207 35.98 -4.95 13.66
C GLY A 207 35.24 -4.37 12.48
N ALA A 208 34.29 -3.45 12.72
CA ALA A 208 33.53 -2.82 11.64
C ALA A 208 34.49 -2.25 10.57
N SER A 209 34.13 -2.37 9.29
CA SER A 209 34.97 -1.86 8.20
C SER A 209 34.89 -0.33 8.08
N LYS A 210 33.73 0.23 8.43
CA LYS A 210 33.45 1.68 8.41
C LYS A 210 33.35 2.43 7.08
N ASP A 211 34.36 2.32 6.21
CA ASP A 211 34.30 3.02 4.94
C ASP A 211 34.90 2.23 3.79
N GLY A 212 34.83 2.77 2.59
CA GLY A 212 35.37 2.08 1.45
C GLY A 212 35.23 2.92 0.21
N TRP A 213 35.83 2.43 -0.87
CA TRP A 213 35.82 3.10 -2.16
C TRP A 213 35.40 2.15 -3.25
N MET A 214 34.89 2.71 -4.34
CA MET A 214 34.52 1.91 -5.50
C MET A 214 34.85 2.74 -6.71
N PHE A 215 35.46 2.10 -7.70
CA PHE A 215 35.84 2.78 -8.93
C PHE A 215 35.21 2.03 -10.08
N THR A 216 34.66 2.77 -11.03
CA THR A 216 33.99 2.19 -12.18
C THR A 216 34.43 2.85 -13.46
N ALA A 217 34.59 2.04 -14.49
CA ALA A 217 34.95 2.51 -15.81
C ALA A 217 34.05 1.68 -16.72
N GLU A 218 33.24 2.37 -17.53
CA GLU A 218 32.33 1.70 -18.46
C GLU A 218 32.48 2.27 -19.86
N HIS A 219 32.75 1.39 -20.81
CA HIS A 219 32.91 1.81 -22.19
C HIS A 219 31.76 1.28 -23.01
N THR A 220 31.12 2.19 -23.74
CA THR A 220 30.00 1.82 -24.58
C THR A 220 30.39 1.97 -26.03
N GLN A 221 30.19 0.90 -26.79
CA GLN A 221 30.52 0.93 -28.22
C GLN A 221 29.24 0.66 -28.99
N SER A 222 28.88 1.59 -29.87
CA SER A 222 27.70 1.43 -30.70
C SER A 222 28.05 0.60 -31.90
N MET A 223 27.23 -0.40 -32.19
CA MET A 223 27.50 -1.28 -33.30
C MET A 223 26.32 -2.20 -33.50
N LEU A 224 26.27 -2.81 -34.68
CA LEU A 224 25.21 -3.75 -35.05
C LEU A 224 23.83 -3.33 -34.55
N LYS A 225 23.53 -2.05 -34.71
CA LYS A 225 22.25 -1.47 -34.31
C LYS A 225 21.95 -1.75 -32.85
N GLY A 226 23.02 -1.80 -32.06
CA GLY A 226 22.91 -2.06 -30.65
C GLY A 226 24.16 -1.53 -29.99
N TYR A 227 24.64 -2.24 -28.99
CA TYR A 227 25.82 -1.79 -28.28
C TYR A 227 26.50 -2.94 -27.60
N ASN A 228 27.64 -2.60 -27.01
CA ASN A 228 28.45 -3.50 -26.23
C ASN A 228 29.03 -2.63 -25.13
N LYS A 229 28.85 -3.06 -23.88
CA LYS A 229 29.37 -2.32 -22.76
C LYS A 229 30.41 -3.17 -22.06
N PHE A 230 31.55 -2.55 -21.80
CA PHE A 230 32.65 -3.20 -21.11
C PHE A 230 32.82 -2.46 -19.80
N VAL A 231 32.71 -3.19 -18.70
CA VAL A 231 32.80 -2.61 -17.38
C VAL A 231 33.88 -3.22 -16.52
N VAL A 232 34.58 -2.37 -15.80
CA VAL A 232 35.60 -2.82 -14.88
C VAL A 232 35.32 -2.07 -13.59
N GLN A 233 35.21 -2.81 -12.49
CA GLN A 233 34.94 -2.19 -11.20
C GLN A 233 35.82 -2.80 -10.11
N TYR A 234 36.24 -1.95 -9.19
CA TYR A 234 37.08 -2.34 -8.07
C TYR A 234 36.51 -1.68 -6.82
N ALA A 235 36.19 -2.50 -5.83
CA ALA A 235 35.62 -1.99 -4.59
C ALA A 235 36.50 -2.38 -3.43
N THR A 236 36.44 -1.58 -2.39
CA THR A 236 37.24 -1.75 -1.20
C THR A 236 36.38 -1.79 0.06
N ASP A 237 36.77 -2.62 1.01
CA ASP A 237 36.08 -2.71 2.30
C ASP A 237 34.55 -2.61 2.39
N ALA A 238 34.03 -1.52 2.95
CA ALA A 238 32.59 -1.36 3.13
C ALA A 238 31.76 -1.41 1.85
N MET A 239 32.42 -1.24 0.71
CA MET A 239 31.72 -1.26 -0.57
C MET A 239 31.62 -2.64 -1.22
N THR A 240 32.14 -3.67 -0.55
CA THR A 240 32.12 -5.01 -1.12
C THR A 240 30.84 -5.83 -0.85
N THR A 241 30.15 -5.51 0.23
CA THR A 241 28.95 -6.27 0.55
C THR A 241 27.83 -6.06 -0.47
N GLN A 242 27.34 -4.83 -0.61
CA GLN A 242 26.30 -4.55 -1.58
C GLN A 242 26.91 -4.69 -2.97
N GLY A 243 28.10 -4.12 -3.16
CA GLY A 243 28.79 -4.23 -4.43
C GLY A 243 28.27 -3.49 -5.64
N LYS A 244 27.50 -2.44 -5.41
CA LYS A 244 26.95 -1.65 -6.51
C LYS A 244 27.16 -0.17 -6.24
N GLY A 245 27.85 0.17 -5.14
CA GLY A 245 28.08 1.57 -4.84
C GLY A 245 27.55 2.06 -3.51
N GLN A 246 26.74 1.25 -2.83
CA GLN A 246 26.21 1.63 -1.53
C GLN A 246 27.15 1.07 -0.46
N ALA A 247 27.35 1.82 0.61
CA ALA A 247 28.24 1.39 1.69
C ALA A 247 27.55 0.58 2.78
N ARG A 248 28.24 -0.45 3.27
CA ARG A 248 27.77 -1.32 4.35
C ARG A 248 28.91 -1.31 5.38
N GLY A 249 29.11 -0.17 6.02
CA GLY A 249 30.20 0.01 6.97
C GLY A 249 30.13 -0.72 8.30
N SER A 250 28.96 -1.17 8.71
CA SER A 250 28.85 -1.89 9.97
C SER A 250 28.42 -3.31 9.71
N ASP A 251 28.56 -3.74 8.46
CA ASP A 251 28.17 -5.08 8.06
C ASP A 251 28.88 -6.14 8.88
N GLY A 252 28.12 -7.09 9.41
CA GLY A 252 28.69 -8.16 10.23
C GLY A 252 28.53 -8.01 11.72
N SER A 253 27.87 -6.93 12.15
CA SER A 253 27.66 -6.64 13.56
C SER A 253 26.58 -7.52 14.12
N SER A 254 26.66 -7.81 15.42
CA SER A 254 25.67 -8.63 16.11
C SER A 254 25.85 -8.42 17.59
N SER A 255 24.85 -8.80 18.36
CA SER A 255 24.91 -8.64 19.80
C SER A 255 24.08 -9.73 20.49
N PHE A 256 24.29 -9.89 21.79
CA PHE A 256 23.54 -10.85 22.57
C PHE A 256 23.34 -10.26 23.96
N THR A 257 22.15 -10.47 24.49
CA THR A 257 21.81 -9.95 25.80
C THR A 257 21.53 -11.08 26.78
N GLU A 258 22.00 -10.91 28.02
CA GLU A 258 21.80 -11.90 29.08
C GLU A 258 21.51 -11.17 30.39
N LYS A 265 20.04 -8.78 32.14
CA LYS A 265 20.13 -8.11 30.82
C LYS A 265 21.33 -7.18 30.68
N ILE A 266 22.41 -7.76 30.17
CA ILE A 266 23.66 -7.07 29.91
C ILE A 266 23.81 -7.29 28.42
N ASN A 267 23.90 -6.20 27.68
CA ASN A 267 24.02 -6.28 26.23
C ASN A 267 25.45 -6.32 25.78
N TYR A 268 25.79 -7.34 25.01
CA TYR A 268 27.14 -7.49 24.50
C TYR A 268 27.18 -7.35 22.98
N ALA A 269 28.02 -6.46 22.47
CA ALA A 269 28.17 -6.26 21.05
C ALA A 269 29.32 -7.17 20.61
N ASN A 270 29.00 -8.20 19.84
CA ASN A 270 30.02 -9.10 19.35
C ASN A 270 31.01 -8.44 18.42
N LYS A 271 32.10 -9.15 18.15
CA LYS A 271 33.12 -8.66 17.27
C LYS A 271 32.46 -8.67 15.89
N VAL A 272 32.62 -7.58 15.15
CA VAL A 272 32.05 -7.48 13.83
C VAL A 272 32.82 -8.40 12.89
N ILE A 273 32.10 -9.29 12.24
CA ILE A 273 32.72 -10.16 11.26
C ILE A 273 32.59 -9.34 9.95
N ASN A 274 33.52 -8.39 9.83
CA ASN A 274 33.59 -7.41 8.75
C ASN A 274 33.75 -7.85 7.30
N ASN A 275 33.60 -6.86 6.42
CA ASN A 275 33.74 -7.02 4.98
C ASN A 275 35.03 -6.39 4.47
N ASN A 276 36.06 -6.35 5.32
CA ASN A 276 37.35 -5.80 4.90
C ASN A 276 37.86 -6.70 3.79
N GLY A 277 38.33 -6.09 2.70
CA GLY A 277 38.82 -6.86 1.58
C GLY A 277 38.62 -6.07 0.30
N ASN A 278 38.51 -6.75 -0.83
CA ASN A 278 38.31 -6.04 -2.09
C ASN A 278 37.46 -6.82 -3.07
N MET A 279 36.94 -6.13 -4.07
CA MET A 279 36.14 -6.79 -5.08
C MET A 279 36.57 -6.34 -6.45
N TRP A 280 36.65 -7.30 -7.36
CA TRP A 280 37.00 -7.04 -8.74
C TRP A 280 35.85 -7.54 -9.57
N ARG A 281 35.35 -6.70 -10.48
CA ARG A 281 34.28 -7.10 -11.38
C ARG A 281 34.65 -6.67 -12.78
N ILE A 282 34.69 -7.64 -13.67
CA ILE A 282 34.98 -7.39 -15.07
C ILE A 282 33.76 -7.95 -15.76
N LEU A 283 33.05 -7.06 -16.45
CA LEU A 283 31.79 -7.39 -17.07
C LEU A 283 31.72 -6.94 -18.52
N ASP A 284 31.13 -7.79 -19.36
CA ASP A 284 30.91 -7.39 -20.72
C ASP A 284 29.54 -7.89 -21.14
N HIS A 285 28.67 -6.97 -21.53
CA HIS A 285 27.33 -7.34 -21.96
C HIS A 285 26.90 -6.46 -23.14
N GLY A 286 25.91 -6.92 -23.90
CA GLY A 286 25.46 -6.15 -25.04
C GLY A 286 24.18 -6.67 -25.61
N ALA A 287 23.71 -5.99 -26.65
CA ALA A 287 22.48 -6.32 -27.36
C ALA A 287 22.74 -5.81 -28.77
N ILE A 288 22.64 -6.70 -29.74
CA ILE A 288 22.91 -6.32 -31.11
C ILE A 288 21.96 -7.07 -32.05
N SER A 289 21.90 -6.62 -33.31
CA SER A 289 21.07 -7.26 -34.32
C SER A 289 21.97 -7.90 -35.35
N LEU A 290 21.75 -9.18 -35.61
CA LEU A 290 22.51 -9.92 -36.61
C LEU A 290 21.59 -10.08 -37.82
N GLY A 291 21.49 -9.03 -38.62
CA GLY A 291 20.63 -9.12 -39.79
C GLY A 291 19.18 -8.76 -39.51
N ASP A 292 18.29 -9.25 -40.36
CA ASP A 292 16.88 -8.96 -40.25
C ASP A 292 16.09 -9.84 -39.31
N LYS A 293 16.48 -11.10 -39.18
CA LYS A 293 15.74 -12.05 -38.36
C LYS A 293 16.30 -12.36 -37.00
N TRP A 294 17.47 -11.84 -36.68
CA TRP A 294 18.10 -12.16 -35.41
C TRP A 294 18.55 -11.02 -34.55
N ASP A 295 18.24 -11.14 -33.27
CA ASP A 295 18.67 -10.18 -32.28
C ASP A 295 19.41 -11.01 -31.25
N LEU A 296 20.32 -10.41 -30.51
CA LEU A 296 21.07 -11.17 -29.53
C LEU A 296 21.47 -10.37 -28.30
N MET A 297 21.24 -10.94 -27.13
CA MET A 297 21.65 -10.35 -25.86
C MET A 297 22.70 -11.31 -25.31
N TYR A 298 23.71 -10.79 -24.64
CA TYR A 298 24.74 -11.66 -24.07
C TYR A 298 25.37 -11.02 -22.85
N VAL A 299 25.94 -11.85 -21.98
CA VAL A 299 26.62 -11.40 -20.77
C VAL A 299 27.80 -12.31 -20.54
N GLY A 300 28.84 -11.72 -19.95
CA GLY A 300 30.02 -12.45 -19.59
C GLY A 300 30.54 -11.68 -18.39
N MET A 301 30.62 -12.32 -17.23
CA MET A 301 31.11 -11.65 -16.04
C MET A 301 31.97 -12.48 -15.09
N TYR A 302 33.00 -11.83 -14.54
CA TYR A 302 33.86 -12.44 -13.56
C TYR A 302 33.82 -11.51 -12.38
N GLN A 303 33.49 -12.06 -11.23
CA GLN A 303 33.42 -11.24 -10.02
C GLN A 303 34.11 -11.99 -8.91
N ASN A 304 35.02 -11.31 -8.22
CA ASN A 304 35.75 -11.92 -7.14
C ASN A 304 35.72 -11.07 -5.88
N ILE A 305 35.04 -11.58 -4.86
CA ILE A 305 34.96 -10.89 -3.59
C ILE A 305 35.97 -11.58 -2.69
N ASP A 306 37.11 -10.92 -2.51
CA ASP A 306 38.20 -11.43 -1.70
C ASP A 306 38.17 -10.78 -0.32
N TRP A 307 37.62 -11.48 0.64
CA TRP A 307 37.55 -10.94 1.99
C TRP A 307 38.70 -11.42 2.85
N ASP A 308 39.17 -10.53 3.72
CA ASP A 308 40.26 -10.83 4.65
C ASP A 308 39.91 -12.10 5.43
N ASN A 309 38.64 -12.22 5.81
CA ASN A 309 38.18 -13.39 6.56
C ASN A 309 37.93 -14.64 5.73
N ASN A 310 38.28 -14.60 4.46
CA ASN A 310 38.11 -15.74 3.57
C ASN A 310 36.70 -16.25 3.36
N LEU A 311 35.70 -15.43 3.69
CA LEU A 311 34.29 -15.84 3.53
C LEU A 311 33.67 -15.41 2.20
N GLY A 312 34.50 -14.93 1.27
CA GLY A 312 34.04 -14.46 -0.02
C GLY A 312 33.69 -15.52 -1.07
N THR A 313 33.61 -15.09 -2.33
CA THR A 313 33.27 -15.97 -3.46
C THR A 313 33.89 -15.48 -4.76
N GLU A 314 34.13 -16.42 -5.67
CA GLU A 314 34.68 -16.12 -6.98
C GLU A 314 33.59 -16.61 -7.92
N TRP A 315 33.06 -15.70 -8.73
CA TRP A 315 31.93 -16.02 -9.59
C TRP A 315 32.11 -15.75 -11.06
N TRP A 316 31.74 -16.74 -11.87
CA TRP A 316 31.81 -16.68 -13.32
C TRP A 316 30.40 -16.91 -13.83
N THR A 317 29.96 -16.08 -14.77
CA THR A 317 28.65 -16.26 -15.34
C THR A 317 28.70 -15.87 -16.82
N VAL A 318 28.10 -16.70 -17.65
CA VAL A 318 28.09 -16.43 -19.07
C VAL A 318 26.75 -16.83 -19.59
N GLY A 319 26.22 -16.06 -20.52
CA GLY A 319 24.92 -16.39 -21.06
C GLY A 319 24.66 -15.72 -22.37
N VAL A 320 23.70 -16.26 -23.10
CA VAL A 320 23.37 -15.75 -24.40
C VAL A 320 21.86 -15.91 -24.63
N ARG A 321 21.27 -14.92 -25.29
CA ARG A 321 19.84 -14.96 -25.55
C ARG A 321 19.51 -14.50 -26.98
N PRO A 322 19.52 -15.45 -27.92
CA PRO A 322 19.21 -15.09 -29.31
C PRO A 322 17.71 -15.02 -29.52
N MET A 323 17.28 -14.16 -30.43
CA MET A 323 15.86 -14.02 -30.74
C MET A 323 15.68 -14.16 -32.25
N TYR A 324 14.80 -15.07 -32.65
CA TYR A 324 14.52 -15.27 -34.06
C TYR A 324 13.14 -14.69 -34.37
N LYS A 325 13.09 -13.76 -35.31
CA LYS A 325 11.86 -13.08 -35.67
C LYS A 325 11.08 -13.74 -36.81
N TRP A 326 10.07 -14.53 -36.45
CA TRP A 326 9.22 -15.19 -37.44
C TRP A 326 8.48 -14.12 -38.22
N THR A 327 7.87 -13.21 -37.47
CA THR A 327 7.11 -12.10 -38.02
C THR A 327 7.49 -10.91 -37.15
N PRO A 328 7.03 -9.71 -37.49
CA PRO A 328 7.37 -8.53 -36.68
C PRO A 328 6.90 -8.59 -35.23
N ILE A 329 5.83 -9.32 -34.97
CA ILE A 329 5.29 -9.43 -33.61
C ILE A 329 5.43 -10.80 -32.97
N MET A 330 5.98 -11.78 -33.68
CA MET A 330 6.13 -13.11 -33.10
C MET A 330 7.54 -13.59 -33.28
N SER A 331 8.07 -14.22 -32.24
CA SER A 331 9.43 -14.71 -32.27
C SER A 331 9.63 -15.89 -31.33
N THR A 332 10.80 -16.51 -31.48
CA THR A 332 11.18 -17.62 -30.64
C THR A 332 12.47 -17.19 -29.96
N LEU A 333 12.50 -17.31 -28.64
CA LEU A 333 13.68 -16.95 -27.86
C LEU A 333 14.30 -18.17 -27.20
N LEU A 334 15.62 -18.14 -27.11
CA LEU A 334 16.35 -19.20 -26.44
C LEU A 334 17.31 -18.49 -25.50
N GLU A 335 17.40 -18.99 -24.29
CA GLU A 335 18.33 -18.41 -23.34
C GLU A 335 19.12 -19.53 -22.71
N VAL A 336 20.44 -19.40 -22.75
CA VAL A 336 21.32 -20.39 -22.16
C VAL A 336 22.27 -19.63 -21.25
N GLY A 337 22.28 -20.00 -19.97
CA GLY A 337 23.14 -19.35 -19.01
C GLY A 337 23.88 -20.33 -18.12
N TYR A 338 25.11 -20.00 -17.78
CA TYR A 338 25.96 -20.84 -16.94
C TYR A 338 26.54 -20.02 -15.80
N ASP A 339 26.48 -20.59 -14.59
CA ASP A 339 27.03 -19.97 -13.39
C ASP A 339 27.98 -20.90 -12.71
N ASN A 340 29.09 -20.38 -12.21
CA ASN A 340 30.06 -21.17 -11.50
C ASN A 340 30.56 -20.32 -10.34
N VAL A 341 30.32 -20.77 -9.11
CA VAL A 341 30.72 -20.02 -7.91
C VAL A 341 31.64 -20.84 -7.00
N LYS A 342 32.81 -20.29 -6.70
CA LYS A 342 33.76 -20.96 -5.83
C LYS A 342 33.74 -20.31 -4.46
N SER A 343 33.55 -21.11 -3.42
CA SER A 343 33.55 -20.57 -2.05
C SER A 343 34.98 -20.22 -1.70
N GLN A 344 35.22 -19.00 -1.24
CA GLN A 344 36.58 -18.62 -0.87
C GLN A 344 36.99 -19.43 0.36
N GLN A 345 36.03 -19.65 1.24
CA GLN A 345 36.25 -20.38 2.48
C GLN A 345 36.62 -21.84 2.30
N THR A 346 35.74 -22.61 1.66
CA THR A 346 35.99 -24.05 1.46
C THR A 346 36.73 -24.43 0.19
N GLY A 347 36.70 -23.55 -0.82
CA GLY A 347 37.36 -23.84 -2.08
C GLY A 347 36.53 -24.67 -3.03
N ASP A 348 35.34 -25.06 -2.59
CA ASP A 348 34.45 -25.86 -3.42
C ASP A 348 33.72 -25.00 -4.44
N ARG A 349 33.24 -25.66 -5.50
CA ARG A 349 32.54 -24.97 -6.56
C ARG A 349 31.12 -25.44 -6.77
N ASN A 350 30.25 -24.50 -7.06
CA ASN A 350 28.85 -24.76 -7.35
C ASN A 350 28.66 -24.35 -8.80
N ASN A 351 27.91 -25.13 -9.55
CA ASN A 351 27.64 -24.73 -10.92
C ASN A 351 26.22 -25.08 -11.36
N GLN A 352 25.72 -24.30 -12.32
CA GLN A 352 24.38 -24.51 -12.86
C GLN A 352 24.32 -24.02 -14.28
N TYR A 353 23.50 -24.68 -15.06
CA TYR A 353 23.29 -24.22 -16.41
C TYR A 353 21.83 -24.42 -16.64
N LYS A 354 21.21 -23.41 -17.27
CA LYS A 354 19.81 -23.48 -17.54
C LYS A 354 19.58 -23.13 -19.00
N ILE A 355 18.62 -23.81 -19.62
CA ILE A 355 18.28 -23.61 -21.02
C ILE A 355 16.80 -23.25 -21.05
N THR A 356 16.44 -22.17 -21.73
CA THR A 356 15.05 -21.79 -21.81
C THR A 356 14.67 -21.56 -23.27
N LEU A 357 13.51 -22.09 -23.64
CA LEU A 357 12.96 -21.97 -24.99
C LEU A 357 11.59 -21.30 -24.81
N ALA A 358 11.36 -20.17 -25.48
CA ALA A 358 10.10 -19.46 -25.33
C ALA A 358 9.55 -18.94 -26.64
N GLN A 359 8.23 -19.02 -26.80
CA GLN A 359 7.56 -18.51 -27.98
C GLN A 359 7.00 -17.19 -27.47
N GLN A 360 7.19 -16.12 -28.23
CA GLN A 360 6.75 -14.83 -27.76
C GLN A 360 6.05 -13.93 -28.78
N TRP A 361 5.15 -13.09 -28.28
CA TRP A 361 4.41 -12.10 -29.06
C TRP A 361 4.75 -10.80 -28.37
N GLN A 362 5.36 -9.87 -29.09
CA GLN A 362 5.75 -8.61 -28.48
C GLN A 362 5.36 -7.39 -29.33
N ALA A 363 5.22 -6.24 -28.67
CA ALA A 363 4.84 -5.01 -29.33
C ALA A 363 6.03 -4.39 -30.04
N GLY A 364 6.48 -5.02 -31.11
CA GLY A 364 7.62 -4.50 -31.85
C GLY A 364 8.48 -5.65 -32.32
N ASP A 365 9.53 -5.37 -33.07
CA ASP A 365 10.41 -6.42 -33.58
C ASP A 365 11.80 -6.40 -32.94
N SER A 366 11.93 -5.82 -31.77
CA SER A 366 13.22 -5.76 -31.11
C SER A 366 13.24 -6.68 -29.90
N ILE A 367 14.43 -7.14 -29.56
CA ILE A 367 14.59 -7.99 -28.39
C ILE A 367 14.25 -7.13 -27.16
N TRP A 368 14.19 -5.82 -27.35
CA TRP A 368 13.84 -4.86 -26.30
C TRP A 368 12.38 -4.42 -26.33
N SER A 369 11.60 -4.93 -27.27
CA SER A 369 10.20 -4.53 -27.36
C SER A 369 9.35 -5.13 -26.26
N ARG A 370 8.57 -4.28 -25.60
CA ARG A 370 7.65 -4.68 -24.53
C ARG A 370 6.34 -3.91 -24.78
N PRO A 371 5.19 -4.46 -24.39
CA PRO A 371 4.96 -5.75 -23.73
C PRO A 371 5.33 -6.97 -24.52
N ALA A 372 5.41 -8.10 -23.82
CA ALA A 372 5.72 -9.37 -24.45
C ALA A 372 4.92 -10.39 -23.68
N ILE A 373 4.36 -11.36 -24.39
CA ILE A 373 3.61 -12.43 -23.77
C ILE A 373 4.41 -13.66 -24.21
N ARG A 374 4.80 -14.47 -23.24
CA ARG A 374 5.63 -15.64 -23.51
C ARG A 374 5.04 -16.93 -23.01
N ILE A 375 5.38 -18.00 -23.70
CA ILE A 375 5.02 -19.34 -23.27
C ILE A 375 6.39 -19.97 -23.35
N PHE A 376 6.80 -20.63 -22.27
CA PHE A 376 8.15 -21.18 -22.20
C PHE A 376 8.25 -22.54 -21.51
N ALA A 377 9.46 -23.10 -21.58
CA ALA A 377 9.82 -24.37 -20.96
C ALA A 377 11.27 -24.15 -20.56
N THR A 378 11.57 -24.36 -19.29
CA THR A 378 12.91 -24.18 -18.75
C THR A 378 13.47 -25.47 -18.18
N TYR A 379 14.76 -25.70 -18.40
CA TYR A 379 15.44 -26.86 -17.86
C TYR A 379 16.68 -26.33 -17.14
N ALA A 380 16.89 -26.79 -15.92
CA ALA A 380 18.06 -26.36 -15.16
C ALA A 380 18.70 -27.60 -14.55
N LYS A 381 20.02 -27.68 -14.63
CA LYS A 381 20.76 -28.79 -14.06
C LYS A 381 21.84 -28.13 -13.23
N TRP A 382 21.99 -28.60 -11.99
CA TRP A 382 23.01 -28.05 -11.11
C TRP A 382 23.74 -29.10 -10.31
N ASP A 383 24.94 -28.75 -9.88
CA ASP A 383 25.79 -29.60 -9.09
C ASP A 383 26.45 -28.69 -8.05
N GLU A 384 25.88 -28.65 -6.86
CA GLU A 384 26.40 -27.79 -5.82
C GLU A 384 27.18 -28.56 -4.75
N LYS A 385 28.47 -28.27 -4.69
CA LYS A 385 29.36 -28.92 -3.75
C LYS A 385 29.41 -28.25 -2.37
N TRP A 386 28.87 -27.05 -2.26
CA TRP A 386 28.88 -26.33 -0.98
C TRP A 386 27.62 -25.49 -0.84
N GLY A 387 27.38 -25.01 0.38
CA GLY A 387 26.23 -24.18 0.65
C GLY A 387 26.49 -23.42 1.93
N TYR A 388 25.70 -22.41 2.23
CA TYR A 388 25.91 -21.67 3.45
C TYR A 388 25.31 -22.45 4.59
N ILE A 389 26.02 -22.47 5.71
CA ILE A 389 25.56 -23.20 6.87
C ILE A 389 24.22 -22.67 7.31
N LYS A 390 23.21 -23.51 7.16
CA LYS A 390 21.86 -23.15 7.54
C LYS A 390 21.76 -23.34 9.04
N ASP A 391 21.89 -22.24 9.77
CA ASP A 391 21.81 -22.26 11.23
C ASP A 391 20.32 -22.32 11.64
N GLY A 392 19.73 -23.51 11.54
CA GLY A 392 18.34 -23.68 11.88
C GLY A 392 17.44 -23.22 10.75
N ASP A 393 17.12 -21.94 10.73
CA ASP A 393 16.27 -21.38 9.69
C ASP A 393 17.03 -20.26 8.98
N ASN A 394 17.88 -19.58 9.74
CA ASN A 394 18.69 -18.48 9.21
C ASN A 394 19.95 -19.03 8.53
N ILE A 395 20.38 -18.37 7.45
CA ILE A 395 21.56 -18.78 6.72
C ILE A 395 22.76 -18.01 7.27
N SER A 396 23.86 -18.72 7.48
CA SER A 396 25.08 -18.15 8.02
C SER A 396 26.03 -17.62 6.94
N ARG A 397 27.03 -16.83 7.34
CA ARG A 397 28.02 -16.28 6.41
C ARG A 397 29.05 -17.38 6.13
N TYR A 398 29.01 -18.42 6.94
CA TYR A 398 29.94 -19.52 6.81
C TYR A 398 29.41 -20.60 5.89
N ALA A 399 30.33 -21.22 5.16
CA ALA A 399 30.00 -22.27 4.21
C ALA A 399 30.51 -23.62 4.69
N ALA A 400 29.98 -24.70 4.11
CA ALA A 400 30.38 -26.07 4.44
C ALA A 400 30.12 -26.91 3.21
N ALA A 401 30.97 -27.91 2.99
CA ALA A 401 30.79 -28.77 1.84
C ALA A 401 29.48 -29.52 2.03
N THR A 402 28.78 -29.77 0.94
CA THR A 402 27.51 -30.48 0.96
C THR A 402 27.64 -31.79 1.74
N ASN A 403 28.73 -32.51 1.48
CA ASN A 403 29.00 -33.81 2.11
C ASN A 403 29.28 -33.78 3.60
N SER A 404 30.02 -32.77 4.07
CA SER A 404 30.32 -32.68 5.50
C SER A 404 28.93 -32.65 6.10
N GLY A 405 28.67 -33.53 7.06
CA GLY A 405 27.35 -33.61 7.67
C GLY A 405 26.65 -32.33 8.15
N ILE A 406 27.28 -31.18 7.93
CA ILE A 406 26.70 -29.91 8.35
C ILE A 406 25.53 -29.50 7.45
N SER A 407 24.53 -28.92 8.09
CA SER A 407 23.31 -28.45 7.42
C SER A 407 23.55 -27.13 6.68
N THR A 408 23.56 -27.19 5.36
CA THR A 408 23.78 -26.02 4.53
C THR A 408 22.55 -25.81 3.66
N ASN A 409 22.54 -24.74 2.86
CA ASN A 409 21.42 -24.48 1.96
C ASN A 409 21.73 -24.95 0.54
N SER A 410 22.72 -25.83 0.40
CA SER A 410 23.11 -26.40 -0.88
C SER A 410 21.95 -27.20 -1.49
N ARG A 411 21.80 -27.09 -2.81
CA ARG A 411 20.72 -27.78 -3.53
C ARG A 411 21.18 -29.14 -4.04
N GLY A 412 22.42 -29.49 -3.75
CA GLY A 412 22.94 -30.77 -4.18
C GLY A 412 23.19 -30.92 -5.65
N ASP A 413 22.97 -32.13 -6.14
CA ASP A 413 23.17 -32.46 -7.54
C ASP A 413 21.81 -32.91 -8.07
N SER A 414 21.25 -32.14 -8.99
CA SER A 414 19.94 -32.49 -9.51
C SER A 414 19.62 -31.64 -10.73
N ASP A 415 18.38 -31.74 -11.17
CA ASP A 415 17.88 -30.95 -12.30
C ASP A 415 16.38 -30.84 -12.19
N GLU A 416 15.79 -29.97 -12.99
CA GLU A 416 14.35 -29.78 -12.96
C GLU A 416 13.98 -29.00 -14.22
N TRP A 417 12.70 -29.06 -14.56
CA TRP A 417 12.20 -28.34 -15.73
C TRP A 417 10.85 -27.74 -15.36
N THR A 418 10.58 -26.56 -15.88
CA THR A 418 9.33 -25.86 -15.59
C THR A 418 8.79 -25.32 -16.90
N PHE A 419 7.56 -24.85 -16.88
CA PHE A 419 6.96 -24.30 -18.08
C PHE A 419 5.82 -23.42 -17.64
N GLY A 420 5.41 -22.49 -18.49
CA GLY A 420 4.30 -21.63 -18.15
C GLY A 420 4.14 -20.48 -19.12
N ALA A 421 3.36 -19.49 -18.70
CA ALA A 421 3.10 -18.29 -19.49
C ALA A 421 3.43 -17.09 -18.62
N GLN A 422 3.91 -16.02 -19.24
CA GLN A 422 4.26 -14.81 -18.50
C GLN A 422 4.21 -13.58 -19.38
N MET A 423 3.95 -12.42 -18.78
CA MET A 423 3.95 -11.17 -19.51
C MET A 423 4.98 -10.30 -18.83
N GLU A 424 5.62 -9.42 -19.58
CA GLU A 424 6.57 -8.48 -19.03
C GLU A 424 6.36 -7.20 -19.82
N ILE A 425 6.45 -6.06 -19.13
CA ILE A 425 6.25 -4.79 -19.80
C ILE A 425 6.89 -3.64 -19.06
N TRP A 426 7.36 -2.66 -19.80
CA TRP A 426 7.84 -1.42 -19.21
C TRP A 426 7.18 -0.37 -20.11
N TRP A 427 6.73 0.71 -19.50
CA TRP A 427 6.06 1.74 -20.28
C TRP A 427 6.39 3.10 -19.70
N VAL B 1 -8.18 12.01 -15.84
CA VAL B 1 -7.96 11.90 -14.39
C VAL B 1 -7.15 13.07 -13.86
N ASP B 2 -7.59 13.63 -12.73
CA ASP B 2 -6.90 14.74 -12.08
C ASP B 2 -5.92 14.15 -11.07
N PHE B 3 -4.66 14.57 -11.17
CA PHE B 3 -3.62 14.09 -10.29
C PHE B 3 -3.22 15.27 -9.41
N HIS B 4 -3.35 15.09 -8.10
CA HIS B 4 -3.01 16.13 -7.14
C HIS B 4 -2.37 15.52 -5.91
N GLY B 5 -1.82 16.34 -5.04
CA GLY B 5 -1.23 15.79 -3.84
C GLY B 5 -0.23 16.70 -3.15
N TYR B 6 0.62 16.09 -2.34
CA TYR B 6 1.64 16.79 -1.58
C TYR B 6 2.75 15.79 -1.38
N ALA B 7 3.98 16.27 -1.27
CA ALA B 7 5.10 15.40 -1.03
C ALA B 7 6.30 16.20 -0.57
N ARG B 8 7.08 15.60 0.33
CA ARG B 8 8.32 16.21 0.80
C ARG B 8 9.28 15.04 0.95
N SER B 9 10.53 15.25 0.58
CA SER B 9 11.55 14.21 0.68
C SER B 9 12.91 14.89 0.64
N GLY B 10 13.88 14.38 1.39
CA GLY B 10 15.21 14.97 1.38
C GLY B 10 16.26 14.09 2.03
N ILE B 11 17.45 14.65 2.27
CA ILE B 11 18.54 13.94 2.92
C ILE B 11 19.19 14.96 3.84
N GLY B 12 19.55 14.56 5.05
CA GLY B 12 20.15 15.50 5.98
C GLY B 12 21.21 14.90 6.89
N TRP B 13 21.98 15.77 7.53
CA TRP B 13 23.04 15.36 8.44
C TRP B 13 22.98 16.18 9.73
N THR B 14 23.37 15.56 10.84
CA THR B 14 23.40 16.25 12.13
C THR B 14 24.84 16.66 12.34
N GLY B 15 25.05 17.90 12.75
CA GLY B 15 26.40 18.39 12.94
C GLY B 15 27.31 17.48 13.74
N SER B 16 26.79 16.92 14.83
CA SER B 16 27.58 16.04 15.68
C SER B 16 27.73 14.62 15.17
N GLY B 17 26.99 14.25 14.13
CA GLY B 17 27.11 12.91 13.58
C GLY B 17 25.81 12.24 13.17
N GLY B 18 25.91 11.38 12.16
CA GLY B 18 24.77 10.64 11.66
C GLY B 18 23.73 11.42 10.91
N GLU B 19 22.61 10.76 10.66
CA GLU B 19 21.46 11.31 9.95
C GLU B 19 20.99 12.59 10.62
N GLN B 20 20.13 13.31 9.91
CA GLN B 20 19.52 14.54 10.39
C GLN B 20 18.59 14.20 11.54
N GLN B 21 18.47 15.12 12.49
CA GLN B 21 17.58 14.96 13.64
C GLN B 21 16.68 16.16 13.63
N CYS B 22 15.44 15.99 14.04
CA CYS B 22 14.49 17.08 14.05
C CYS B 22 14.18 17.53 15.45
N PHE B 23 14.01 18.84 15.62
CA PHE B 23 13.81 19.42 16.93
C PHE B 23 12.42 19.96 17.26
N GLN B 24 11.80 19.37 18.28
CA GLN B 24 10.49 19.80 18.77
C GLN B 24 10.50 19.90 20.30
N ALA B 25 9.98 20.99 20.84
CA ALA B 25 9.94 21.19 22.28
C ALA B 25 8.98 20.21 22.94
N THR B 26 9.45 19.50 23.96
CA THR B 26 8.62 18.54 24.71
C THR B 26 7.42 19.31 25.26
N GLY B 27 6.23 18.83 24.94
CA GLY B 27 5.01 19.49 25.40
C GLY B 27 4.35 20.30 24.31
N ALA B 28 5.11 20.70 23.29
CA ALA B 28 4.57 21.49 22.19
C ALA B 28 3.92 20.56 21.19
N GLN B 29 2.81 20.99 20.60
CA GLN B 29 2.11 20.17 19.62
C GLN B 29 2.60 20.34 18.18
N SER B 30 3.69 21.07 17.97
CA SER B 30 4.23 21.28 16.63
C SER B 30 5.67 21.75 16.70
N LYS B 31 6.25 22.00 15.54
CA LYS B 31 7.62 22.49 15.45
C LYS B 31 7.74 23.34 14.20
N TYR B 32 8.77 24.17 14.15
CA TYR B 32 9.02 25.01 13.01
C TYR B 32 9.69 24.09 11.97
N ARG B 33 8.97 23.86 10.88
CA ARG B 33 9.41 22.93 9.85
C ARG B 33 10.57 23.18 8.91
N LEU B 34 10.82 24.41 8.48
CA LEU B 34 11.92 24.65 7.55
C LEU B 34 13.21 23.97 8.01
N GLY B 35 13.72 23.05 7.20
CA GLY B 35 14.94 22.34 7.53
C GLY B 35 14.82 21.64 8.85
N ASN B 36 13.65 21.11 9.12
CA ASN B 36 13.41 20.45 10.39
C ASN B 36 12.32 19.39 10.18
N GLU B 37 12.41 18.73 9.03
CA GLU B 37 11.49 17.64 8.67
C GLU B 37 12.37 16.43 8.39
N CYS B 38 12.06 15.32 9.03
CA CYS B 38 12.88 14.11 8.94
C CYS B 38 12.27 12.87 8.28
N GLU B 39 11.22 13.04 7.49
CA GLU B 39 10.62 11.92 6.80
C GLU B 39 10.17 12.31 5.40
N THR B 40 9.92 11.29 4.59
CA THR B 40 9.41 11.47 3.25
C THR B 40 7.93 11.21 3.44
N TYR B 41 7.11 12.21 3.14
CA TYR B 41 5.68 12.07 3.28
C TYR B 41 5.07 12.45 1.94
N ALA B 42 4.10 11.66 1.48
CA ALA B 42 3.46 11.95 0.21
C ALA B 42 2.01 11.53 0.17
N GLU B 43 1.17 12.37 -0.42
CA GLU B 43 -0.25 12.06 -0.61
C GLU B 43 -0.48 12.09 -2.11
N LEU B 44 -0.96 10.98 -2.65
CA LEU B 44 -1.23 10.91 -4.08
C LEU B 44 -2.74 10.87 -4.25
N LYS B 45 -3.29 11.91 -4.86
CA LYS B 45 -4.71 12.01 -5.11
C LYS B 45 -5.07 11.82 -6.59
N LEU B 46 -6.03 10.96 -6.84
CA LEU B 46 -6.51 10.72 -8.19
C LEU B 46 -8.02 10.94 -8.12
N GLY B 47 -8.49 11.98 -8.80
CA GLY B 47 -9.91 12.29 -8.79
C GLY B 47 -10.44 12.53 -10.19
N GLN B 48 -11.72 12.80 -10.32
CA GLN B 48 -12.31 13.01 -11.62
C GLN B 48 -13.75 13.51 -11.52
N GLU B 49 -14.12 14.43 -12.42
CA GLU B 49 -15.50 14.91 -12.46
C GLU B 49 -16.12 13.82 -13.31
N VAL B 50 -16.86 12.93 -12.69
CA VAL B 50 -17.43 11.81 -13.42
C VAL B 50 -18.73 12.03 -14.15
N TRP B 51 -19.39 13.16 -13.91
CA TRP B 51 -20.66 13.43 -14.57
C TRP B 51 -20.97 14.90 -14.46
N LYS B 52 -21.46 15.46 -15.55
CA LYS B 52 -21.82 16.86 -15.61
C LYS B 52 -22.96 17.03 -16.59
N GLU B 53 -23.95 17.82 -16.20
CA GLU B 53 -25.08 18.07 -17.04
C GLU B 53 -25.63 19.40 -16.58
N GLY B 54 -25.25 20.45 -17.29
CA GLY B 54 -25.69 21.78 -16.96
C GLY B 54 -24.83 22.32 -15.84
N ASP B 55 -25.47 22.74 -14.76
CA ASP B 55 -24.76 23.26 -13.60
C ASP B 55 -24.52 22.15 -12.58
N LYS B 56 -25.09 20.98 -12.84
CA LYS B 56 -24.97 19.84 -11.95
C LYS B 56 -23.77 18.97 -12.29
N SER B 57 -23.08 18.47 -11.27
CA SER B 57 -21.92 17.61 -11.51
C SER B 57 -21.63 16.74 -10.29
N PHE B 58 -20.88 15.67 -10.54
CA PHE B 58 -20.48 14.73 -9.50
C PHE B 58 -18.97 14.63 -9.61
N TYR B 59 -18.28 14.93 -8.51
CA TYR B 59 -16.84 14.82 -8.51
C TYR B 59 -16.45 13.68 -7.57
N PHE B 60 -15.53 12.83 -8.02
CA PHE B 60 -15.06 11.71 -7.22
C PHE B 60 -13.61 11.98 -6.86
N ASP B 61 -13.25 11.83 -5.59
CA ASP B 61 -11.87 12.10 -5.17
C ASP B 61 -11.31 11.00 -4.23
N THR B 62 -10.01 10.74 -4.34
CA THR B 62 -9.36 9.75 -3.50
C THR B 62 -8.06 10.30 -2.95
N ASN B 63 -7.46 9.62 -1.97
CA ASN B 63 -6.20 10.06 -1.39
C ASN B 63 -5.52 8.89 -0.70
N VAL B 64 -4.31 8.56 -1.10
CA VAL B 64 -3.53 7.48 -0.50
C VAL B 64 -2.25 8.14 -0.01
N ALA B 65 -2.01 8.05 1.29
CA ALA B 65 -0.86 8.68 1.93
C ALA B 65 0.25 7.70 2.33
N TYR B 66 1.49 8.11 2.14
CA TYR B 66 2.65 7.30 2.46
C TYR B 66 3.61 8.09 3.33
N SER B 67 4.17 7.42 4.33
CA SER B 67 5.14 8.05 5.21
C SER B 67 6.24 7.02 5.39
N VAL B 68 7.45 7.36 4.96
CA VAL B 68 8.61 6.48 5.10
C VAL B 68 9.75 7.31 5.70
N ASN B 69 10.71 6.64 6.32
CA ASN B 69 11.79 7.34 6.99
C ASN B 69 12.97 7.75 6.15
N GLN B 70 12.88 7.61 4.85
CA GLN B 70 13.99 7.99 3.97
C GLN B 70 15.36 7.55 4.49
N GLN B 71 15.49 6.25 4.77
CA GLN B 71 16.73 5.67 5.27
C GLN B 71 17.31 4.76 4.21
N ASN B 72 16.47 4.34 3.26
CA ASN B 72 16.90 3.44 2.20
C ASN B 72 16.05 3.62 0.96
N ASP B 73 16.44 2.93 -0.11
CA ASP B 73 15.70 2.92 -1.34
C ASP B 73 14.41 2.13 -1.07
N TRP B 74 14.53 0.82 -0.88
CA TRP B 74 13.35 0.01 -0.61
C TRP B 74 12.83 0.22 0.81
N GLU B 75 11.68 0.84 0.95
CA GLU B 75 11.11 1.06 2.27
C GLU B 75 9.63 0.70 2.22
N SER B 76 9.30 -0.45 2.77
CA SER B 76 7.91 -0.91 2.82
C SER B 76 7.11 -0.08 3.82
N THR B 77 5.80 0.03 3.59
CA THR B 77 4.96 0.81 4.48
C THR B 77 3.51 0.39 4.29
N ASP B 78 2.68 0.80 5.23
CA ASP B 78 1.25 0.54 5.17
C ASP B 78 0.65 1.89 4.83
N PRO B 79 0.21 2.06 3.58
CA PRO B 79 -0.38 3.34 3.22
C PRO B 79 -1.68 3.60 3.94
N ALA B 80 -1.97 4.87 4.18
CA ALA B 80 -3.21 5.23 4.83
C ALA B 80 -4.18 5.60 3.72
N PHE B 81 -5.34 4.97 3.66
CA PHE B 81 -6.33 5.30 2.65
C PHE B 81 -7.18 6.37 3.33
N ARG B 82 -6.86 7.64 3.07
CA ARG B 82 -7.54 8.74 3.74
C ARG B 82 -8.77 9.38 3.14
N GLU B 83 -8.92 9.32 1.82
CA GLU B 83 -10.10 9.92 1.21
C GLU B 83 -10.68 9.05 0.15
N ALA B 84 -12.00 9.10 0.02
CA ALA B 84 -12.74 8.35 -0.97
C ALA B 84 -14.14 8.87 -0.76
N ASN B 85 -14.50 9.91 -1.50
CA ASN B 85 -15.82 10.53 -1.38
C ASN B 85 -16.35 11.05 -2.72
N VAL B 86 -17.64 11.34 -2.75
CA VAL B 86 -18.31 11.86 -3.93
C VAL B 86 -18.98 13.16 -3.51
N GLN B 87 -18.86 14.20 -4.35
CA GLN B 87 -19.49 15.49 -4.08
C GLN B 87 -20.41 15.80 -5.25
N GLY B 88 -21.67 16.06 -4.95
CA GLY B 88 -22.65 16.38 -5.98
C GLY B 88 -23.00 17.84 -5.84
N LYS B 89 -22.69 18.64 -6.86
CA LYS B 89 -22.96 20.08 -6.81
C LYS B 89 -24.27 20.41 -7.49
N ASN B 90 -25.03 21.31 -6.89
CA ASN B 90 -26.31 21.77 -7.44
C ASN B 90 -27.35 20.72 -7.68
N LEU B 91 -27.46 19.73 -6.80
CA LEU B 91 -28.44 18.67 -6.98
C LEU B 91 -29.74 18.97 -6.26
N ILE B 92 -29.66 19.81 -5.23
CA ILE B 92 -30.85 20.19 -4.45
C ILE B 92 -31.34 21.53 -4.97
N GLU B 93 -32.38 21.48 -5.78
CA GLU B 93 -32.98 22.69 -6.40
C GLU B 93 -33.24 23.84 -5.44
N TRP B 94 -33.86 23.53 -4.31
CA TRP B 94 -34.18 24.56 -3.33
C TRP B 94 -33.02 25.06 -2.46
N LEU B 95 -31.85 24.48 -2.66
CA LEU B 95 -30.66 24.91 -1.94
C LEU B 95 -29.64 25.08 -3.05
N PRO B 96 -29.90 26.02 -3.97
CA PRO B 96 -29.00 26.28 -5.10
C PRO B 96 -27.57 26.59 -4.69
N GLY B 97 -26.64 25.97 -5.40
CA GLY B 97 -25.22 26.17 -5.13
C GLY B 97 -24.59 25.27 -4.07
N SER B 98 -25.41 24.62 -3.25
CA SER B 98 -24.91 23.76 -2.20
C SER B 98 -24.40 22.46 -2.77
N THR B 99 -23.46 21.84 -2.05
CA THR B 99 -22.87 20.56 -2.45
C THR B 99 -23.18 19.52 -1.37
N ILE B 100 -23.64 18.35 -1.77
CA ILE B 100 -23.90 17.28 -0.81
C ILE B 100 -22.77 16.29 -1.03
N TRP B 101 -22.29 15.66 0.03
CA TRP B 101 -21.19 14.71 -0.12
C TRP B 101 -21.24 13.63 0.96
N ALA B 102 -20.61 12.49 0.67
CA ALA B 102 -20.54 11.38 1.60
C ALA B 102 -19.25 10.63 1.28
N GLY B 103 -18.58 10.12 2.31
CA GLY B 103 -17.35 9.36 2.14
C GLY B 103 -16.24 9.90 3.03
N LYS B 104 -15.06 9.32 2.95
CA LYS B 104 -13.95 9.82 3.74
C LYS B 104 -13.47 11.07 3.05
N ARG B 105 -13.29 12.15 3.79
CA ARG B 105 -12.88 13.38 3.17
C ARG B 105 -12.17 14.36 4.08
N PHE B 106 -11.17 15.04 3.55
CA PHE B 106 -10.49 16.08 4.29
C PHE B 106 -11.51 17.23 4.21
N TYR B 107 -12.24 17.47 5.29
CA TYR B 107 -13.26 18.50 5.29
C TYR B 107 -12.84 19.85 5.83
N GLN B 108 -12.84 20.86 4.96
CA GLN B 108 -12.50 22.25 5.31
C GLN B 108 -11.49 22.44 6.42
N ARG B 109 -10.30 21.89 6.25
CA ARG B 109 -9.23 21.97 7.23
C ARG B 109 -8.60 23.36 7.28
N HIS B 110 -8.23 23.81 8.48
CA HIS B 110 -7.57 25.11 8.65
C HIS B 110 -6.24 24.81 9.32
N ASP B 111 -5.14 25.31 8.78
CA ASP B 111 -3.83 25.04 9.33
C ASP B 111 -2.87 26.22 9.18
N VAL B 112 -1.74 26.15 9.86
CA VAL B 112 -0.69 27.17 9.78
C VAL B 112 0.50 26.47 9.11
N HIS B 113 0.76 26.78 7.86
CA HIS B 113 1.81 26.09 7.13
C HIS B 113 3.16 25.98 7.80
N MET B 114 3.74 27.09 8.25
CA MET B 114 5.08 27.03 8.79
C MET B 114 5.34 26.14 10.01
N ILE B 115 4.30 25.81 10.78
CA ILE B 115 4.47 24.93 11.92
C ILE B 115 3.73 23.63 11.66
N ASP B 116 3.20 23.50 10.44
CA ASP B 116 2.44 22.32 10.01
C ASP B 116 1.41 21.96 11.06
N PHE B 117 0.69 22.97 11.54
CA PHE B 117 -0.28 22.81 12.60
C PHE B 117 -1.70 23.02 12.14
N TYR B 118 -2.54 22.00 12.29
CA TYR B 118 -3.95 22.10 11.93
C TYR B 118 -4.73 22.49 13.17
N TYR B 119 -5.55 23.52 13.09
CA TYR B 119 -6.30 23.93 14.25
C TYR B 119 -7.79 23.71 14.14
N TRP B 120 -8.23 23.27 12.97
CA TRP B 120 -9.64 22.99 12.78
C TRP B 120 -9.61 21.90 11.74
N ASP B 121 -9.79 20.66 12.19
CA ASP B 121 -9.72 19.52 11.32
C ASP B 121 -10.56 18.37 11.84
N ILE B 122 -11.75 18.21 11.27
CA ILE B 122 -12.65 17.14 11.66
C ILE B 122 -12.73 16.08 10.56
N SER B 123 -11.69 16.00 9.73
CA SER B 123 -11.63 15.05 8.62
C SER B 123 -11.84 13.60 9.05
N GLY B 124 -12.41 12.80 8.14
CA GLY B 124 -12.63 11.40 8.44
C GLY B 124 -13.87 10.94 7.73
N PRO B 125 -14.39 9.76 8.04
CA PRO B 125 -15.61 9.29 7.37
C PRO B 125 -16.72 10.28 7.74
N GLY B 126 -17.57 10.64 6.79
CA GLY B 126 -18.62 11.59 7.10
C GLY B 126 -19.57 11.86 5.98
N ALA B 127 -20.39 12.89 6.16
CA ALA B 127 -21.36 13.29 5.16
C ALA B 127 -21.83 14.67 5.58
N GLY B 128 -22.37 15.44 4.63
CA GLY B 128 -22.85 16.77 4.95
C GLY B 128 -23.33 17.53 3.75
N ILE B 129 -23.72 18.78 3.95
CA ILE B 129 -24.15 19.64 2.86
C ILE B 129 -23.49 20.96 3.14
N GLU B 130 -22.71 21.42 2.19
CA GLU B 130 -21.99 22.66 2.37
C GLU B 130 -22.38 23.70 1.37
N ASN B 131 -22.02 24.93 1.70
CA ASN B 131 -22.26 26.11 0.88
C ASN B 131 -23.72 26.40 0.61
N ILE B 132 -24.52 26.38 1.67
CA ILE B 132 -25.92 26.74 1.55
C ILE B 132 -25.85 28.27 1.63
N ASP B 133 -26.34 28.94 0.59
CA ASP B 133 -26.30 30.39 0.54
C ASP B 133 -27.36 31.04 1.38
N LEU B 134 -26.94 31.82 2.37
CA LEU B 134 -27.86 32.54 3.25
C LEU B 134 -27.93 34.03 2.87
N GLY B 135 -27.27 34.39 1.77
CA GLY B 135 -27.27 35.76 1.34
C GLY B 135 -26.13 36.49 2.02
N PHE B 136 -26.20 36.61 3.34
CA PHE B 136 -25.15 37.29 4.09
C PHE B 136 -23.99 36.34 4.44
N GLY B 137 -24.07 35.09 4.00
CA GLY B 137 -23.00 34.13 4.28
C GLY B 137 -23.34 32.74 3.80
N LYS B 138 -22.38 31.82 3.94
CA LYS B 138 -22.60 30.43 3.53
C LYS B 138 -22.66 29.53 4.74
N LEU B 139 -23.66 28.64 4.75
CA LEU B 139 -23.86 27.71 5.84
C LEU B 139 -23.46 26.30 5.41
N SER B 140 -22.74 25.61 6.29
CA SER B 140 -22.31 24.24 6.02
C SER B 140 -22.59 23.36 7.24
N LEU B 141 -23.15 22.19 7.00
CA LEU B 141 -23.46 21.26 8.06
C LEU B 141 -22.77 19.95 7.75
N ALA B 142 -22.16 19.33 8.75
CA ALA B 142 -21.48 18.05 8.54
C ALA B 142 -21.42 17.19 9.79
N ALA B 143 -21.26 15.90 9.59
CA ALA B 143 -21.15 14.93 10.67
C ALA B 143 -20.00 14.04 10.27
N THR B 144 -18.97 13.93 11.11
CA THR B 144 -17.86 13.05 10.80
C THR B 144 -17.62 12.13 11.98
N ARG B 145 -16.78 11.12 11.80
CA ARG B 145 -16.48 10.16 12.84
C ARG B 145 -15.01 9.92 13.08
N SER B 146 -14.68 9.59 14.33
CA SER B 146 -13.34 9.22 14.74
C SER B 146 -13.58 8.07 15.74
N THR B 147 -12.55 7.28 16.02
CA THR B 147 -12.69 6.16 16.92
C THR B 147 -11.48 6.03 17.84
N GLU B 148 -11.79 5.80 19.12
CA GLU B 148 -10.76 5.63 20.13
C GLU B 148 -10.58 4.15 20.35
N ALA B 149 -9.38 3.76 20.77
CA ALA B 149 -9.11 2.37 21.03
C ALA B 149 -9.69 2.02 22.40
N GLY B 150 -10.48 0.96 22.47
CA GLY B 150 -11.08 0.53 23.72
C GLY B 150 -12.02 1.59 24.25
N GLY B 151 -12.22 1.61 25.56
CA GLY B 151 -13.09 2.62 26.15
C GLY B 151 -14.52 2.20 26.36
N SER B 152 -14.95 1.13 25.69
CA SER B 152 -16.32 0.63 25.85
C SER B 152 -16.24 -0.79 26.40
N TYR B 153 -16.91 -1.00 27.53
CA TYR B 153 -16.88 -2.28 28.21
C TYR B 153 -18.25 -2.84 28.55
N THR B 154 -18.36 -4.16 28.53
CA THR B 154 -19.59 -4.84 28.91
C THR B 154 -19.36 -5.21 30.39
N PHE B 155 -19.75 -4.31 31.28
CA PHE B 155 -19.56 -4.53 32.71
C PHE B 155 -20.47 -5.59 33.30
N SER B 156 -19.88 -6.56 34.00
CA SER B 156 -20.64 -7.64 34.65
C SER B 156 -21.01 -7.20 36.08
N SER B 157 -20.02 -6.76 36.84
CA SER B 157 -20.26 -6.31 38.20
C SER B 157 -19.28 -5.21 38.50
N GLN B 158 -19.80 -4.07 38.97
CA GLN B 158 -18.96 -2.92 39.32
C GLN B 158 -18.10 -2.52 38.13
N ASN B 159 -16.78 -2.64 38.26
CA ASN B 159 -15.86 -2.27 37.18
C ASN B 159 -15.15 -3.48 36.56
N ILE B 160 -15.81 -4.62 36.65
CA ILE B 160 -15.27 -5.85 36.08
C ILE B 160 -16.09 -6.00 34.80
N TYR B 161 -15.42 -6.29 33.69
CA TYR B 161 -16.09 -6.41 32.41
C TYR B 161 -15.71 -7.70 31.69
N ASP B 162 -16.56 -8.11 30.74
CA ASP B 162 -16.31 -9.30 29.95
C ASP B 162 -15.59 -8.90 28.68
N GLU B 163 -16.14 -7.92 27.96
CA GLU B 163 -15.56 -7.47 26.71
C GLU B 163 -15.32 -5.97 26.61
N VAL B 164 -14.32 -5.63 25.81
CA VAL B 164 -13.94 -4.25 25.52
C VAL B 164 -14.28 -4.04 24.06
N LYS B 165 -14.36 -2.79 23.65
CA LYS B 165 -14.69 -2.45 22.27
C LYS B 165 -14.14 -1.06 22.03
N ASP B 166 -13.88 -0.72 20.77
CA ASP B 166 -13.41 0.61 20.41
C ASP B 166 -14.61 1.55 20.50
N THR B 167 -14.35 2.79 20.85
CA THR B 167 -15.43 3.77 21.03
C THR B 167 -15.55 4.82 19.91
N ALA B 168 -16.69 4.81 19.24
CA ALA B 168 -16.99 5.75 18.17
C ALA B 168 -17.28 7.10 18.76
N ASN B 169 -16.75 8.15 18.15
CA ASN B 169 -16.98 9.53 18.60
C ASN B 169 -17.54 10.29 17.42
N ASP B 170 -18.76 10.81 17.59
CA ASP B 170 -19.43 11.55 16.52
C ASP B 170 -19.24 13.04 16.73
N VAL B 171 -19.07 13.77 15.63
CA VAL B 171 -18.94 15.22 15.68
C VAL B 171 -19.98 15.78 14.75
N PHE B 172 -20.67 16.82 15.21
CA PHE B 172 -21.70 17.48 14.44
C PHE B 172 -21.16 18.90 14.34
N ASP B 173 -20.93 19.31 13.10
CA ASP B 173 -20.27 20.56 12.77
C ASP B 173 -21.14 21.53 11.98
N VAL B 174 -21.16 22.79 12.41
CA VAL B 174 -21.94 23.84 11.75
C VAL B 174 -21.04 25.05 11.57
N ARG B 175 -21.00 25.57 10.34
CA ARG B 175 -20.15 26.70 10.05
C ARG B 175 -20.89 27.77 9.24
N LEU B 176 -20.60 29.03 9.53
CA LEU B 176 -21.18 30.14 8.82
C LEU B 176 -19.98 30.95 8.38
N ALA B 177 -19.76 31.01 7.09
CA ALA B 177 -18.60 31.74 6.59
C ALA B 177 -18.96 32.87 5.66
N GLY B 178 -17.98 33.74 5.43
CA GLY B 178 -18.18 34.84 4.52
C GLY B 178 -18.90 36.04 5.05
N LEU B 179 -18.91 36.23 6.37
CA LEU B 179 -19.58 37.39 6.95
C LEU B 179 -18.66 38.57 6.70
N GLN B 180 -19.14 39.54 5.93
CA GLN B 180 -18.37 40.74 5.64
C GLN B 180 -18.45 41.66 6.86
N THR B 181 -17.38 41.73 7.63
CA THR B 181 -17.35 42.55 8.81
C THR B 181 -16.77 43.94 8.59
N ASN B 182 -15.85 44.06 7.65
CA ASN B 182 -15.21 45.33 7.38
C ASN B 182 -14.58 45.23 6.01
N PRO B 183 -14.17 46.36 5.44
CA PRO B 183 -13.55 46.31 4.10
C PRO B 183 -12.36 45.35 4.07
N ASP B 184 -12.46 44.39 3.14
CA ASP B 184 -11.43 43.37 2.96
C ASP B 184 -11.31 42.43 4.15
N GLY B 185 -12.32 42.43 5.01
CA GLY B 185 -12.32 41.57 6.18
C GLY B 185 -13.52 40.65 6.13
N VAL B 186 -13.32 39.39 6.45
CA VAL B 186 -14.40 38.42 6.46
C VAL B 186 -14.28 37.60 7.74
N LEU B 187 -15.43 37.13 8.23
CA LEU B 187 -15.49 36.35 9.46
C LEU B 187 -16.21 35.03 9.27
N GLU B 188 -15.68 33.99 9.90
CA GLU B 188 -16.29 32.66 9.86
C GLU B 188 -16.46 32.20 11.29
N LEU B 189 -17.63 31.65 11.57
CA LEU B 189 -18.01 31.16 12.89
C LEU B 189 -18.30 29.67 12.76
N GLY B 190 -17.88 28.88 13.74
CA GLY B 190 -18.15 27.46 13.68
C GLY B 190 -18.36 26.88 15.05
N VAL B 191 -19.25 25.91 15.16
CA VAL B 191 -19.55 25.23 16.42
C VAL B 191 -19.42 23.74 16.19
N ASP B 192 -18.81 23.04 17.14
CA ASP B 192 -18.65 21.61 17.05
C ASP B 192 -19.12 20.96 18.35
N TYR B 193 -19.97 19.95 18.21
CA TYR B 193 -20.42 19.19 19.37
C TYR B 193 -20.07 17.74 19.11
N GLY B 194 -19.27 17.16 19.99
CA GLY B 194 -18.87 15.76 19.83
C GLY B 194 -19.16 14.89 21.04
N ARG B 195 -19.47 13.62 20.82
CA ARG B 195 -19.75 12.75 21.95
C ARG B 195 -19.43 11.30 21.66
N ALA B 196 -19.02 10.57 22.68
CA ALA B 196 -18.73 9.14 22.52
C ALA B 196 -20.10 8.55 22.38
N ASN B 197 -20.22 7.62 21.44
CA ASN B 197 -21.47 6.96 21.13
C ASN B 197 -21.23 5.47 21.27
N THR B 198 -21.60 4.91 22.41
CA THR B 198 -21.40 3.49 22.71
C THR B 198 -22.45 2.53 22.14
N THR B 199 -21.98 1.35 21.79
CA THR B 199 -22.81 0.28 21.26
C THR B 199 -23.69 -0.18 22.41
N ASP B 200 -24.90 -0.64 22.11
CA ASP B 200 -25.80 -1.12 23.16
C ASP B 200 -25.15 -2.26 23.95
N GLY B 201 -25.22 -2.17 25.27
CA GLY B 201 -24.63 -3.17 26.12
C GLY B 201 -23.29 -2.74 26.68
N TYR B 202 -22.60 -1.87 25.96
CA TYR B 202 -21.31 -1.38 26.39
C TYR B 202 -21.46 -0.05 27.09
N LYS B 203 -20.51 0.27 27.96
CA LYS B 203 -20.54 1.52 28.69
C LYS B 203 -19.12 2.02 28.83
N LEU B 204 -19.00 3.31 29.08
CA LEU B 204 -17.70 3.92 29.29
C LEU B 204 -17.35 3.71 30.78
N ALA B 205 -16.06 3.62 31.11
CA ALA B 205 -15.63 3.46 32.48
C ALA B 205 -16.03 4.73 33.24
N ASP B 206 -16.02 4.67 34.57
CA ASP B 206 -16.38 5.83 35.38
C ASP B 206 -15.43 7.01 35.19
N GLY B 207 -16.01 8.21 35.11
CA GLY B 207 -15.20 9.41 34.96
C GLY B 207 -14.95 9.91 33.56
N ALA B 208 -15.32 9.12 32.55
CA ALA B 208 -15.13 9.52 31.15
C ALA B 208 -15.91 10.79 30.90
N SER B 209 -15.27 11.76 30.22
CA SER B 209 -15.90 13.04 29.91
C SER B 209 -17.11 12.88 29.00
N LYS B 210 -17.07 11.88 28.11
CA LYS B 210 -18.16 11.58 27.19
C LYS B 210 -18.44 12.57 26.06
N ASP B 211 -18.52 13.86 26.35
CA ASP B 211 -18.80 14.81 25.30
C ASP B 211 -18.11 16.16 25.48
N GLY B 212 -18.38 17.09 24.56
CA GLY B 212 -17.74 18.39 24.65
C GLY B 212 -18.13 19.32 23.51
N TRP B 213 -17.68 20.57 23.59
CA TRP B 213 -17.99 21.58 22.59
C TRP B 213 -16.72 22.30 22.18
N MET B 214 -16.77 22.88 20.99
CA MET B 214 -15.66 23.70 20.52
C MET B 214 -16.26 24.81 19.69
N PHE B 215 -15.78 26.03 19.93
CA PHE B 215 -16.26 27.20 19.23
C PHE B 215 -15.07 27.84 18.53
N THR B 216 -15.26 28.23 17.27
CA THR B 216 -14.22 28.85 16.48
C THR B 216 -14.69 30.12 15.81
N ALA B 217 -13.83 31.14 15.84
CA ALA B 217 -14.09 32.41 15.18
C ALA B 217 -12.82 32.72 14.44
N GLU B 218 -12.90 32.88 13.12
CA GLU B 218 -11.72 33.17 12.32
C GLU B 218 -11.98 34.37 11.43
N HIS B 219 -11.14 35.38 11.57
CA HIS B 219 -11.27 36.57 10.75
C HIS B 219 -10.11 36.63 9.76
N THR B 220 -10.45 36.79 8.49
CA THR B 220 -9.44 36.89 7.44
C THR B 220 -9.43 38.30 6.89
N GLN B 221 -8.26 38.93 6.88
CA GLN B 221 -8.13 40.29 6.37
C GLN B 221 -7.15 40.25 5.21
N SER B 222 -7.60 40.67 4.03
CA SER B 222 -6.75 40.70 2.85
C SER B 222 -5.93 41.97 2.89
N MET B 223 -4.63 41.83 2.66
CA MET B 223 -3.73 42.97 2.68
C MET B 223 -2.37 42.55 2.20
N LEU B 224 -1.55 43.55 1.84
CA LEU B 224 -0.20 43.33 1.36
C LEU B 224 -0.06 42.13 0.44
N LYS B 225 -1.01 41.99 -0.48
CA LYS B 225 -1.01 40.88 -1.44
C LYS B 225 -0.94 39.50 -0.77
N GLY B 226 -1.61 39.43 0.38
CA GLY B 226 -1.66 38.22 1.16
C GLY B 226 -2.81 38.35 2.16
N TYR B 227 -2.61 37.82 3.36
CA TYR B 227 -3.65 37.88 4.37
C TYR B 227 -3.08 37.77 5.76
N ASN B 228 -4.01 37.90 6.69
CA ASN B 228 -3.74 37.77 8.10
C ASN B 228 -5.00 37.15 8.65
N LYS B 229 -4.84 36.07 9.40
CA LYS B 229 -5.98 35.40 9.98
C LYS B 229 -5.84 35.48 11.48
N PHE B 230 -6.94 35.84 12.11
CA PHE B 230 -6.98 35.95 13.56
C PHE B 230 -8.00 34.91 14.02
N VAL B 231 -7.54 33.96 14.82
CA VAL B 231 -8.38 32.89 15.31
C VAL B 231 -8.52 32.83 16.84
N VAL B 232 -9.72 32.53 17.30
CA VAL B 232 -9.98 32.37 18.71
C VAL B 232 -10.81 31.10 18.79
N GLN B 233 -10.38 30.18 19.65
CA GLN B 233 -11.10 28.93 19.82
C GLN B 233 -11.16 28.58 21.29
N TYR B 234 -12.26 27.96 21.67
CA TYR B 234 -12.49 27.55 23.04
C TYR B 234 -13.07 26.17 22.96
N ALA B 235 -12.41 25.22 23.60
CA ALA B 235 -12.88 23.85 23.57
C ALA B 235 -13.18 23.40 24.97
N THR B 236 -13.99 22.37 25.03
CA THR B 236 -14.45 21.89 26.30
C THR B 236 -14.40 20.39 26.39
N ASP B 237 -13.94 19.90 27.54
CA ASP B 237 -13.87 18.49 27.87
C ASP B 237 -13.34 17.55 26.79
N ALA B 238 -14.22 16.69 26.28
CA ALA B 238 -13.85 15.70 25.25
C ALA B 238 -13.16 16.28 24.03
N MET B 239 -13.38 17.58 23.76
CA MET B 239 -12.78 18.26 22.62
C MET B 239 -11.39 18.84 22.91
N THR B 240 -10.88 18.70 24.13
CA THR B 240 -9.58 19.26 24.47
C THR B 240 -8.39 18.38 24.14
N THR B 241 -8.59 17.07 24.04
CA THR B 241 -7.49 16.18 23.74
C THR B 241 -6.94 16.35 22.33
N GLN B 242 -7.76 16.12 21.33
CA GLN B 242 -7.32 16.31 19.94
C GLN B 242 -7.17 17.82 19.70
N GLY B 243 -8.13 18.59 20.19
CA GLY B 243 -8.08 20.04 20.09
C GLY B 243 -8.23 20.69 18.73
N LYS B 244 -8.83 19.98 17.78
CA LYS B 244 -9.03 20.50 16.42
C LYS B 244 -10.46 20.27 15.95
N GLY B 245 -11.32 19.80 16.84
CA GLY B 245 -12.70 19.58 16.46
C GLY B 245 -13.18 18.15 16.56
N GLN B 246 -12.26 17.20 16.72
CA GLN B 246 -12.65 15.80 16.86
C GLN B 246 -12.81 15.48 18.36
N ALA B 247 -13.75 14.61 18.69
CA ALA B 247 -14.01 14.23 20.09
C ALA B 247 -13.26 12.99 20.58
N ARG B 248 -12.73 13.09 21.80
CA ARG B 248 -12.02 12.00 22.48
C ARG B 248 -12.79 11.82 23.82
N GLY B 249 -14.00 11.25 23.74
CA GLY B 249 -14.85 11.09 24.90
C GLY B 249 -14.54 10.03 25.93
N SER B 250 -13.70 9.06 25.57
CA SER B 250 -13.32 8.02 26.50
C SER B 250 -11.83 8.12 26.75
N ASP B 251 -11.25 9.27 26.41
CA ASP B 251 -9.82 9.48 26.56
C ASP B 251 -9.43 9.30 28.01
N GLY B 252 -8.40 8.50 28.25
CA GLY B 252 -7.94 8.25 29.61
C GLY B 252 -8.30 6.89 30.18
N SER B 253 -9.07 6.10 29.43
CA SER B 253 -9.46 4.78 29.89
C SER B 253 -8.31 3.80 29.83
N SER B 254 -8.40 2.78 30.67
CA SER B 254 -7.39 1.73 30.74
C SER B 254 -7.98 0.57 31.53
N SER B 255 -7.37 -0.60 31.40
CA SER B 255 -7.84 -1.77 32.11
C SER B 255 -6.69 -2.74 32.38
N PHE B 256 -6.92 -3.65 33.32
CA PHE B 256 -5.93 -4.66 33.66
C PHE B 256 -6.66 -5.95 33.97
N THR B 257 -6.08 -7.04 33.50
CA THR B 257 -6.65 -8.36 33.69
C THR B 257 -5.74 -9.21 34.54
N GLU B 258 -6.36 -10.00 35.42
CA GLU B 258 -5.65 -10.91 36.29
C GLU B 258 -6.44 -12.23 36.43
N LYS B 265 -8.24 -14.67 35.16
CA LYS B 265 -8.58 -13.58 34.21
C LYS B 265 -9.88 -12.89 34.54
N ILE B 266 -9.75 -11.81 35.30
CA ILE B 266 -10.86 -10.95 35.69
C ILE B 266 -10.41 -9.62 35.15
N ASN B 267 -11.23 -9.01 34.31
CA ASN B 267 -10.90 -7.75 33.68
C ASN B 267 -11.41 -6.56 34.49
N TYR B 268 -10.51 -5.65 34.80
CA TYR B 268 -10.86 -4.46 35.56
C TYR B 268 -10.66 -3.21 34.75
N ALA B 269 -11.70 -2.40 34.67
CA ALA B 269 -11.63 -1.15 33.95
C ALA B 269 -11.27 -0.07 34.94
N ASN B 270 -10.06 0.47 34.84
CA ASN B 270 -9.63 1.53 35.75
C ASN B 270 -10.49 2.76 35.57
N LYS B 271 -10.43 3.65 36.55
CA LYS B 271 -11.20 4.88 36.45
C LYS B 271 -10.47 5.72 35.42
N VAL B 272 -11.25 6.30 34.54
CA VAL B 272 -10.74 7.12 33.45
C VAL B 272 -10.04 8.37 33.94
N ILE B 273 -8.79 8.55 33.54
CA ILE B 273 -8.07 9.78 33.88
C ILE B 273 -8.46 10.71 32.71
N ASN B 274 -9.65 11.28 32.84
CA ASN B 274 -10.29 12.13 31.83
C ASN B 274 -9.67 13.45 31.39
N ASN B 275 -10.28 14.01 30.34
CA ASN B 275 -9.85 15.27 29.75
C ASN B 275 -10.85 16.39 30.08
N ASN B 276 -11.55 16.28 31.21
CA ASN B 276 -12.48 17.33 31.60
C ASN B 276 -11.61 18.54 31.84
N GLY B 277 -12.06 19.68 31.32
CA GLY B 277 -11.33 20.92 31.45
C GLY B 277 -11.71 21.80 30.27
N ASN B 278 -10.82 22.70 29.89
CA ASN B 278 -11.13 23.57 28.77
C ASN B 278 -9.87 23.99 28.08
N MET B 279 -10.01 24.43 26.84
CA MET B 279 -8.87 24.91 26.08
C MET B 279 -9.17 26.24 25.44
N TRP B 280 -8.18 27.11 25.47
CA TRP B 280 -8.25 28.43 24.89
C TRP B 280 -7.12 28.50 23.90
N ARG B 281 -7.43 28.90 22.68
CA ARG B 281 -6.41 29.06 21.65
C ARG B 281 -6.64 30.41 20.97
N ILE B 282 -5.63 31.26 21.03
CA ILE B 282 -5.67 32.57 20.39
C ILE B 282 -4.48 32.48 19.44
N LEU B 283 -4.80 32.58 18.15
CA LEU B 283 -3.82 32.43 17.09
C LEU B 283 -3.91 33.55 16.09
N ASP B 284 -2.76 33.91 15.56
CA ASP B 284 -2.68 34.92 14.53
C ASP B 284 -1.52 34.55 13.63
N HIS B 285 -1.83 34.33 12.36
CA HIS B 285 -0.82 33.96 11.37
C HIS B 285 -1.14 34.60 10.05
N GLY B 286 -0.15 34.67 9.17
CA GLY B 286 -0.39 35.28 7.89
C GLY B 286 0.78 35.12 6.95
N ALA B 287 0.61 35.66 5.76
CA ALA B 287 1.60 35.62 4.69
C ALA B 287 1.34 36.88 3.88
N ILE B 288 2.34 37.74 3.78
CA ILE B 288 2.20 39.00 3.07
C ILE B 288 3.45 39.29 2.26
N SER B 289 3.35 40.25 1.33
CA SER B 289 4.50 40.67 0.52
C SER B 289 4.90 42.08 0.92
N LEU B 290 6.18 42.24 1.24
CA LEU B 290 6.74 43.53 1.62
C LEU B 290 7.53 44.05 0.43
N GLY B 291 6.83 44.56 -0.57
CA GLY B 291 7.51 45.06 -1.73
C GLY B 291 7.78 44.00 -2.78
N ASP B 292 8.79 44.27 -3.60
CA ASP B 292 9.13 43.36 -4.68
C ASP B 292 10.04 42.22 -4.31
N LYS B 293 10.93 42.43 -3.35
CA LYS B 293 11.90 41.42 -2.96
C LYS B 293 11.61 40.61 -1.71
N TRP B 294 10.56 40.97 -0.97
CA TRP B 294 10.29 40.29 0.28
C TRP B 294 8.94 39.71 0.48
N ASP B 295 8.91 38.48 0.96
CA ASP B 295 7.67 37.81 1.31
C ASP B 295 7.85 37.45 2.77
N LEU B 296 6.77 37.34 3.53
CA LEU B 296 6.88 37.02 4.94
C LEU B 296 5.74 36.17 5.47
N MET B 297 6.09 35.10 6.15
CA MET B 297 5.11 34.22 6.80
C MET B 297 5.37 34.43 8.30
N TYR B 298 4.32 34.43 9.12
CA TYR B 298 4.50 34.61 10.56
C TYR B 298 3.39 33.92 11.36
N VAL B 299 3.70 33.54 12.60
CA VAL B 299 2.71 32.92 13.49
C VAL B 299 2.93 33.44 14.87
N GLY B 300 1.85 33.49 15.62
CA GLY B 300 1.89 33.90 17.00
C GLY B 300 0.75 33.14 17.64
N MET B 301 1.01 32.28 18.61
CA MET B 301 -0.06 31.53 19.24
C MET B 301 0.11 31.25 20.71
N TYR B 302 -1.02 31.32 21.40
CA TYR B 302 -1.12 31.05 22.82
C TYR B 302 -2.17 29.96 22.95
N GLN B 303 -1.79 28.84 23.54
CA GLN B 303 -2.74 27.75 23.74
C GLN B 303 -2.65 27.26 25.17
N ASN B 304 -3.79 27.21 25.85
CA ASN B 304 -3.85 26.78 27.23
C ASN B 304 -4.85 25.66 27.42
N ILE B 305 -4.34 24.49 27.75
CA ILE B 305 -5.19 23.33 27.99
C ILE B 305 -5.24 23.20 29.51
N ASP B 306 -6.34 23.66 30.09
CA ASP B 306 -6.56 23.63 31.53
C ASP B 306 -7.40 22.42 31.91
N TRP B 307 -6.75 21.38 32.36
CA TRP B 307 -7.48 20.19 32.74
C TRP B 307 -7.74 20.15 34.21
N ASP B 308 -8.88 19.58 34.56
CA ASP B 308 -9.26 19.45 35.95
C ASP B 308 -8.23 18.60 36.70
N ASN B 309 -7.71 17.57 36.06
CA ASN B 309 -6.70 16.73 36.70
C ASN B 309 -5.31 17.38 36.77
N ASN B 310 -5.21 18.63 36.34
CA ASN B 310 -3.94 19.40 36.34
C ASN B 310 -2.77 18.83 35.52
N LEU B 311 -3.10 18.04 34.50
CA LEU B 311 -2.08 17.45 33.66
C LEU B 311 -1.91 18.18 32.32
N GLY B 312 -2.51 19.36 32.19
CA GLY B 312 -2.42 20.13 30.95
C GLY B 312 -1.12 20.87 30.68
N THR B 313 -1.17 21.83 29.75
CA THR B 313 0.00 22.64 29.36
C THR B 313 -0.39 24.03 28.87
N GLU B 314 0.51 24.99 29.04
CA GLU B 314 0.29 26.36 28.60
C GLU B 314 1.41 26.56 27.60
N TRP B 315 1.05 26.85 26.36
CA TRP B 315 2.03 26.96 25.28
C TRP B 315 2.02 28.28 24.51
N TRP B 316 3.21 28.81 24.31
CA TRP B 316 3.45 30.06 23.59
C TRP B 316 4.36 29.74 22.44
N THR B 317 4.00 30.16 21.24
CA THR B 317 4.86 29.92 20.09
C THR B 317 4.84 31.13 19.16
N VAL B 318 6.00 31.54 18.70
CA VAL B 318 6.12 32.69 17.82
C VAL B 318 7.21 32.39 16.82
N GLY B 319 6.97 32.75 15.57
CA GLY B 319 7.97 32.49 14.57
C GLY B 319 7.77 33.41 13.39
N VAL B 320 8.82 33.57 12.63
CA VAL B 320 8.78 34.43 11.47
C VAL B 320 9.62 33.79 10.37
N ARG B 321 9.15 33.91 9.13
CA ARG B 321 9.86 33.34 7.98
C ARG B 321 9.89 34.30 6.79
N PRO B 322 10.92 35.16 6.75
CA PRO B 322 11.03 36.11 5.64
C PRO B 322 11.70 35.45 4.43
N MET B 323 11.33 35.87 3.22
CA MET B 323 11.90 35.34 1.99
C MET B 323 12.44 36.49 1.15
N TYR B 324 13.70 36.40 0.77
CA TYR B 324 14.31 37.43 -0.05
C TYR B 324 14.49 36.85 -1.44
N LYS B 325 13.92 37.55 -2.42
CA LYS B 325 13.96 37.09 -3.79
C LYS B 325 15.13 37.62 -4.61
N TRP B 326 16.18 36.82 -4.74
CA TRP B 326 17.33 37.22 -5.54
C TRP B 326 16.89 37.36 -6.99
N THR B 327 16.21 36.33 -7.49
CA THR B 327 15.69 36.30 -8.86
C THR B 327 14.30 35.69 -8.73
N PRO B 328 13.55 35.61 -9.83
CA PRO B 328 12.20 35.04 -9.73
C PRO B 328 12.16 33.58 -9.28
N ILE B 329 13.22 32.82 -9.53
CA ILE B 329 13.22 31.41 -9.13
C ILE B 329 14.21 31.08 -8.03
N MET B 330 14.96 32.06 -7.54
CA MET B 330 15.92 31.76 -6.50
C MET B 330 15.77 32.72 -5.35
N SER B 331 15.85 32.19 -4.14
CA SER B 331 15.68 33.01 -2.97
C SER B 331 16.40 32.45 -1.76
N THR B 332 16.47 33.27 -0.73
CA THR B 332 17.08 32.89 0.52
C THR B 332 15.99 33.00 1.55
N LEU B 333 15.81 31.94 2.34
CA LEU B 333 14.81 31.92 3.40
C LEU B 333 15.46 31.82 4.76
N LEU B 334 14.82 32.45 5.73
CA LEU B 334 15.28 32.42 7.10
C LEU B 334 14.05 32.11 7.92
N GLU B 335 14.19 31.21 8.88
CA GLU B 335 13.08 30.89 9.74
C GLU B 335 13.56 30.88 11.17
N VAL B 336 12.88 31.65 12.01
CA VAL B 336 13.21 31.74 13.41
C VAL B 336 11.93 31.45 14.19
N GLY B 337 11.98 30.45 15.05
CA GLY B 337 10.81 30.11 15.83
C GLY B 337 11.15 29.86 17.28
N TYR B 338 10.23 30.22 18.16
CA TYR B 338 10.39 30.06 19.58
C TYR B 338 9.18 29.39 20.21
N ASP B 339 9.44 28.40 21.06
CA ASP B 339 8.40 27.68 21.77
C ASP B 339 8.66 27.73 23.26
N ASN B 340 7.61 27.91 24.04
CA ASN B 340 7.71 27.92 25.50
C ASN B 340 6.50 27.19 26.03
N VAL B 341 6.71 26.06 26.69
CA VAL B 341 5.62 25.23 27.24
C VAL B 341 5.73 25.03 28.74
N LYS B 342 4.66 25.39 29.45
CA LYS B 342 4.63 25.25 30.90
C LYS B 342 3.76 24.06 31.28
N SER B 343 4.33 23.12 32.05
CA SER B 343 3.57 21.96 32.51
C SER B 343 2.57 22.44 33.54
N GLN B 344 1.30 22.13 33.35
CA GLN B 344 0.29 22.58 34.32
C GLN B 344 0.56 21.85 35.63
N GLN B 345 1.00 20.60 35.50
CA GLN B 345 1.27 19.74 36.64
C GLN B 345 2.42 20.19 37.54
N THR B 346 3.62 20.32 36.99
CA THR B 346 4.77 20.72 37.78
C THR B 346 5.06 22.21 37.79
N GLY B 347 4.50 22.95 36.85
CA GLY B 347 4.73 24.40 36.79
C GLY B 347 6.05 24.78 36.14
N ASP B 348 6.84 23.80 35.71
CA ASP B 348 8.12 24.05 35.06
C ASP B 348 7.93 24.43 33.59
N ARG B 349 8.93 25.08 33.01
CA ARG B 349 8.86 25.50 31.63
C ARG B 349 9.93 24.91 30.76
N ASN B 350 9.54 24.58 29.53
CA ASN B 350 10.45 24.05 28.52
C ASN B 350 10.49 25.11 27.43
N ASN B 351 11.66 25.36 26.88
CA ASN B 351 11.72 26.30 25.79
C ASN B 351 12.76 25.91 24.74
N GLN B 352 12.50 26.36 23.51
CA GLN B 352 13.38 26.09 22.39
C GLN B 352 13.28 27.18 21.36
N TYR B 353 14.40 27.48 20.75
CA TYR B 353 14.39 28.43 19.67
C TYR B 353 15.25 27.81 18.59
N LYS B 354 14.77 27.91 17.36
CA LYS B 354 15.50 27.35 16.24
C LYS B 354 15.62 28.41 15.15
N ILE B 355 16.78 28.42 14.48
CA ILE B 355 17.06 29.37 13.41
C ILE B 355 17.41 28.55 12.20
N THR B 356 16.75 28.80 11.07
CA THR B 356 17.06 28.08 9.85
C THR B 356 17.35 29.05 8.73
N LEU B 357 18.39 28.75 7.96
CA LEU B 357 18.82 29.54 6.82
C LEU B 357 18.81 28.58 5.64
N ALA B 358 18.08 28.94 4.57
CA ALA B 358 18.01 28.06 3.41
C ALA B 358 18.08 28.79 2.07
N GLN B 359 18.79 28.20 1.12
CA GLN B 359 18.89 28.74 -0.21
C GLN B 359 17.88 27.89 -0.98
N GLN B 360 17.01 28.53 -1.74
CA GLN B 360 15.98 27.81 -2.44
C GLN B 360 15.75 28.18 -3.91
N TRP B 361 15.30 27.19 -4.69
CA TRP B 361 14.95 27.37 -6.10
C TRP B 361 13.51 26.89 -6.14
N GLN B 362 12.59 27.76 -6.52
CA GLN B 362 11.18 27.39 -6.56
C GLN B 362 10.49 27.75 -7.86
N ALA B 363 9.39 27.06 -8.14
CA ALA B 363 8.59 27.26 -9.34
C ALA B 363 7.69 28.50 -9.19
N GLY B 364 8.29 29.68 -9.20
CA GLY B 364 7.50 30.91 -9.03
C GLY B 364 8.22 31.85 -8.08
N ASP B 365 7.66 33.03 -7.85
CA ASP B 365 8.31 34.01 -6.97
C ASP B 365 7.55 34.28 -5.67
N SER B 366 6.74 33.32 -5.25
CA SER B 366 5.98 33.49 -4.04
C SER B 366 6.52 32.59 -2.94
N ILE B 367 6.26 32.98 -1.70
CA ILE B 367 6.68 32.18 -0.56
C ILE B 367 5.83 30.92 -0.57
N TRP B 368 4.75 30.95 -1.37
CA TRP B 368 3.85 29.81 -1.54
C TRP B 368 4.12 29.00 -2.82
N SER B 369 5.13 29.36 -3.59
CA SER B 369 5.41 28.64 -4.83
C SER B 369 6.06 27.29 -4.56
N ARG B 370 5.52 26.25 -5.15
CA ARG B 370 6.04 24.88 -5.06
C ARG B 370 6.02 24.32 -6.48
N PRO B 371 6.92 23.39 -6.83
CA PRO B 371 7.98 22.79 -6.02
C PRO B 371 9.04 23.76 -5.60
N ALA B 372 9.84 23.32 -4.63
CA ALA B 372 10.95 24.10 -4.11
C ALA B 372 12.04 23.10 -3.77
N ILE B 373 13.27 23.45 -4.08
CA ILE B 373 14.40 22.60 -3.76
C ILE B 373 15.20 23.48 -2.81
N ARG B 374 15.51 22.96 -1.63
CA ARG B 374 16.23 23.71 -0.63
C ARG B 374 17.50 23.09 -0.16
N ILE B 375 18.45 23.93 0.22
CA ILE B 375 19.68 23.47 0.85
C ILE B 375 19.66 24.35 2.10
N PHE B 376 19.80 23.73 3.27
CA PHE B 376 19.68 24.46 4.51
C PHE B 376 20.68 24.08 5.60
N ALA B 377 20.63 24.85 6.68
CA ALA B 377 21.45 24.66 7.87
C ALA B 377 20.52 25.11 8.98
N THR B 378 20.35 24.26 9.99
CA THR B 378 19.48 24.55 11.10
C THR B 378 20.21 24.46 12.43
N TYR B 379 19.88 25.38 13.33
CA TYR B 379 20.47 25.41 14.65
C TYR B 379 19.34 25.51 15.64
N ALA B 380 19.36 24.66 16.66
CA ALA B 380 18.32 24.67 17.68
C ALA B 380 19.00 24.60 19.03
N LYS B 381 18.49 25.39 19.97
CA LYS B 381 19.00 25.41 21.33
C LYS B 381 17.78 25.29 22.22
N TRP B 382 17.83 24.35 23.16
CA TRP B 382 16.71 24.14 24.08
C TRP B 382 17.15 23.98 25.52
N ASP B 383 16.20 24.26 26.40
CA ASP B 383 16.38 24.17 27.83
C ASP B 383 15.08 23.62 28.38
N GLU B 384 15.04 22.31 28.59
CA GLU B 384 13.83 21.66 29.07
C GLU B 384 13.95 21.29 30.54
N LYS B 385 13.11 21.92 31.37
CA LYS B 385 13.07 21.70 32.81
C LYS B 385 12.16 20.55 33.20
N TRP B 386 11.34 20.05 32.28
CA TRP B 386 10.44 18.95 32.60
C TRP B 386 10.24 18.04 31.42
N GLY B 387 9.66 16.88 31.67
CA GLY B 387 9.39 15.92 30.63
C GLY B 387 8.31 14.98 31.09
N TYR B 388 7.73 14.21 30.18
CA TYR B 388 6.71 13.27 30.58
C TYR B 388 7.41 12.04 31.12
N ILE B 389 6.91 11.55 32.24
CA ILE B 389 7.49 10.37 32.87
C ILE B 389 7.48 9.22 31.90
N LYS B 390 8.68 8.83 31.51
CA LYS B 390 8.86 7.73 30.59
C LYS B 390 8.75 6.46 31.40
N ASP B 391 7.58 5.84 31.34
CA ASP B 391 7.32 4.59 32.05
C ASP B 391 7.93 3.43 31.25
N GLY B 392 9.25 3.27 31.38
CA GLY B 392 9.95 2.23 30.66
C GLY B 392 10.20 2.62 29.22
N ASP B 393 9.21 2.38 28.36
CA ASP B 393 9.31 2.72 26.93
C ASP B 393 8.16 3.64 26.54
N ASN B 394 7.01 3.44 27.19
CA ASN B 394 5.82 4.24 26.93
C ASN B 394 5.90 5.56 27.70
N ILE B 395 5.37 6.62 27.12
CA ILE B 395 5.36 7.93 27.78
C ILE B 395 4.05 8.08 28.52
N SER B 396 4.13 8.56 29.76
CA SER B 396 2.98 8.75 30.62
C SER B 396 2.33 10.13 30.46
N ARG B 397 1.14 10.30 31.02
CA ARG B 397 0.42 11.58 30.97
C ARG B 397 0.96 12.51 32.06
N TYR B 398 1.73 11.91 32.97
CA TYR B 398 2.31 12.61 34.09
C TYR B 398 3.71 13.14 33.78
N ALA B 399 4.01 14.31 34.32
CA ALA B 399 5.29 14.95 34.09
C ALA B 399 6.12 14.93 35.37
N ALA B 400 7.40 15.19 35.23
CA ALA B 400 8.32 15.24 36.34
C ALA B 400 9.45 16.18 35.95
N ALA B 401 9.99 16.93 36.90
CA ALA B 401 11.10 17.83 36.60
C ALA B 401 12.28 16.99 36.15
N THR B 402 13.04 17.54 35.21
CA THR B 402 14.22 16.88 34.68
C THR B 402 15.13 16.43 35.81
N ASN B 403 15.34 17.30 36.78
CA ASN B 403 16.21 17.03 37.93
C ASN B 403 15.73 15.93 38.89
N SER B 404 14.44 15.89 39.19
CA SER B 404 13.91 14.86 40.08
C SER B 404 14.35 13.58 39.40
N GLY B 405 15.04 12.72 40.15
CA GLY B 405 15.55 11.49 39.58
C GLY B 405 14.64 10.63 38.72
N ILE B 406 13.41 11.06 38.50
CA ILE B 406 12.47 10.29 37.69
C ILE B 406 12.80 10.35 36.20
N SER B 407 12.63 9.21 35.55
CA SER B 407 12.89 9.07 34.13
C SER B 407 11.77 9.71 33.28
N THR B 408 12.12 10.80 32.60
CA THR B 408 11.18 11.53 31.75
C THR B 408 11.76 11.58 30.34
N ASN B 409 10.99 12.09 29.39
CA ASN B 409 11.46 12.19 28.00
C ASN B 409 12.06 13.57 27.70
N SER B 410 12.39 14.32 28.77
CA SER B 410 12.98 15.65 28.65
C SER B 410 14.32 15.56 27.90
N ARG B 411 14.58 16.55 27.04
CA ARG B 411 15.81 16.60 26.23
C ARG B 411 16.92 17.37 26.94
N GLY B 412 16.61 17.87 28.12
CA GLY B 412 17.60 18.59 28.88
C GLY B 412 17.92 19.97 28.36
N ASP B 413 19.17 20.35 28.55
CA ASP B 413 19.67 21.66 28.14
C ASP B 413 20.76 21.37 27.15
N SER B 414 20.55 21.75 25.90
CA SER B 414 21.55 21.48 24.89
C SER B 414 21.22 22.22 23.60
N ASP B 415 21.98 21.92 22.57
CA ASP B 415 21.78 22.50 21.25
C ASP B 415 22.33 21.56 20.18
N GLU B 416 22.03 21.83 18.92
CA GLU B 416 22.50 20.99 17.84
C GLU B 416 22.24 21.76 16.55
N TRP B 417 22.87 21.30 15.49
CA TRP B 417 22.71 21.93 14.20
C TRP B 417 22.70 20.83 13.14
N THR B 418 21.90 21.04 12.11
CA THR B 418 21.80 20.06 11.04
C THR B 418 21.87 20.79 9.72
N PHE B 419 22.01 20.05 8.65
CA PHE B 419 22.05 20.65 7.34
C PHE B 419 21.69 19.57 6.34
N GLY B 420 21.26 19.98 5.16
CA GLY B 420 20.90 19.02 4.14
C GLY B 420 20.20 19.65 2.95
N ALA B 421 19.51 18.80 2.18
CA ALA B 421 18.77 19.23 1.00
C ALA B 421 17.38 18.62 1.08
N GLN B 422 16.38 19.29 0.52
CA GLN B 422 15.04 18.76 0.58
C GLN B 422 14.20 19.38 -0.51
N MET B 423 13.16 18.67 -0.94
CA MET B 423 12.22 19.18 -1.92
C MET B 423 10.84 19.14 -1.25
N GLU B 424 9.97 20.06 -1.63
CA GLU B 424 8.61 20.07 -1.13
C GLU B 424 7.76 20.48 -2.31
N ILE B 425 6.58 19.88 -2.44
CA ILE B 425 5.70 20.21 -3.54
C ILE B 425 4.27 19.87 -3.26
N TRP B 426 3.36 20.66 -3.81
CA TRP B 426 1.94 20.37 -3.76
C TRP B 426 1.51 20.66 -5.18
N TRP B 427 0.66 19.82 -5.72
CA TRP B 427 0.22 19.96 -7.09
C TRP B 427 -1.22 19.58 -7.25
N VAL C 1 -3.42 7.69 -19.75
CA VAL C 1 -3.73 6.60 -18.80
C VAL C 1 -5.22 6.51 -18.54
N ASP C 2 -5.76 5.28 -18.53
CA ASP C 2 -7.16 5.03 -18.26
C ASP C 2 -7.30 4.80 -16.77
N PHE C 3 -8.22 5.53 -16.13
CA PHE C 3 -8.48 5.43 -14.71
C PHE C 3 -9.87 4.82 -14.54
N HIS C 4 -9.95 3.70 -13.83
CA HIS C 4 -11.21 3.03 -13.61
C HIS C 4 -11.18 2.39 -12.26
N GLY C 5 -12.32 1.87 -11.80
CA GLY C 5 -12.36 1.23 -10.51
C GLY C 5 -13.73 1.16 -9.88
N TYR C 6 -13.75 0.98 -8.57
CA TYR C 6 -14.98 0.89 -7.80
C TYR C 6 -14.65 1.41 -6.42
N ALA C 7 -15.64 2.00 -5.77
CA ALA C 7 -15.45 2.49 -4.41
C ALA C 7 -16.78 2.68 -3.73
N ARG C 8 -16.80 2.50 -2.41
CA ARG C 8 -17.98 2.73 -1.57
C ARG C 8 -17.42 3.23 -0.26
N SER C 9 -18.11 4.19 0.35
CA SER C 9 -17.66 4.76 1.60
C SER C 9 -18.85 5.51 2.19
N GLY C 10 -18.96 5.49 3.52
CA GLY C 10 -20.07 6.18 4.18
C GLY C 10 -19.90 6.25 5.69
N ILE C 11 -20.98 6.64 6.36
CA ILE C 11 -21.02 6.77 7.81
C ILE C 11 -22.41 6.31 8.22
N GLY C 12 -22.47 5.55 9.30
CA GLY C 12 -23.76 5.03 9.75
C GLY C 12 -23.86 4.90 11.25
N TRP C 13 -25.09 4.70 11.72
CA TRP C 13 -25.40 4.56 13.14
C TRP C 13 -26.35 3.40 13.35
N THR C 14 -26.22 2.75 14.50
CA THR C 14 -27.11 1.66 14.85
C THR C 14 -28.15 2.29 15.76
N GLY C 15 -29.41 1.98 15.53
CA GLY C 15 -30.48 2.54 16.33
C GLY C 15 -30.28 2.45 17.83
N SER C 16 -29.81 1.30 18.31
CA SER C 16 -29.59 1.11 19.75
C SER C 16 -28.30 1.69 20.30
N GLY C 17 -27.44 2.21 19.41
CA GLY C 17 -26.19 2.80 19.86
C GLY C 17 -24.95 2.47 19.07
N GLY C 18 -24.05 3.44 19.00
CA GLY C 18 -22.78 3.29 18.31
C GLY C 18 -22.82 3.29 16.79
N GLU C 19 -21.69 2.90 16.21
CA GLU C 19 -21.52 2.79 14.76
C GLU C 19 -22.53 1.86 14.16
N GLN C 20 -22.65 1.93 12.84
CA GLN C 20 -23.54 1.09 12.08
C GLN C 20 -23.08 -0.35 12.19
N GLN C 21 -24.04 -1.27 12.15
CA GLN C 21 -23.75 -2.70 12.19
C GLN C 21 -24.40 -3.28 10.93
N CYS C 22 -23.77 -4.31 10.35
CA CYS C 22 -24.28 -4.94 9.15
C CYS C 22 -24.86 -6.31 9.46
N PHE C 23 -25.93 -6.67 8.76
CA PHE C 23 -26.65 -7.90 9.02
C PHE C 23 -26.60 -8.98 7.96
N GLN C 24 -26.06 -10.13 8.33
CA GLN C 24 -25.97 -11.28 7.43
C GLN C 24 -26.37 -12.54 8.20
N ALA C 25 -27.21 -13.37 7.61
CA ALA C 25 -27.66 -14.60 8.24
C ALA C 25 -26.53 -15.61 8.37
N THR C 26 -26.36 -16.16 9.57
CA THR C 26 -25.33 -17.16 9.85
C THR C 26 -25.56 -18.35 8.91
N GLY C 27 -24.55 -18.66 8.10
CA GLY C 27 -24.67 -19.78 7.17
C GLY C 27 -24.85 -19.33 5.73
N ALA C 28 -25.32 -18.09 5.54
CA ALA C 28 -25.53 -17.51 4.21
C ALA C 28 -24.20 -16.98 3.69
N GLN C 29 -23.98 -17.11 2.40
CA GLN C 29 -22.73 -16.63 1.80
C GLN C 29 -22.80 -15.19 1.34
N SER C 30 -23.86 -14.46 1.69
CA SER C 30 -23.97 -13.08 1.26
C SER C 30 -25.04 -12.35 2.07
N LYS C 31 -25.21 -11.08 1.78
CA LYS C 31 -26.23 -10.26 2.43
C LYS C 31 -26.74 -9.23 1.44
N TYR C 32 -27.95 -8.75 1.70
CA TYR C 32 -28.58 -7.74 0.87
C TYR C 32 -27.88 -6.45 1.26
N ARG C 33 -27.10 -5.93 0.32
CA ARG C 33 -26.25 -4.76 0.55
C ARG C 33 -26.76 -3.33 0.75
N LEU C 34 -27.88 -2.95 0.16
CA LEU C 34 -28.36 -1.57 0.32
C LEU C 34 -28.47 -1.19 1.80
N GLY C 35 -27.72 -0.16 2.20
CA GLY C 35 -27.72 0.30 3.57
C GLY C 35 -27.33 -0.80 4.52
N ASN C 36 -26.39 -1.64 4.10
CA ASN C 36 -25.98 -2.78 4.90
C ASN C 36 -24.53 -3.11 4.56
N GLU C 37 -23.74 -2.05 4.33
CA GLU C 37 -22.33 -2.18 4.00
C GLU C 37 -21.60 -1.37 5.06
N CYS C 38 -20.63 -2.00 5.70
CA CYS C 38 -19.92 -1.39 6.81
C CYS C 38 -18.44 -1.10 6.65
N GLU C 39 -17.97 -0.96 5.41
CA GLU C 39 -16.56 -0.66 5.21
C GLU C 39 -16.41 0.20 3.98
N THR C 40 -15.25 0.86 3.88
CA THR C 40 -14.90 1.66 2.75
C THR C 40 -14.04 0.70 1.92
N TYR C 41 -14.47 0.38 0.71
CA TYR C 41 -13.72 -0.50 -0.16
C TYR C 41 -13.48 0.28 -1.43
N ALA C 42 -12.29 0.13 -2.03
CA ALA C 42 -11.97 0.83 -3.25
C ALA C 42 -10.97 0.09 -4.09
N GLU C 43 -11.19 0.06 -5.41
CA GLU C 43 -10.27 -0.57 -6.34
C GLU C 43 -9.88 0.54 -7.31
N LEU C 44 -8.59 0.83 -7.38
CA LEU C 44 -8.05 1.87 -8.27
C LEU C 44 -7.30 1.22 -9.42
N LYS C 45 -7.89 1.28 -10.61
CA LYS C 45 -7.27 0.70 -11.80
C LYS C 45 -6.66 1.75 -12.70
N LEU C 46 -5.41 1.51 -13.10
CA LEU C 46 -4.69 2.39 -14.01
C LEU C 46 -4.26 1.44 -15.15
N GLY C 47 -4.77 1.65 -16.35
CA GLY C 47 -4.40 0.80 -17.47
C GLY C 47 -4.07 1.65 -18.68
N GLN C 48 -3.66 1.03 -19.77
CA GLN C 48 -3.33 1.78 -20.96
C GLN C 48 -3.16 0.90 -22.18
N GLU C 49 -3.59 1.37 -23.35
CA GLU C 49 -3.42 0.62 -24.58
C GLU C 49 -2.02 1.05 -24.94
N VAL C 50 -1.04 0.18 -24.70
CA VAL C 50 0.35 0.56 -24.94
C VAL C 50 0.87 0.45 -26.36
N TRP C 51 0.14 -0.24 -27.23
CA TRP C 51 0.59 -0.42 -28.60
C TRP C 51 -0.57 -0.80 -29.47
N LYS C 52 -0.60 -0.20 -30.65
CA LYS C 52 -1.66 -0.45 -31.63
C LYS C 52 -1.10 -0.29 -33.02
N GLU C 53 -1.40 -1.25 -33.88
CA GLU C 53 -0.94 -1.20 -35.24
C GLU C 53 -1.95 -2.00 -36.05
N GLY C 54 -2.87 -1.26 -36.67
CA GLY C 54 -3.91 -1.89 -37.46
C GLY C 54 -5.00 -2.35 -36.54
N ASP C 55 -5.30 -3.65 -36.61
CA ASP C 55 -6.32 -4.24 -35.76
C ASP C 55 -5.69 -4.83 -34.50
N LYS C 56 -4.36 -4.94 -34.50
CA LYS C 56 -3.62 -5.50 -33.38
C LYS C 56 -3.33 -4.48 -32.30
N SER C 57 -3.38 -4.90 -31.05
CA SER C 57 -3.10 -4.01 -29.95
C SER C 57 -2.74 -4.78 -28.69
N PHE C 58 -2.09 -4.07 -27.77
CA PHE C 58 -1.69 -4.61 -26.50
C PHE C 58 -2.27 -3.65 -25.46
N TYR C 59 -3.02 -4.19 -24.51
CA TYR C 59 -3.58 -3.39 -23.44
C TYR C 59 -2.97 -3.89 -22.13
N PHE C 60 -2.53 -2.96 -21.30
CA PHE C 60 -1.94 -3.28 -20.00
C PHE C 60 -2.90 -2.79 -18.93
N ASP C 61 -3.21 -3.62 -17.93
CA ASP C 61 -4.16 -3.23 -16.89
C ASP C 61 -3.66 -3.58 -15.50
N THR C 62 -4.01 -2.78 -14.50
CA THR C 62 -3.59 -3.04 -13.12
C THR C 62 -4.78 -2.81 -12.20
N ASN C 63 -4.67 -3.22 -10.94
CA ASN C 63 -5.74 -3.03 -9.96
C ASN C 63 -5.17 -3.19 -8.56
N VAL C 64 -5.31 -2.14 -7.75
CA VAL C 64 -4.83 -2.14 -6.37
C VAL C 64 -6.07 -1.89 -5.52
N ALA C 65 -6.38 -2.82 -4.62
CA ALA C 65 -7.56 -2.74 -3.75
C ALA C 65 -7.26 -2.35 -2.31
N TYR C 66 -8.17 -1.58 -1.71
CA TYR C 66 -8.04 -1.10 -0.35
C TYR C 66 -9.34 -1.35 0.38
N SER C 67 -9.21 -1.86 1.60
CA SER C 67 -10.38 -2.08 2.44
C SER C 67 -10.02 -1.52 3.82
N VAL C 68 -10.78 -0.53 4.28
CA VAL C 68 -10.57 0.06 5.60
C VAL C 68 -11.91 0.12 6.29
N ASN C 69 -11.89 0.19 7.62
CA ASN C 69 -13.13 0.18 8.39
C ASN C 69 -13.84 1.48 8.57
N GLN C 70 -13.39 2.54 7.92
CA GLN C 70 -14.02 3.85 8.05
C GLN C 70 -14.36 4.23 9.50
N GLN C 71 -13.35 4.16 10.36
CA GLN C 71 -13.52 4.51 11.76
C GLN C 71 -12.76 5.79 12.08
N ASN C 72 -11.82 6.13 11.23
CA ASN C 72 -10.99 7.31 11.44
C ASN C 72 -10.47 7.83 10.12
N ASP C 73 -9.79 8.95 10.19
CA ASP C 73 -9.16 9.59 9.04
C ASP C 73 -7.99 8.71 8.63
N TRP C 74 -6.94 8.71 9.44
CA TRP C 74 -5.78 7.91 9.14
C TRP C 74 -6.02 6.43 9.38
N GLU C 75 -6.17 5.65 8.31
CA GLU C 75 -6.37 4.22 8.44
C GLU C 75 -5.39 3.48 7.54
N SER C 76 -4.37 2.89 8.16
CA SER C 76 -3.35 2.13 7.45
C SER C 76 -3.92 0.81 6.99
N THR C 77 -3.38 0.27 5.91
CA THR C 77 -3.86 -1.00 5.39
C THR C 77 -2.80 -1.63 4.49
N ASP C 78 -3.00 -2.90 4.17
CA ASP C 78 -2.11 -3.62 3.28
C ASP C 78 -2.96 -3.77 2.04
N PRO C 79 -2.67 -2.97 1.02
CA PRO C 79 -3.46 -3.07 -0.20
C PRO C 79 -3.28 -4.44 -0.86
N ALA C 80 -4.30 -4.91 -1.55
CA ALA C 80 -4.18 -6.18 -2.25
C ALA C 80 -3.83 -5.83 -3.70
N PHE C 81 -2.77 -6.40 -4.26
CA PHE C 81 -2.40 -6.12 -5.64
C PHE C 81 -3.09 -7.23 -6.42
N ARG C 82 -4.30 -6.93 -6.92
CA ARG C 82 -5.11 -7.93 -7.59
C ARG C 82 -4.98 -8.19 -9.07
N GLU C 83 -4.59 -7.19 -9.84
CA GLU C 83 -4.44 -7.36 -11.29
C GLU C 83 -3.18 -6.73 -11.83
N ALA C 84 -2.63 -7.35 -12.86
CA ALA C 84 -1.43 -6.85 -13.53
C ALA C 84 -1.32 -7.85 -14.67
N ASN C 85 -1.90 -7.50 -15.82
CA ASN C 85 -1.87 -8.38 -16.97
C ASN C 85 -1.79 -7.62 -18.28
N VAL C 86 -1.50 -8.35 -19.34
CA VAL C 86 -1.39 -7.80 -20.69
C VAL C 86 -2.29 -8.63 -21.57
N GLN C 87 -3.04 -7.96 -22.43
CA GLN C 87 -3.95 -8.60 -23.35
C GLN C 87 -3.56 -8.18 -24.76
N GLY C 88 -3.27 -9.15 -25.62
CA GLY C 88 -2.91 -8.85 -27.00
C GLY C 88 -4.07 -9.26 -27.87
N LYS C 89 -4.71 -8.32 -28.56
CA LYS C 89 -5.85 -8.63 -29.43
C LYS C 89 -5.42 -8.83 -30.86
N ASN C 90 -5.97 -9.84 -31.52
CA ASN C 90 -5.67 -10.14 -32.93
C ASN C 90 -4.22 -10.42 -33.30
N LEU C 91 -3.50 -11.11 -32.44
CA LEU C 91 -2.12 -11.41 -32.72
C LEU C 91 -1.98 -12.76 -33.40
N ILE C 92 -2.96 -13.62 -33.21
CA ILE C 92 -2.97 -14.96 -33.80
C ILE C 92 -3.80 -14.90 -35.08
N GLU C 93 -3.12 -14.82 -36.21
CA GLU C 93 -3.78 -14.73 -37.53
C GLU C 93 -4.86 -15.77 -37.79
N TRP C 94 -4.56 -17.04 -37.48
CA TRP C 94 -5.52 -18.12 -37.73
C TRP C 94 -6.65 -18.22 -36.72
N LEU C 95 -6.62 -17.36 -35.70
CA LEU C 95 -7.67 -17.31 -34.70
C LEU C 95 -8.02 -15.84 -34.63
N PRO C 96 -8.53 -15.28 -35.74
CA PRO C 96 -8.90 -13.87 -35.82
C PRO C 96 -9.88 -13.44 -34.74
N GLY C 97 -9.62 -12.29 -34.14
CA GLY C 97 -10.49 -11.77 -33.11
C GLY C 97 -10.21 -12.23 -31.70
N SER C 98 -9.43 -13.30 -31.55
CA SER C 98 -9.12 -13.82 -30.22
C SER C 98 -8.11 -12.94 -29.50
N THR C 99 -8.16 -13.00 -28.18
CA THR C 99 -7.26 -12.24 -27.32
C THR C 99 -6.44 -13.23 -26.48
N ILE C 100 -5.12 -13.08 -26.47
CA ILE C 100 -4.26 -13.94 -25.63
C ILE C 100 -3.84 -13.06 -24.46
N TRP C 101 -3.75 -13.63 -23.27
CA TRP C 101 -3.39 -12.82 -22.12
C TRP C 101 -2.65 -13.63 -21.08
N ALA C 102 -1.90 -12.94 -20.22
CA ALA C 102 -1.16 -13.56 -19.15
C ALA C 102 -1.02 -12.54 -18.04
N GLY C 103 -1.09 -13.00 -16.79
CA GLY C 103 -0.94 -12.13 -15.64
C GLY C 103 -2.07 -12.30 -14.66
N LYS C 104 -2.08 -11.51 -13.60
CA LYS C 104 -3.16 -11.59 -12.63
C LYS C 104 -4.31 -10.84 -13.28
N ARG C 105 -5.49 -11.46 -13.30
CA ARG C 105 -6.62 -10.82 -13.94
C ARG C 105 -7.97 -11.26 -13.42
N PHE C 106 -8.91 -10.31 -13.32
CA PHE C 106 -10.30 -10.61 -12.95
C PHE C 106 -10.81 -11.19 -14.28
N TYR C 107 -10.97 -12.50 -14.33
CA TYR C 107 -11.40 -13.15 -15.57
C TYR C 107 -12.87 -13.47 -15.64
N GLN C 108 -13.55 -12.83 -16.59
CA GLN C 108 -14.98 -13.06 -16.83
C GLN C 108 -15.84 -13.42 -15.62
N ARG C 109 -15.81 -12.58 -14.60
CA ARG C 109 -16.59 -12.81 -13.39
C ARG C 109 -18.07 -12.58 -13.61
N HIS C 110 -18.89 -13.39 -12.94
CA HIS C 110 -20.35 -13.29 -13.03
C HIS C 110 -20.82 -13.08 -11.58
N ASP C 111 -21.63 -12.06 -11.35
CA ASP C 111 -22.11 -11.77 -10.00
C ASP C 111 -23.52 -11.23 -10.02
N VAL C 112 -24.11 -11.12 -8.83
CA VAL C 112 -25.45 -10.56 -8.65
C VAL C 112 -25.19 -9.35 -7.79
N HIS C 113 -25.26 -8.16 -8.39
CA HIS C 113 -24.99 -6.92 -7.68
C HIS C 113 -25.65 -6.68 -6.33
N MET C 114 -26.98 -6.83 -6.24
CA MET C 114 -27.66 -6.55 -4.99
C MET C 114 -27.25 -7.35 -3.76
N ILE C 115 -26.69 -8.54 -3.97
CA ILE C 115 -26.24 -9.32 -2.82
C ILE C 115 -24.73 -9.44 -2.84
N ASP C 116 -24.10 -8.70 -3.75
CA ASP C 116 -22.65 -8.67 -3.93
C ASP C 116 -22.12 -10.10 -3.92
N PHE C 117 -22.76 -10.96 -4.70
CA PHE C 117 -22.42 -12.36 -4.75
C PHE C 117 -21.90 -12.76 -6.12
N TYR C 118 -20.68 -13.31 -6.14
CA TYR C 118 -20.06 -13.78 -7.36
C TYR C 118 -20.34 -15.27 -7.44
N TYR C 119 -20.85 -15.76 -8.55
CA TYR C 119 -21.12 -17.18 -8.67
C TYR C 119 -20.22 -17.88 -9.70
N TRP C 120 -19.40 -17.11 -10.39
CA TRP C 120 -18.50 -17.68 -11.36
C TRP C 120 -17.33 -16.72 -11.34
N ASP C 121 -16.31 -17.10 -10.60
CA ASP C 121 -15.12 -16.27 -10.42
C ASP C 121 -13.83 -17.09 -10.21
N ILE C 122 -13.07 -17.30 -11.28
CA ILE C 122 -11.82 -18.05 -11.19
C ILE C 122 -10.62 -17.09 -11.30
N SER C 123 -10.85 -15.81 -10.99
CA SER C 123 -9.80 -14.79 -11.06
C SER C 123 -8.54 -15.15 -10.27
N GLY C 124 -7.42 -14.60 -10.70
CA GLY C 124 -6.16 -14.85 -10.01
C GLY C 124 -5.07 -14.86 -11.06
N PRO C 125 -3.87 -15.38 -10.73
CA PRO C 125 -2.77 -15.44 -11.70
C PRO C 125 -3.20 -16.43 -12.79
N GLY C 126 -2.97 -16.12 -14.05
CA GLY C 126 -3.38 -17.06 -15.06
C GLY C 126 -2.92 -16.71 -16.46
N ALA C 127 -3.50 -17.39 -17.43
CA ALA C 127 -3.21 -17.17 -18.82
C ALA C 127 -4.29 -17.88 -19.60
N GLY C 128 -4.55 -17.42 -20.81
CA GLY C 128 -5.55 -18.07 -21.62
C GLY C 128 -5.74 -17.36 -22.94
N ILE C 129 -6.65 -17.89 -23.75
CA ILE C 129 -7.00 -17.30 -25.03
C ILE C 129 -8.52 -17.24 -25.08
N GLU C 130 -9.04 -16.04 -25.24
CA GLU C 130 -10.47 -15.89 -25.27
C GLU C 130 -10.98 -15.35 -26.58
N ASN C 131 -12.28 -15.52 -26.75
CA ASN C 131 -13.01 -15.09 -27.92
C ASN C 131 -12.58 -15.69 -29.25
N ILE C 132 -12.42 -17.01 -29.26
CA ILE C 132 -12.09 -17.72 -30.47
C ILE C 132 -13.47 -17.86 -31.12
N ASP C 133 -13.60 -17.35 -32.34
CA ASP C 133 -14.88 -17.38 -33.05
C ASP C 133 -15.17 -18.72 -33.69
N LEU C 134 -16.24 -19.37 -33.23
CA LEU C 134 -16.65 -20.66 -33.78
C LEU C 134 -17.84 -20.49 -34.74
N GLY C 135 -18.20 -19.24 -35.02
CA GLY C 135 -19.33 -19.00 -35.91
C GLY C 135 -20.61 -18.99 -35.12
N PHE C 136 -20.93 -20.12 -34.50
CA PHE C 136 -22.15 -20.21 -33.70
C PHE C 136 -21.93 -19.79 -32.25
N GLY C 137 -20.71 -19.39 -31.91
CA GLY C 137 -20.41 -18.98 -30.56
C GLY C 137 -18.96 -18.66 -30.38
N LYS C 138 -18.60 -18.18 -29.19
CA LYS C 138 -17.23 -17.83 -28.86
C LYS C 138 -16.67 -18.81 -27.85
N LEU C 139 -15.47 -19.31 -28.12
CA LEU C 139 -14.81 -20.26 -27.25
C LEU C 139 -13.68 -19.56 -26.50
N SER C 140 -13.55 -19.85 -25.22
CA SER C 140 -12.51 -19.26 -24.39
C SER C 140 -11.89 -20.35 -23.53
N LEU C 141 -10.56 -20.39 -23.48
CA LEU C 141 -9.82 -21.35 -22.68
C LEU C 141 -8.92 -20.60 -21.72
N ALA C 142 -8.84 -21.06 -20.48
CA ALA C 142 -8.00 -20.41 -19.49
C ALA C 142 -7.56 -21.35 -18.37
N ALA C 143 -6.45 -20.99 -17.74
CA ALA C 143 -5.90 -21.74 -16.60
C ALA C 143 -5.53 -20.68 -15.56
N THR C 144 -6.10 -20.78 -14.37
CA THR C 144 -5.75 -19.85 -13.32
C THR C 144 -5.32 -20.62 -12.09
N ARG C 145 -4.76 -19.92 -11.11
CA ARG C 145 -4.31 -20.52 -9.87
C ARG C 145 -4.81 -19.87 -8.58
N SER C 146 -4.92 -20.71 -7.55
CA SER C 146 -5.29 -20.29 -6.22
C SER C 146 -4.40 -21.14 -5.32
N THR C 147 -4.25 -20.75 -4.07
CA THR C 147 -3.39 -21.48 -3.15
C THR C 147 -4.01 -21.56 -1.79
N GLU C 148 -3.98 -22.76 -1.22
CA GLU C 148 -4.50 -22.99 0.11
C GLU C 148 -3.33 -22.99 1.08
N ALA C 149 -3.61 -22.65 2.33
CA ALA C 149 -2.57 -22.62 3.36
C ALA C 149 -2.31 -24.06 3.85
N GLY C 150 -1.05 -24.48 3.83
CA GLY C 150 -0.70 -25.81 4.27
C GLY C 150 -1.31 -26.85 3.35
N GLY C 151 -1.56 -28.04 3.88
CA GLY C 151 -2.15 -29.12 3.11
C GLY C 151 -1.17 -30.04 2.41
N SER C 152 0.08 -29.62 2.26
CA SER C 152 1.08 -30.46 1.59
C SER C 152 2.16 -30.78 2.62
N TYR C 153 2.44 -32.08 2.81
CA TYR C 153 3.40 -32.52 3.82
C TYR C 153 4.45 -33.50 3.29
N THR C 154 5.63 -33.48 3.90
CA THR C 154 6.70 -34.42 3.55
C THR C 154 6.58 -35.48 4.64
N PHE C 155 5.80 -36.52 4.37
CA PHE C 155 5.58 -37.60 5.33
C PHE C 155 6.79 -38.50 5.49
N SER C 156 7.22 -38.67 6.75
CA SER C 156 8.36 -39.53 7.07
C SER C 156 7.85 -40.93 7.35
N SER C 157 6.89 -41.01 8.27
CA SER C 157 6.30 -42.28 8.64
C SER C 157 4.80 -42.07 8.72
N GLN C 158 4.10 -42.67 7.76
CA GLN C 158 2.64 -42.61 7.68
C GLN C 158 2.09 -41.18 7.70
N ASN C 159 1.66 -40.70 8.86
CA ASN C 159 1.08 -39.36 8.98
C ASN C 159 1.91 -38.40 9.84
N ILE C 160 3.18 -38.74 10.02
CA ILE C 160 4.08 -37.88 10.76
C ILE C 160 4.87 -37.25 9.62
N TYR C 161 5.03 -35.95 9.67
CA TYR C 161 5.73 -35.26 8.59
C TYR C 161 6.82 -34.34 9.09
N ASP C 162 7.74 -34.00 8.20
CA ASP C 162 8.85 -33.11 8.52
C ASP C 162 8.45 -31.68 8.19
N GLU C 163 8.02 -31.45 6.96
CA GLU C 163 7.65 -30.12 6.51
C GLU C 163 6.26 -30.01 5.92
N VAL C 164 5.69 -28.82 6.06
CA VAL C 164 4.38 -28.49 5.50
C VAL C 164 4.66 -27.47 4.41
N LYS C 165 3.71 -27.30 3.51
CA LYS C 165 3.84 -26.36 2.41
C LYS C 165 2.44 -25.98 2.01
N ASP C 166 2.30 -24.83 1.35
CA ASP C 166 1.01 -24.36 0.85
C ASP C 166 0.70 -25.16 -0.41
N THR C 167 -0.58 -25.41 -0.66
CA THR C 167 -1.00 -26.22 -1.79
C THR C 167 -1.60 -25.42 -2.96
N ALA C 168 -0.95 -25.51 -4.11
CA ALA C 168 -1.41 -24.85 -5.32
C ALA C 168 -2.60 -25.62 -5.89
N ASN C 169 -3.65 -24.91 -6.29
CA ASN C 169 -4.82 -25.54 -6.91
C ASN C 169 -4.97 -24.95 -8.30
N ASP C 170 -4.86 -25.79 -9.33
CA ASP C 170 -4.99 -25.34 -10.70
C ASP C 170 -6.43 -25.50 -11.19
N VAL C 171 -6.89 -24.58 -12.03
CA VAL C 171 -8.23 -24.64 -12.61
C VAL C 171 -8.07 -24.50 -14.12
N PHE C 172 -8.76 -25.36 -14.84
CA PHE C 172 -8.75 -25.37 -16.29
C PHE C 172 -10.21 -25.09 -16.65
N ASP C 173 -10.38 -23.97 -17.35
CA ASP C 173 -11.66 -23.42 -17.69
C ASP C 173 -11.95 -23.34 -19.20
N VAL C 174 -13.15 -23.79 -19.58
CA VAL C 174 -13.57 -23.77 -20.98
C VAL C 174 -14.97 -23.18 -21.02
N ARG C 175 -15.17 -22.18 -21.87
CA ARG C 175 -16.46 -21.54 -21.97
C ARG C 175 -16.88 -21.36 -23.43
N LEU C 176 -18.17 -21.57 -23.69
CA LEU C 176 -18.73 -21.38 -25.02
C LEU C 176 -19.89 -20.43 -24.77
N ALA C 177 -19.76 -19.22 -25.30
CA ALA C 177 -20.79 -18.21 -25.10
C ALA C 177 -21.40 -17.76 -26.39
N GLY C 178 -22.53 -17.06 -26.27
CA GLY C 178 -23.21 -16.54 -27.44
C GLY C 178 -24.07 -17.49 -28.24
N LEU C 179 -24.52 -18.59 -27.64
CA LEU C 179 -25.37 -19.52 -28.35
C LEU C 179 -26.76 -18.91 -28.40
N GLN C 180 -27.22 -18.57 -29.60
CA GLN C 180 -28.53 -17.98 -29.80
C GLN C 180 -29.56 -19.09 -29.67
N THR C 181 -30.25 -19.12 -28.55
CA THR C 181 -31.23 -20.18 -28.32
C THR C 181 -32.65 -19.80 -28.72
N ASN C 182 -32.96 -18.53 -28.64
CA ASN C 182 -34.29 -18.06 -28.96
C ASN C 182 -34.16 -16.58 -29.19
N PRO C 183 -35.19 -15.95 -29.77
CA PRO C 183 -35.13 -14.51 -30.00
C PRO C 183 -34.81 -13.73 -28.71
N ASP C 184 -33.74 -12.95 -28.75
CA ASP C 184 -33.32 -12.15 -27.60
C ASP C 184 -32.81 -13.00 -26.43
N GLY C 185 -32.53 -14.27 -26.69
CA GLY C 185 -32.05 -15.17 -25.67
C GLY C 185 -30.72 -15.75 -26.10
N VAL C 186 -29.77 -15.81 -25.18
CA VAL C 186 -28.45 -16.36 -25.47
C VAL C 186 -28.07 -17.30 -24.35
N LEU C 187 -27.24 -18.30 -24.69
CA LEU C 187 -26.81 -19.28 -23.72
C LEU C 187 -25.30 -19.43 -23.69
N GLU C 188 -24.76 -19.56 -22.48
CA GLU C 188 -23.33 -19.74 -22.29
C GLU C 188 -23.14 -20.99 -21.44
N LEU C 189 -22.22 -21.83 -21.87
CA LEU C 189 -21.89 -23.08 -21.19
C LEU C 189 -20.43 -23.02 -20.73
N GLY C 190 -20.16 -23.56 -19.55
CA GLY C 190 -18.80 -23.55 -19.06
C GLY C 190 -18.50 -24.78 -18.21
N VAL C 191 -17.26 -25.25 -18.29
CA VAL C 191 -16.81 -26.40 -17.53
C VAL C 191 -15.52 -26.00 -16.84
N ASP C 192 -15.38 -26.42 -15.59
CA ASP C 192 -14.17 -26.14 -14.81
C ASP C 192 -13.71 -27.42 -14.14
N TYR C 193 -12.43 -27.72 -14.33
CA TYR C 193 -11.84 -28.86 -13.68
C TYR C 193 -10.69 -28.32 -12.84
N GLY C 194 -10.75 -28.57 -11.54
CA GLY C 194 -9.70 -28.07 -10.65
C GLY C 194 -9.08 -29.17 -9.80
N ARG C 195 -7.82 -28.99 -9.42
CA ARG C 195 -7.15 -29.99 -8.63
C ARG C 195 -5.95 -29.46 -7.85
N ALA C 196 -5.69 -30.09 -6.72
CA ALA C 196 -4.54 -29.75 -5.91
C ALA C 196 -3.35 -30.29 -6.69
N ASN C 197 -2.27 -29.52 -6.74
CA ASN C 197 -1.11 -29.91 -7.49
C ASN C 197 0.08 -29.78 -6.55
N THR C 198 0.45 -30.90 -5.94
CA THR C 198 1.55 -30.95 -4.98
C THR C 198 2.96 -30.99 -5.53
N THR C 199 3.86 -30.35 -4.80
CA THR C 199 5.26 -30.30 -5.14
C THR C 199 5.83 -31.68 -4.94
N ASP C 200 6.80 -32.06 -5.76
CA ASP C 200 7.39 -33.38 -5.62
C ASP C 200 7.91 -33.59 -4.20
N GLY C 201 7.58 -34.75 -3.64
CA GLY C 201 8.00 -35.08 -2.30
C GLY C 201 6.91 -34.82 -1.28
N TYR C 202 6.06 -33.85 -1.57
CA TYR C 202 4.97 -33.53 -0.67
C TYR C 202 3.73 -34.31 -1.06
N LYS C 203 2.84 -34.49 -0.10
CA LYS C 203 1.59 -35.22 -0.33
C LYS C 203 0.50 -34.60 0.50
N LEU C 204 -0.74 -34.85 0.11
CA LEU C 204 -1.90 -34.34 0.83
C LEU C 204 -2.19 -35.34 1.94
N ALA C 205 -2.73 -34.86 3.06
CA ALA C 205 -3.06 -35.74 4.16
C ALA C 205 -4.12 -36.72 3.70
N ASP C 206 -4.39 -37.74 4.51
CA ASP C 206 -5.38 -38.77 4.18
C ASP C 206 -6.78 -38.18 4.13
N GLY C 207 -7.50 -38.49 3.05
CA GLY C 207 -8.87 -38.00 2.92
C GLY C 207 -9.11 -36.69 2.19
N ALA C 208 -8.06 -36.02 1.71
CA ALA C 208 -8.24 -34.77 0.97
C ALA C 208 -9.04 -35.10 -0.30
N SER C 209 -9.95 -34.21 -0.68
CA SER C 209 -10.79 -34.42 -1.87
C SER C 209 -9.96 -34.44 -3.15
N LYS C 210 -8.89 -33.65 -3.17
CA LYS C 210 -7.98 -33.59 -4.31
C LYS C 210 -8.47 -32.79 -5.52
N ASP C 211 -9.58 -33.21 -6.12
CA ASP C 211 -10.09 -32.51 -7.29
C ASP C 211 -11.62 -32.37 -7.38
N GLY C 212 -12.08 -31.79 -8.48
CA GLY C 212 -13.50 -31.61 -8.66
C GLY C 212 -13.84 -30.99 -9.98
N TRP C 213 -15.14 -30.93 -10.27
CA TRP C 213 -15.65 -30.37 -11.51
C TRP C 213 -16.75 -29.40 -11.20
N MET C 214 -16.97 -28.45 -12.11
CA MET C 214 -18.06 -27.51 -11.96
C MET C 214 -18.60 -27.26 -13.34
N PHE C 215 -19.92 -27.26 -13.44
CA PHE C 215 -20.57 -27.04 -14.72
C PHE C 215 -21.52 -25.87 -14.58
N THR C 216 -21.46 -24.96 -15.53
CA THR C 216 -22.30 -23.77 -15.52
C THR C 216 -23.06 -23.60 -16.84
N ALA C 217 -24.32 -23.17 -16.72
CA ALA C 217 -25.17 -22.89 -17.87
C ALA C 217 -25.88 -21.60 -17.46
N GLU C 218 -25.71 -20.55 -18.28
CA GLU C 218 -26.33 -19.26 -17.99
C GLU C 218 -27.06 -18.77 -19.22
N HIS C 219 -28.34 -18.46 -19.04
CA HIS C 219 -29.15 -17.97 -20.15
C HIS C 219 -29.52 -16.52 -19.91
N THR C 220 -29.23 -15.67 -20.89
CA THR C 220 -29.54 -14.26 -20.79
C THR C 220 -30.65 -13.89 -21.75
N GLN C 221 -31.71 -13.29 -21.21
CA GLN C 221 -32.84 -12.89 -22.02
C GLN C 221 -32.97 -11.39 -21.92
N SER C 222 -32.89 -10.70 -23.06
CA SER C 222 -33.05 -9.25 -23.08
C SER C 222 -34.52 -8.92 -23.11
N MET C 223 -34.92 -7.99 -22.26
CA MET C 223 -36.31 -7.62 -22.15
C MET C 223 -36.46 -6.41 -21.24
N LEU C 224 -37.61 -5.75 -21.32
CA LEU C 224 -37.91 -4.59 -20.49
C LEU C 224 -36.72 -3.66 -20.28
N LYS C 225 -35.97 -3.43 -21.36
CA LYS C 225 -34.80 -2.55 -21.34
C LYS C 225 -33.78 -2.97 -20.29
N GLY C 226 -33.70 -4.28 -20.10
CA GLY C 226 -32.78 -4.85 -19.14
C GLY C 226 -32.55 -6.30 -19.51
N TYR C 227 -32.48 -7.16 -18.51
CA TYR C 227 -32.26 -8.58 -18.74
C TYR C 227 -32.73 -9.43 -17.58
N ASN C 228 -32.67 -10.72 -17.82
CA ASN C 228 -32.98 -11.71 -16.82
C ASN C 228 -31.98 -12.80 -17.11
N LYS C 229 -31.29 -13.24 -16.07
CA LYS C 229 -30.31 -14.31 -16.22
C LYS C 229 -30.75 -15.48 -15.40
N PHE C 230 -30.73 -16.65 -16.04
CA PHE C 230 -31.11 -17.88 -15.38
C PHE C 230 -29.86 -18.74 -15.36
N VAL C 231 -29.43 -19.10 -14.15
CA VAL C 231 -28.21 -19.88 -13.95
C VAL C 231 -28.44 -21.21 -13.23
N VAL C 232 -27.76 -22.24 -13.73
CA VAL C 232 -27.78 -23.57 -13.15
C VAL C 232 -26.31 -24.02 -13.05
N GLN C 233 -25.88 -24.38 -11.84
CA GLN C 233 -24.52 -24.82 -11.63
C GLN C 233 -24.49 -26.04 -10.74
N TYR C 234 -23.57 -26.95 -11.07
CA TYR C 234 -23.40 -28.18 -10.33
C TYR C 234 -21.90 -28.33 -10.09
N ALA C 235 -21.52 -28.43 -8.82
CA ALA C 235 -20.10 -28.55 -8.49
C ALA C 235 -19.89 -29.86 -7.78
N THR C 236 -18.66 -30.35 -7.88
CA THR C 236 -18.29 -31.62 -7.30
C THR C 236 -17.04 -31.54 -6.43
N ASP C 237 -17.09 -32.21 -5.27
CA ASP C 237 -15.94 -32.30 -4.35
C ASP C 237 -15.13 -31.05 -4.13
N ALA C 238 -13.88 -31.05 -4.60
CA ALA C 238 -12.98 -29.90 -4.40
C ALA C 238 -13.54 -28.54 -4.80
N MET C 239 -14.54 -28.53 -5.68
CA MET C 239 -15.13 -27.28 -6.16
C MET C 239 -16.30 -26.77 -5.32
N THR C 240 -16.64 -27.47 -4.25
CA THR C 240 -17.77 -27.09 -3.44
C THR C 240 -17.48 -26.05 -2.36
N THR C 241 -16.26 -26.01 -1.87
CA THR C 241 -15.91 -25.06 -0.82
C THR C 241 -16.00 -23.60 -1.27
N GLN C 242 -15.21 -23.22 -2.27
CA GLN C 242 -15.27 -21.85 -2.78
C GLN C 242 -16.59 -21.70 -3.55
N GLY C 243 -16.93 -22.70 -4.37
CA GLY C 243 -18.20 -22.70 -5.09
C GLY C 243 -18.42 -21.68 -6.19
N LYS C 244 -17.33 -21.20 -6.80
CA LYS C 244 -17.40 -20.22 -7.86
C LYS C 244 -16.47 -20.61 -9.00
N GLY C 245 -15.82 -21.77 -8.89
CA GLY C 245 -14.94 -22.21 -9.96
C GLY C 245 -13.49 -22.44 -9.54
N GLN C 246 -13.12 -22.00 -8.34
CA GLN C 246 -11.77 -22.21 -7.86
C GLN C 246 -11.76 -23.51 -7.04
N ALA C 247 -10.67 -24.26 -7.12
CA ALA C 247 -10.56 -25.52 -6.39
C ALA C 247 -9.92 -25.41 -5.02
N ARG C 248 -10.48 -26.15 -4.06
CA ARG C 248 -9.97 -26.23 -2.69
C ARG C 248 -9.77 -27.74 -2.44
N GLY C 249 -8.77 -28.31 -3.10
CA GLY C 249 -8.51 -29.74 -2.98
C GLY C 249 -7.94 -30.30 -1.69
N SER C 250 -7.38 -29.46 -0.83
CA SER C 250 -6.82 -29.93 0.43
C SER C 250 -7.60 -29.33 1.58
N ASP C 251 -8.77 -28.78 1.25
CA ASP C 251 -9.64 -28.16 2.24
C ASP C 251 -9.95 -29.15 3.36
N GLY C 252 -9.80 -28.68 4.61
CA GLY C 252 -10.08 -29.52 5.76
C GLY C 252 -8.85 -30.11 6.45
N SER C 253 -7.68 -29.84 5.89
CA SER C 253 -6.42 -30.33 6.46
C SER C 253 -6.04 -29.60 7.75
N SER C 254 -5.33 -30.30 8.63
CA SER C 254 -4.88 -29.73 9.89
C SER C 254 -3.80 -30.63 10.46
N SER C 255 -3.01 -30.10 11.38
CA SER C 255 -1.94 -30.86 11.98
C SER C 255 -1.67 -30.36 13.39
N PHE C 256 -0.96 -31.17 14.16
CA PHE C 256 -0.60 -30.80 15.51
C PHE C 256 0.79 -31.35 15.79
N THR C 257 1.58 -30.56 16.50
CA THR C 257 2.94 -30.93 16.83
C THR C 257 3.12 -31.07 18.33
N GLU C 258 3.89 -32.09 18.71
CA GLU C 258 4.18 -32.35 20.12
C GLU C 258 5.63 -32.81 20.27
N LYS C 265 8.84 -32.56 19.52
CA LYS C 265 8.25 -32.04 18.26
C LYS C 265 8.13 -33.10 17.17
N ILE C 266 6.97 -33.74 17.15
CA ILE C 266 6.62 -34.75 16.15
C ILE C 266 5.38 -34.14 15.54
N ASN C 267 5.41 -33.96 14.23
CA ASN C 267 4.30 -33.34 13.53
C ASN C 267 3.33 -34.37 12.99
N TYR C 268 2.07 -34.20 13.35
CA TYR C 268 1.03 -35.12 12.90
C TYR C 268 0.03 -34.42 12.03
N ALA C 269 -0.18 -34.98 10.84
CA ALA C 269 -1.15 -34.44 9.91
C ALA C 269 -2.48 -35.17 10.17
N ASN C 270 -3.45 -34.45 10.72
CA ASN C 270 -4.75 -35.05 11.00
C ASN C 270 -5.43 -35.51 9.72
N LYS C 271 -6.47 -36.33 9.88
CA LYS C 271 -7.21 -36.82 8.73
C LYS C 271 -8.01 -35.61 8.23
N VAL C 272 -7.98 -35.39 6.92
CA VAL C 272 -8.67 -34.26 6.30
C VAL C 272 -10.19 -34.37 6.42
N ILE C 273 -10.82 -33.35 7.00
CA ILE C 273 -12.29 -33.34 7.10
C ILE C 273 -12.69 -32.64 5.78
N ASN C 274 -12.65 -33.44 4.72
CA ASN C 274 -12.88 -33.02 3.35
C ASN C 274 -14.21 -32.41 2.90
N ASN C 275 -14.19 -31.93 1.66
CA ASN C 275 -15.35 -31.30 1.03
C ASN C 275 -15.98 -32.21 -0.02
N ASN C 276 -15.85 -33.52 0.15
CA ASN C 276 -16.43 -34.48 -0.77
C ASN C 276 -17.94 -34.30 -0.67
N GLY C 277 -18.58 -34.24 -1.83
CA GLY C 277 -20.02 -34.07 -1.90
C GLY C 277 -20.32 -33.34 -3.19
N ASN C 278 -21.44 -32.64 -3.24
CA ASN C 278 -21.79 -31.90 -4.44
C ASN C 278 -22.56 -30.63 -4.11
N MET C 279 -22.60 -29.71 -5.07
CA MET C 279 -23.34 -28.47 -4.89
C MET C 279 -24.24 -28.21 -6.09
N TRP C 280 -25.43 -27.73 -5.78
CA TRP C 280 -26.43 -27.39 -6.78
C TRP C 280 -26.80 -25.95 -6.52
N ARG C 281 -26.73 -25.12 -7.55
CA ARG C 281 -27.10 -23.72 -7.44
C ARG C 281 -28.04 -23.40 -8.61
N ILE C 282 -29.24 -22.94 -8.29
CA ILE C 282 -30.21 -22.56 -9.31
C ILE C 282 -30.46 -21.12 -8.96
N LEU C 283 -30.08 -20.25 -9.88
CA LEU C 283 -30.15 -18.82 -9.67
C LEU C 283 -30.89 -18.12 -10.77
N ASP C 284 -31.63 -17.09 -10.39
CA ASP C 284 -32.30 -16.25 -11.36
C ASP C 284 -32.29 -14.83 -10.84
N HIS C 285 -31.69 -13.93 -11.62
CA HIS C 285 -31.60 -12.52 -11.26
C HIS C 285 -31.77 -11.63 -12.49
N GLY C 286 -32.10 -10.38 -12.26
CA GLY C 286 -32.26 -9.48 -13.38
C GLY C 286 -32.42 -8.04 -12.96
N ALA C 287 -32.50 -7.18 -13.97
CA ALA C 287 -32.65 -5.75 -13.78
C ALA C 287 -33.48 -5.32 -14.97
N ILE C 288 -34.64 -4.72 -14.72
CA ILE C 288 -35.52 -4.31 -15.79
C ILE C 288 -36.17 -2.96 -15.48
N SER C 289 -36.76 -2.34 -16.50
CA SER C 289 -37.46 -1.06 -16.34
C SER C 289 -38.95 -1.29 -16.50
N LEU C 290 -39.72 -0.86 -15.52
CA LEU C 290 -41.18 -0.99 -15.58
C LEU C 290 -41.75 0.40 -15.86
N GLY C 291 -41.67 0.83 -17.11
CA GLY C 291 -42.19 2.14 -17.45
C GLY C 291 -41.16 3.25 -17.30
N ASP C 292 -41.64 4.47 -17.15
CA ASP C 292 -40.78 5.63 -17.04
C ASP C 292 -40.25 5.91 -15.66
N LYS C 293 -41.02 5.57 -14.65
CA LYS C 293 -40.65 5.87 -13.28
C LYS C 293 -40.09 4.75 -12.43
N TRP C 294 -40.11 3.52 -12.94
CA TRP C 294 -39.67 2.38 -12.16
C TRP C 294 -38.60 1.52 -12.75
N ASP C 295 -37.63 1.19 -11.92
CA ASP C 295 -36.58 0.25 -12.30
C ASP C 295 -36.66 -0.83 -11.24
N LEU C 296 -36.23 -2.03 -11.58
CA LEU C 296 -36.30 -3.14 -10.64
C LEU C 296 -35.18 -4.16 -10.75
N MET C 297 -34.55 -4.46 -9.63
CA MET C 297 -33.50 -5.49 -9.55
C MET C 297 -34.11 -6.60 -8.68
N TYR C 298 -33.81 -7.84 -8.99
CA TYR C 298 -34.36 -8.95 -8.22
C TYR C 298 -33.44 -10.16 -8.25
N VAL C 299 -33.56 -11.00 -7.22
CA VAL C 299 -32.77 -12.23 -7.08
C VAL C 299 -33.64 -13.31 -6.49
N GLY C 300 -33.33 -14.53 -6.89
CA GLY C 300 -34.02 -15.69 -6.37
C GLY C 300 -32.98 -16.77 -6.50
N MET C 301 -32.55 -17.35 -5.39
CA MET C 301 -31.53 -18.41 -5.44
C MET C 301 -31.70 -19.53 -4.43
N TYR C 302 -31.39 -20.74 -4.91
CA TYR C 302 -31.43 -21.94 -4.10
C TYR C 302 -30.05 -22.56 -4.26
N GLN C 303 -29.35 -22.74 -3.15
CA GLN C 303 -28.04 -23.34 -3.19
C GLN C 303 -28.00 -24.45 -2.15
N ASN C 304 -27.53 -25.63 -2.56
CA ASN C 304 -27.45 -26.76 -1.66
C ASN C 304 -26.09 -27.39 -1.71
N ILE C 305 -25.36 -27.26 -0.61
CA ILE C 305 -24.03 -27.88 -0.50
C ILE C 305 -24.25 -29.16 0.32
N ASP C 306 -24.24 -30.27 -0.40
CA ASP C 306 -24.45 -31.58 0.19
C ASP C 306 -23.11 -32.30 0.38
N TRP C 307 -22.57 -32.21 1.59
CA TRP C 307 -21.32 -32.86 1.87
C TRP C 307 -21.56 -34.24 2.44
N ASP C 308 -20.78 -35.19 1.98
CA ASP C 308 -20.92 -36.57 2.45
C ASP C 308 -20.87 -36.61 3.96
N ASN C 309 -20.01 -35.79 4.53
CA ASN C 309 -19.85 -35.72 5.98
C ASN C 309 -21.01 -35.03 6.69
N ASN C 310 -21.99 -34.55 5.92
CA ASN C 310 -23.16 -33.87 6.46
C ASN C 310 -22.93 -32.53 7.17
N LEU C 311 -21.85 -31.82 6.85
CA LEU C 311 -21.57 -30.51 7.46
C LEU C 311 -21.99 -29.32 6.56
N GLY C 312 -22.70 -29.60 5.47
CA GLY C 312 -23.14 -28.58 4.53
C GLY C 312 -24.30 -27.70 4.95
N THR C 313 -24.89 -27.00 3.97
CA THR C 313 -26.02 -26.10 4.19
C THR C 313 -26.95 -26.06 2.97
N GLU C 314 -28.22 -25.73 3.22
CA GLU C 314 -29.23 -25.60 2.17
C GLU C 314 -29.72 -24.15 2.34
N TRP C 315 -29.50 -23.34 1.30
CA TRP C 315 -29.80 -21.92 1.37
C TRP C 315 -30.77 -21.41 0.31
N TRP C 316 -31.74 -20.61 0.78
CA TRP C 316 -32.78 -19.97 -0.03
C TRP C 316 -32.63 -18.50 0.22
N THR C 317 -32.60 -17.71 -0.85
CA THR C 317 -32.51 -16.26 -0.71
C THR C 317 -33.36 -15.62 -1.79
N VAL C 318 -34.15 -14.63 -1.40
CA VAL C 318 -35.02 -13.93 -2.33
C VAL C 318 -35.03 -12.46 -1.98
N GLY C 319 -34.96 -11.62 -3.00
CA GLY C 319 -34.94 -10.21 -2.73
C GLY C 319 -35.41 -9.40 -3.90
N VAL C 320 -35.77 -8.16 -3.62
CA VAL C 320 -36.27 -7.30 -4.64
C VAL C 320 -35.85 -5.85 -4.31
N ARG C 321 -35.51 -5.08 -5.34
CA ARG C 321 -35.07 -3.70 -5.14
C ARG C 321 -35.68 -2.76 -6.17
N PRO C 322 -36.87 -2.22 -5.89
CA PRO C 322 -37.51 -1.30 -6.83
C PRO C 322 -36.96 0.11 -6.66
N MET C 323 -36.91 0.84 -7.78
CA MET C 323 -36.43 2.21 -7.77
C MET C 323 -37.49 3.09 -8.40
N TYR C 324 -37.89 4.13 -7.68
CA TYR C 324 -38.87 5.08 -8.17
C TYR C 324 -38.14 6.36 -8.50
N LYS C 325 -38.31 6.84 -9.73
CA LYS C 325 -37.62 8.03 -10.18
C LYS C 325 -38.40 9.30 -10.03
N TRP C 326 -38.12 10.07 -8.98
CA TRP C 326 -38.83 11.31 -8.77
C TRP C 326 -38.46 12.28 -9.87
N THR C 327 -37.17 12.38 -10.15
CA THR C 327 -36.64 13.23 -11.19
C THR C 327 -35.54 12.39 -11.79
N PRO C 328 -34.89 12.88 -12.85
CA PRO C 328 -33.82 12.09 -13.47
C PRO C 328 -32.61 11.81 -12.57
N ILE C 329 -32.37 12.68 -11.58
CA ILE C 329 -31.24 12.49 -10.68
C ILE C 329 -31.62 12.15 -9.24
N MET C 330 -32.90 12.09 -8.93
CA MET C 330 -33.29 11.77 -7.57
C MET C 330 -34.31 10.66 -7.55
N SER C 331 -34.13 9.72 -6.63
CA SER C 331 -35.05 8.60 -6.54
C SER C 331 -35.13 8.05 -5.15
N THR C 332 -36.09 7.15 -4.96
CA THR C 332 -36.27 6.48 -3.69
C THR C 332 -36.11 5.00 -3.99
N LEU C 333 -35.30 4.33 -3.18
CA LEU C 333 -35.08 2.90 -3.36
C LEU C 333 -35.56 2.13 -2.16
N LEU C 334 -36.04 0.94 -2.42
CA LEU C 334 -36.49 0.07 -1.35
C LEU C 334 -35.87 -1.26 -1.65
N GLU C 335 -35.37 -1.94 -0.63
CA GLU C 335 -34.79 -3.25 -0.84
C GLU C 335 -35.31 -4.17 0.23
N VAL C 336 -35.87 -5.29 -0.18
CA VAL C 336 -36.37 -6.27 0.76
C VAL C 336 -35.71 -7.59 0.41
N GLY C 337 -35.03 -8.20 1.39
CA GLY C 337 -34.36 -9.45 1.16
C GLY C 337 -34.60 -10.45 2.28
N TYR C 338 -34.69 -11.72 1.90
CA TYR C 338 -34.96 -12.80 2.83
C TYR C 338 -34.00 -13.95 2.62
N ASP C 339 -33.44 -14.43 3.73
CA ASP C 339 -32.50 -15.54 3.72
C ASP C 339 -32.98 -16.64 4.64
N ASN C 340 -32.85 -17.87 4.19
CA ASN C 340 -33.22 -19.00 5.02
C ASN C 340 -32.15 -20.06 4.79
N VAL C 341 -31.38 -20.36 5.85
CA VAL C 341 -30.32 -21.36 5.78
C VAL C 341 -30.57 -22.54 6.74
N LYS C 342 -30.51 -23.76 6.20
CA LYS C 342 -30.70 -24.97 6.99
C LYS C 342 -29.36 -25.69 7.14
N SER C 343 -28.99 -26.02 8.37
CA SER C 343 -27.75 -26.73 8.64
C SER C 343 -27.92 -28.18 8.22
N GLN C 344 -27.05 -28.69 7.36
CA GLN C 344 -27.17 -30.07 6.94
C GLN C 344 -26.94 -30.97 8.14
N GLN C 345 -26.03 -30.54 9.01
CA GLN C 345 -25.65 -31.27 10.21
C GLN C 345 -26.76 -31.40 11.25
N THR C 346 -27.27 -30.27 11.74
CA THR C 346 -28.30 -30.31 12.78
C THR C 346 -29.73 -30.27 12.27
N GLY C 347 -29.93 -29.85 11.03
CA GLY C 347 -31.28 -29.78 10.50
C GLY C 347 -32.05 -28.53 10.89
N ASP C 348 -31.47 -27.68 11.71
CA ASP C 348 -32.11 -26.45 12.13
C ASP C 348 -32.05 -25.38 11.04
N ARG C 349 -32.90 -24.37 11.15
CA ARG C 349 -32.92 -23.29 10.17
C ARG C 349 -32.71 -21.92 10.76
N ASN C 350 -32.00 -21.09 10.02
CA ASN C 350 -31.73 -19.71 10.42
C ASN C 350 -32.41 -18.87 9.35
N ASN C 351 -33.01 -17.77 9.77
CA ASN C 351 -33.63 -16.90 8.80
C ASN C 351 -33.54 -15.43 9.20
N GLN C 352 -33.57 -14.58 8.18
CA GLN C 352 -33.49 -13.14 8.36
C GLN C 352 -34.17 -12.46 7.20
N TYR C 353 -34.77 -11.32 7.49
CA TYR C 353 -35.35 -10.52 6.45
C TYR C 353 -34.95 -9.11 6.79
N LYS C 354 -34.60 -8.35 5.77
CA LYS C 354 -34.19 -6.98 6.00
C LYS C 354 -34.92 -6.08 5.02
N ILE C 355 -35.29 -4.90 5.49
CA ILE C 355 -36.01 -3.91 4.68
C ILE C 355 -35.18 -2.63 4.72
N THR C 356 -34.83 -2.09 3.55
CA THR C 356 -34.07 -0.85 3.50
C THR C 356 -34.80 0.17 2.64
N LEU C 357 -34.84 1.40 3.14
CA LEU C 357 -35.49 2.50 2.45
C LEU C 357 -34.37 3.55 2.29
N ALA C 358 -34.13 4.00 1.06
CA ALA C 358 -33.08 4.99 0.83
C ALA C 358 -33.50 6.08 -0.17
N GLN C 359 -33.06 7.29 0.11
CA GLN C 359 -33.31 8.42 -0.77
C GLN C 359 -31.97 8.57 -1.48
N GLN C 360 -32.00 8.72 -2.80
CA GLN C 360 -30.76 8.76 -3.54
C GLN C 360 -30.67 9.82 -4.64
N TRP C 361 -29.45 10.28 -4.87
CA TRP C 361 -29.12 11.25 -5.94
C TRP C 361 -28.07 10.50 -6.75
N GLN C 362 -28.34 10.26 -8.03
CA GLN C 362 -27.39 9.53 -8.84
C GLN C 362 -27.14 10.17 -10.19
N ALA C 363 -25.98 9.87 -10.77
CA ALA C 363 -25.56 10.42 -12.05
C ALA C 363 -26.24 9.69 -13.19
N GLY C 364 -27.54 9.89 -13.34
CA GLY C 364 -28.28 9.23 -14.38
C GLY C 364 -29.62 8.79 -13.85
N ASP C 365 -30.46 8.20 -14.70
CA ASP C 365 -31.78 7.76 -14.30
C ASP C 365 -31.94 6.24 -14.28
N SER C 366 -30.85 5.52 -14.16
CA SER C 366 -30.92 4.08 -14.16
C SER C 366 -30.62 3.53 -12.77
N ILE C 367 -31.13 2.34 -12.51
CA ILE C 367 -30.88 1.70 -11.23
C ILE C 367 -29.39 1.35 -11.21
N TRP C 368 -28.76 1.40 -12.39
CA TRP C 368 -27.35 1.13 -12.56
C TRP C 368 -26.48 2.38 -12.61
N SER C 369 -27.07 3.57 -12.56
CA SER C 369 -26.29 4.80 -12.63
C SER C 369 -25.46 5.04 -11.37
N ARG C 370 -24.17 5.34 -11.56
CA ARG C 370 -23.24 5.64 -10.48
C ARG C 370 -22.43 6.83 -10.96
N PRO C 371 -21.93 7.68 -10.04
CA PRO C 371 -22.04 7.64 -8.57
C PRO C 371 -23.45 7.82 -8.04
N ALA C 372 -23.64 7.45 -6.77
CA ALA C 372 -24.91 7.57 -6.10
C ALA C 372 -24.60 7.97 -4.68
N ILE C 373 -25.40 8.88 -4.14
CA ILE C 373 -25.26 9.33 -2.77
C ILE C 373 -26.57 8.98 -2.13
N ARG C 374 -26.50 8.18 -1.07
CA ARG C 374 -27.68 7.69 -0.41
C ARG C 374 -27.80 8.07 1.03
N ILE C 375 -29.03 8.19 1.49
CA ILE C 375 -29.32 8.41 2.89
C ILE C 375 -30.35 7.29 3.11
N PHE C 376 -30.11 6.43 4.09
CA PHE C 376 -30.98 5.27 4.28
C PHE C 376 -31.34 4.97 5.72
N ALA C 377 -32.23 3.98 5.85
CA ALA C 377 -32.70 3.46 7.12
C ALA C 377 -32.93 1.98 6.84
N THR C 378 -32.32 1.12 7.64
CA THR C 378 -32.41 -0.33 7.49
C THR C 378 -32.93 -0.99 8.75
N TYR C 379 -33.77 -1.99 8.56
CA TYR C 379 -34.33 -2.76 9.65
C TYR C 379 -34.09 -4.21 9.32
N ALA C 380 -33.56 -4.97 10.28
CA ALA C 380 -33.32 -6.39 10.07
C ALA C 380 -33.87 -7.14 11.28
N LYS C 381 -34.53 -8.26 11.03
CA LYS C 381 -35.10 -9.11 12.06
C LYS C 381 -34.63 -10.51 11.73
N TRP C 382 -34.12 -11.22 12.72
CA TRP C 382 -33.63 -12.56 12.47
C TRP C 382 -33.97 -13.51 13.59
N ASP C 383 -33.99 -14.78 13.23
CA ASP C 383 -34.28 -15.87 14.15
C ASP C 383 -33.34 -17.02 13.78
N GLU C 384 -32.21 -17.09 14.48
CA GLU C 384 -31.23 -18.13 14.20
C GLU C 384 -31.26 -19.25 15.24
N LYS C 385 -31.62 -20.45 14.78
CA LYS C 385 -31.72 -21.62 15.64
C LYS C 385 -30.41 -22.39 15.76
N TRP C 386 -29.43 -22.05 14.94
CA TRP C 386 -28.14 -22.73 14.99
C TRP C 386 -27.00 -21.77 14.64
N GLY C 387 -25.78 -22.18 14.95
CA GLY C 387 -24.62 -21.37 14.65
C GLY C 387 -23.43 -22.31 14.62
N TYR C 388 -22.30 -21.87 14.10
CA TYR C 388 -21.11 -22.70 14.06
C TYR C 388 -20.47 -22.65 15.43
N ILE C 389 -20.05 -23.80 15.91
CA ILE C 389 -19.43 -23.90 17.21
C ILE C 389 -18.21 -23.01 17.28
N LYS C 390 -18.32 -22.00 18.12
CA LYS C 390 -17.26 -21.05 18.32
C LYS C 390 -16.27 -21.66 19.28
N ASP C 391 -15.19 -22.21 18.73
CA ASP C 391 -14.14 -22.85 19.52
C ASP C 391 -13.23 -21.76 20.09
N GLY C 392 -13.71 -21.11 21.15
CA GLY C 392 -12.96 -20.04 21.78
C GLY C 392 -13.11 -18.75 20.99
N ASP C 393 -12.24 -18.57 20.01
CA ASP C 393 -12.28 -17.36 19.17
C ASP C 393 -12.50 -17.77 17.72
N ASN C 394 -11.96 -18.92 17.35
CA ASN C 394 -12.07 -19.44 15.99
C ASN C 394 -13.42 -20.15 15.80
N ILE C 395 -13.99 -20.03 14.61
CA ILE C 395 -15.27 -20.67 14.30
C ILE C 395 -15.00 -22.04 13.67
N SER C 396 -15.72 -23.05 14.16
CA SER C 396 -15.57 -24.43 13.70
C SER C 396 -16.46 -24.75 12.49
N ARG C 397 -16.18 -25.89 11.85
CA ARG C 397 -16.96 -26.38 10.71
C ARG C 397 -18.23 -27.05 11.20
N TYR C 398 -18.25 -27.35 12.50
CA TYR C 398 -19.36 -28.01 13.14
C TYR C 398 -20.38 -27.01 13.68
N ALA C 399 -21.65 -27.39 13.61
CA ALA C 399 -22.73 -26.53 14.06
C ALA C 399 -23.37 -27.11 15.30
N ALA C 400 -24.12 -26.29 16.02
CA ALA C 400 -24.81 -26.70 17.23
C ALA C 400 -26.03 -25.81 17.39
N ALA C 401 -27.13 -26.35 17.89
CA ALA C 401 -28.34 -25.56 18.06
C ALA C 401 -28.06 -24.48 19.08
N THR C 402 -28.65 -23.31 18.85
CA THR C 402 -28.48 -22.17 19.73
C THR C 402 -28.73 -22.55 21.19
N ASN C 403 -29.80 -23.33 21.40
CA ASN C 403 -30.19 -23.78 22.74
C ASN C 403 -29.24 -24.76 23.43
N SER C 404 -28.68 -25.70 22.69
CA SER C 404 -27.74 -26.65 23.27
C SER C 404 -26.69 -25.75 23.86
N GLY C 405 -26.40 -25.91 25.15
CA GLY C 405 -25.44 -25.06 25.82
C GLY C 405 -24.09 -24.80 25.16
N ILE C 406 -23.88 -25.32 23.96
CA ILE C 406 -22.62 -25.13 23.25
C ILE C 406 -22.50 -23.71 22.70
N SER C 407 -21.29 -23.18 22.79
CA SER C 407 -20.97 -21.84 22.32
C SER C 407 -20.84 -21.80 20.79
N THR C 408 -21.79 -21.15 20.14
CA THR C 408 -21.82 -21.02 18.68
C THR C 408 -21.81 -19.53 18.33
N ASN C 409 -21.72 -19.22 17.05
CA ASN C 409 -21.72 -17.84 16.62
C ASN C 409 -23.12 -17.37 16.20
N SER C 410 -24.13 -18.08 16.65
CA SER C 410 -25.52 -17.75 16.37
C SER C 410 -25.88 -16.38 16.96
N ARG C 411 -26.66 -15.60 16.21
CA ARG C 411 -27.08 -14.27 16.64
C ARG C 411 -28.40 -14.30 17.41
N GLY C 412 -28.96 -15.49 17.58
CA GLY C 412 -30.21 -15.61 18.31
C GLY C 412 -31.44 -15.12 17.61
N ASP C 413 -32.38 -14.62 18.40
CA ASP C 413 -33.63 -14.10 17.88
C ASP C 413 -33.63 -12.64 18.28
N SER C 414 -33.60 -11.74 17.29
CA SER C 414 -33.58 -10.34 17.60
C SER C 414 -33.81 -9.54 16.34
N ASP C 415 -33.68 -8.22 16.47
CA ASP C 415 -33.81 -7.28 15.37
C ASP C 415 -33.00 -6.02 15.66
N GLU C 416 -32.83 -5.17 14.67
CA GLU C 416 -32.07 -3.94 14.84
C GLU C 416 -32.37 -3.06 13.65
N TRP C 417 -32.04 -1.79 13.77
CA TRP C 417 -32.23 -0.86 12.68
C TRP C 417 -31.02 0.07 12.66
N THR C 418 -30.61 0.50 11.47
CA THR C 418 -29.47 1.38 11.34
C THR C 418 -29.84 2.43 10.34
N PHE C 419 -29.03 3.48 10.25
CA PHE C 419 -29.29 4.55 9.31
C PHE C 419 -28.00 5.30 9.07
N GLY C 420 -27.92 6.01 7.95
CA GLY C 420 -26.72 6.77 7.65
C GLY C 420 -26.67 7.27 6.21
N ALA C 421 -25.48 7.66 5.76
CA ALA C 421 -25.25 8.16 4.40
C ALA C 421 -24.14 7.35 3.76
N GLN C 422 -24.16 7.23 2.46
CA GLN C 422 -23.13 6.45 1.78
C GLN C 422 -23.04 6.84 0.30
N MET C 423 -21.87 6.64 -0.29
CA MET C 423 -21.69 6.90 -1.70
C MET C 423 -21.18 5.60 -2.31
N GLU C 424 -21.53 5.33 -3.56
CA GLU C 424 -21.03 4.15 -4.25
C GLU C 424 -20.75 4.60 -5.68
N ILE C 425 -19.67 4.11 -6.28
CA ILE C 425 -19.36 4.53 -7.63
C ILE C 425 -18.45 3.55 -8.34
N TRP C 426 -18.65 3.42 -9.65
CA TRP C 426 -17.74 2.61 -10.47
C TRP C 426 -17.50 3.54 -11.64
N TRP C 427 -16.29 3.56 -12.14
CA TRP C 427 -15.97 4.45 -13.23
C TRP C 427 -14.93 3.79 -14.12
C2 BGC D . 14.09 -5.35 -6.72
C3 BGC D . 14.10 -5.68 -8.21
C4 BGC D . 14.10 -4.36 -8.97
C5 BGC D . 15.30 -3.51 -8.56
C6 BGC D . 15.28 -2.14 -9.18
C1 BGC D . 15.36 -4.58 -6.42
O1 BGC D . 15.44 -4.33 -5.05
O2 BGC D . 14.03 -6.54 -5.95
O3 BGC D . 12.97 -6.47 -8.58
O4 BGC D . 14.15 -4.63 -10.39
O5 BGC D . 15.34 -3.33 -7.11
O6 BGC D . 13.96 -1.60 -9.17
C1 GLC D . 12.90 -4.61 -11.01
C2 GLC D . 12.86 -5.64 -12.10
C3 GLC D . 13.76 -5.20 -13.25
C4 GLC D . 13.32 -3.82 -13.71
C5 GLC D . 13.37 -2.84 -12.57
C6 GLC D . 12.83 -1.47 -12.96
O2 GLC D . 13.30 -6.89 -11.58
O3 GLC D . 13.67 -6.12 -14.33
O4 GLC D . 14.22 -3.38 -14.72
O5 GLC D . 12.55 -3.32 -11.50
O6 GLC D . 12.95 -0.55 -11.89
C1 GLC D . 13.72 -3.29 -16.00
C2 GLC D . 14.73 -3.89 -16.97
C3 GLC D . 15.97 -3.00 -17.04
C4 GLC D . 15.55 -1.57 -17.41
C5 GLC D . 14.51 -1.06 -16.40
C6 GLC D . 13.97 0.32 -16.78
O2 GLC D . 15.10 -5.18 -16.50
O3 GLC D . 16.88 -3.52 -18.01
O4 GLC D . 16.69 -0.72 -17.40
O5 GLC D . 13.39 -1.95 -16.34
O6 GLC D . 12.67 0.51 -16.24
C2 BGC E . -0.08 13.80 9.01
C3 BGC E . 0.52 15.07 8.45
C4 BGC E . -0.46 15.62 7.43
C5 BGC E . -1.82 15.89 8.07
C6 BGC E . -2.87 16.30 7.05
C1 BGC E . -1.36 14.20 9.72
O1 BGC E . -1.91 13.10 10.35
O2 BGC E . 0.82 13.19 9.92
O3 BGC E . 1.79 14.82 7.84
O4 BGC E . 0.07 16.83 6.87
O5 BGC E . -2.31 14.70 8.76
O6 BGC E . -2.76 15.56 5.83
C1 GLC E . 0.70 16.64 5.64
C2 GLC E . 1.86 17.58 5.53
C3 GLC E . 1.34 19.00 5.34
C4 GLC E . 0.40 19.04 4.15
C5 GLC E . -0.74 18.06 4.34
C6 GLC E . -1.63 17.98 3.10
O2 GLC E . 2.67 17.47 6.69
O3 GLC E . 2.42 19.91 5.12
O4 GLC E . -0.16 20.36 4.05
O5 GLC E . -0.20 16.75 4.55
O6 GLC E . -2.72 17.08 3.31
C1 GLC E . 0.28 21.10 2.96
C2 GLC E . 0.59 22.51 3.46
C3 GLC E . -0.71 23.21 3.87
C4 GLC E . -1.70 23.17 2.70
C5 GLC E . -1.93 21.73 2.26
C6 GLC E . -2.81 21.65 1.04
O2 GLC E . 1.46 22.42 4.58
O3 GLC E . -0.44 24.55 4.23
O4 GLC E . -2.94 23.75 3.09
O5 GLC E . -0.69 21.12 1.92
O6 GLC E . -2.53 20.47 0.28
C2 BGC F . -13.94 -8.61 -2.09
C3 BGC F . -15.18 -7.88 -2.59
C4 BGC F . -14.98 -7.61 -4.06
C5 BGC F . -14.75 -8.93 -4.82
C6 BGC F . -14.41 -8.71 -6.29
C1 BGC F . -13.87 -9.94 -2.83
O1 BGC F . -12.82 -10.71 -2.36
O2 BGC F . -14.02 -8.83 -0.68
O3 BGC F . -15.40 -6.67 -1.85
O4 BGC F . -16.13 -6.93 -4.58
O5 BGC F . -13.68 -9.70 -4.23
O6 BGC F . -13.59 -7.56 -6.48
C1 GLC F . -16.00 -5.56 -4.65
C2 GLC F . -17.33 -4.91 -4.35
C3 GLC F . -18.28 -5.13 -5.53
C4 GLC F . -17.64 -4.65 -6.82
C5 GLC F . -16.31 -5.32 -7.02
C6 GLC F . -15.57 -4.80 -8.23
O2 GLC F . -17.86 -5.47 -3.15
O3 GLC F . -19.49 -4.42 -5.32
O4 GLC F . -18.49 -4.99 -7.91
O5 GLC F . -15.46 -5.10 -5.88
O6 GLC F . -14.33 -5.45 -8.39
C1 GLC F . -19.14 -3.92 -8.52
C2 GLC F . -20.58 -4.30 -8.72
C3 GLC F . -20.71 -5.38 -9.77
C4 GLC F . -20.01 -4.95 -11.05
C5 GLC F . -18.57 -4.59 -10.75
C6 GLC F . -17.85 -4.04 -11.98
O2 GLC F . -21.10 -4.78 -7.48
O3 GLC F . -22.08 -5.65 -10.04
O4 GLC F . -20.06 -6.00 -12.00
O5 GLC F . -18.51 -3.57 -9.74
O6 GLC F . -16.78 -3.19 -11.60
CA CA G . 1.55 -4.41 6.64
#